data_4GR4
#
_entry.id   4GR4
#
_cell.length_a   88.110
_cell.length_b   148.610
_cell.length_c   109.580
_cell.angle_alpha   90.00
_cell.angle_beta   113.34
_cell.angle_gamma   90.00
#
_symmetry.space_group_name_H-M   'P 1 21 1'
#
loop_
_entity.id
_entity.type
_entity.pdbx_description
1 polymer 'Non-ribosomal peptide synthetase'
2 non-polymer 'CHLORIDE ION'
3 water water
#
_entity_poly.entity_id   1
_entity_poly.type   'polypeptide(L)'
_entity_poly.pdbx_seq_one_letter_code
;GSHMSNPFEEYDGGHVVLTDALGRHSLWPAGIAVPAGWSVRHGTDSREGCLAHIEHHWTDLRPTGPAVERAPAGACVHEL
FEAQAARAPDAVALLHEADELTYGALNERANRLAHRLVGLGVAPGTLVGVHLERGFDMVVALLAVLKAGGGYTMLDPQFP
VERLALSLEDTGAPLLVTSRPLSGRLTGTTTLYVEDEAASDAPAGNLATGVGPEDVACVMFTSGSTGRPKGVMSPHRALT
GTYLGQDYAGFGPDEVFLQCSPVSWDAFGLELFGALLFGARCVLQSGQNPDPLEIGELVARHGVTMLQLSASLFNFLVDE
VPEAFEGVRYAITGGEPASVPHVAKARRDHPALRLGNGYGPAESMGFTTHHAVVAGDLSGTALPIGVPLAGKRAYVLDDD
LKPAANGALGELYVAGAGLAHGYVSRPALTAERFVADPFAGPGGERMYRTGDLARRRADGVLEYVGRAD
;
_entity_poly.pdbx_strand_id   A,B,C,D
#
# COMPACT_ATOMS: atom_id res chain seq x y z
N MET A 4 0.15 35.03 -37.47
CA MET A 4 0.89 34.32 -38.52
C MET A 4 0.22 32.99 -38.99
N SER A 5 0.73 32.37 -40.10
CA SER A 5 0.20 31.14 -40.71
C SER A 5 1.32 30.25 -41.32
N ASN A 6 1.77 29.25 -40.55
CA ASN A 6 2.86 28.31 -40.87
C ASN A 6 2.62 27.43 -42.10
N PRO A 7 3.61 27.32 -43.03
CA PRO A 7 3.38 26.52 -44.25
C PRO A 7 3.39 25.00 -44.10
N PHE A 8 3.92 24.48 -42.95
CA PHE A 8 3.97 23.05 -42.63
C PHE A 8 2.66 22.57 -42.02
N GLU A 9 1.78 23.52 -41.65
CA GLU A 9 0.46 23.22 -41.09
C GLU A 9 -0.64 23.47 -42.10
N GLU A 10 -0.55 24.57 -42.86
CA GLU A 10 -1.54 24.96 -43.85
C GLU A 10 -0.85 25.61 -45.06
N TYR A 11 -0.99 24.94 -46.23
CA TYR A 11 -0.42 25.40 -47.51
C TYR A 11 -1.34 25.08 -48.69
N ASP A 12 -1.66 26.13 -49.48
CA ASP A 12 -2.55 26.03 -50.63
C ASP A 12 -2.06 25.14 -51.78
N GLY A 13 -0.79 25.26 -52.13
CA GLY A 13 -0.18 24.48 -53.22
C GLY A 13 0.00 22.99 -52.99
N GLY A 14 -0.36 22.51 -51.80
CA GLY A 14 -0.21 21.12 -51.43
C GLY A 14 1.10 20.83 -50.72
N HIS A 15 1.39 19.55 -50.51
CA HIS A 15 2.59 19.15 -49.80
C HIS A 15 3.36 18.04 -50.50
N VAL A 16 4.63 17.90 -50.11
CA VAL A 16 5.54 16.89 -50.62
C VAL A 16 6.32 16.24 -49.46
N VAL A 17 6.85 15.03 -49.67
CA VAL A 17 7.67 14.33 -48.68
C VAL A 17 9.10 14.35 -49.20
N LEU A 18 10.03 14.91 -48.40
CA LEU A 18 11.45 15.00 -48.74
C LEU A 18 12.23 13.96 -47.96
N THR A 19 13.36 13.51 -48.54
CA THR A 19 14.27 12.57 -47.94
C THR A 19 15.68 13.12 -48.10
N ASP A 20 16.56 12.81 -47.15
CA ASP A 20 17.96 13.22 -47.22
C ASP A 20 18.82 11.94 -47.32
N ALA A 21 20.15 12.08 -47.44
CA ALA A 21 21.11 10.96 -47.55
C ALA A 21 21.07 10.00 -46.34
N LEU A 22 20.55 10.47 -45.19
CA LEU A 22 20.46 9.67 -43.96
C LEU A 22 19.10 9.06 -43.73
N GLY A 23 18.27 9.07 -44.77
CA GLY A 23 16.92 8.52 -44.79
C GLY A 23 15.91 9.22 -43.90
N ARG A 24 16.20 10.48 -43.49
CA ARG A 24 15.29 11.26 -42.68
C ARG A 24 14.22 11.82 -43.60
N HIS A 25 12.98 11.90 -43.09
CA HIS A 25 11.83 12.40 -43.85
C HIS A 25 11.47 13.79 -43.38
N SER A 26 11.07 14.64 -44.33
CA SER A 26 10.58 15.97 -44.02
C SER A 26 9.35 16.31 -44.85
N LEU A 27 8.35 16.89 -44.19
CA LEU A 27 7.18 17.42 -44.84
C LEU A 27 7.67 18.74 -45.47
N TRP A 28 7.19 19.07 -46.66
CA TRP A 28 7.59 20.30 -47.32
C TRP A 28 6.46 20.86 -48.16
N PRO A 29 6.28 22.21 -48.14
CA PRO A 29 5.23 22.81 -48.99
C PRO A 29 5.63 22.68 -50.46
N ALA A 30 4.71 22.13 -51.29
CA ALA A 30 4.94 21.89 -52.72
C ALA A 30 5.47 23.12 -53.53
N GLY A 31 5.00 24.33 -53.21
CA GLY A 31 5.43 25.52 -53.92
C GLY A 31 6.75 26.17 -53.50
N ILE A 32 7.37 25.68 -52.43
CA ILE A 32 8.63 26.24 -51.95
C ILE A 32 9.74 25.31 -52.45
N ALA A 33 10.79 25.89 -53.03
CA ALA A 33 11.95 25.18 -53.60
C ALA A 33 12.55 24.15 -52.65
N VAL A 34 12.90 22.99 -53.20
CA VAL A 34 13.49 21.87 -52.45
C VAL A 34 14.91 22.23 -51.99
N PRO A 35 15.20 22.27 -50.67
CA PRO A 35 16.54 22.61 -50.22
C PRO A 35 17.61 21.62 -50.71
N ALA A 36 18.85 22.08 -50.80
CA ALA A 36 19.96 21.23 -51.21
C ALA A 36 20.18 20.10 -50.20
N GLY A 37 20.46 18.90 -50.73
CA GLY A 37 20.70 17.68 -49.95
C GLY A 37 19.44 16.89 -49.66
N TRP A 38 18.33 17.33 -50.27
CA TRP A 38 16.99 16.77 -50.10
C TRP A 38 16.35 16.45 -51.46
N SER A 39 15.60 15.37 -51.55
CA SER A 39 14.91 14.95 -52.77
C SER A 39 13.46 14.50 -52.47
N VAL A 40 12.53 14.81 -53.40
CA VAL A 40 11.12 14.43 -53.29
C VAL A 40 10.95 12.89 -53.35
N ARG A 41 10.40 12.30 -52.28
CA ARG A 41 10.13 10.87 -52.15
C ARG A 41 8.64 10.56 -52.43
N HIS A 42 7.74 11.51 -52.14
CA HIS A 42 6.30 11.34 -52.35
C HIS A 42 5.73 12.64 -52.91
N GLY A 43 5.27 12.55 -54.17
CA GLY A 43 4.75 13.61 -55.04
C GLY A 43 3.68 14.48 -54.44
N THR A 44 3.31 15.59 -55.15
CA THR A 44 2.31 16.54 -54.64
C THR A 44 1.04 15.83 -54.17
N ASP A 45 0.71 16.01 -52.89
CA ASP A 45 -0.39 15.34 -52.21
C ASP A 45 -0.93 16.21 -51.06
N SER A 46 -2.00 15.73 -50.42
CA SER A 46 -2.60 16.36 -49.25
C SER A 46 -1.60 16.22 -48.09
N ARG A 47 -1.68 17.14 -47.12
CA ARG A 47 -0.83 17.14 -45.95
C ARG A 47 -0.99 15.79 -45.18
N GLU A 48 -2.26 15.28 -45.10
CA GLU A 48 -2.61 14.00 -44.46
C GLU A 48 -2.01 12.82 -45.23
N GLY A 49 -2.06 12.92 -46.57
CA GLY A 49 -1.50 11.91 -47.49
C GLY A 49 0.01 11.80 -47.40
N CYS A 50 0.67 12.95 -47.25
CA CYS A 50 2.11 13.05 -47.10
C CYS A 50 2.52 12.43 -45.77
N LEU A 51 1.84 12.85 -44.66
CA LEU A 51 2.04 12.37 -43.28
C LEU A 51 1.81 10.85 -43.15
N ALA A 52 0.82 10.30 -43.90
CA ALA A 52 0.51 8.87 -43.97
C ALA A 52 1.70 8.07 -44.55
N HIS A 53 2.25 8.53 -45.70
CA HIS A 53 3.43 7.95 -46.35
C HIS A 53 4.63 7.87 -45.34
N ILE A 54 4.89 8.97 -44.59
CA ILE A 54 5.95 9.06 -43.58
C ILE A 54 5.71 8.06 -42.43
N GLU A 55 4.46 8.02 -41.91
CA GLU A 55 4.06 7.11 -40.83
C GLU A 55 4.31 5.66 -41.26
N HIS A 56 4.11 5.35 -42.54
CA HIS A 56 4.33 4.02 -43.08
C HIS A 56 5.80 3.67 -43.41
N HIS A 57 6.50 4.54 -44.15
CA HIS A 57 7.88 4.31 -44.59
C HIS A 57 8.99 4.60 -43.60
N TRP A 58 8.87 5.66 -42.80
CA TRP A 58 9.89 6.02 -41.83
C TRP A 58 9.74 5.22 -40.52
N THR A 59 10.28 4.00 -40.53
CA THR A 59 10.22 3.07 -39.39
C THR A 59 11.29 3.31 -38.32
N ASP A 60 12.50 3.76 -38.74
CA ASP A 60 13.56 4.07 -37.79
C ASP A 60 14.10 5.49 -37.99
N LEU A 61 13.93 6.33 -36.94
CA LEU A 61 14.35 7.73 -36.90
C LEU A 61 15.86 7.90 -36.91
N ARG A 62 16.63 6.96 -36.30
CA ARG A 62 18.11 7.07 -36.27
C ARG A 62 18.70 7.16 -37.67
N PRO A 63 19.67 8.09 -37.89
CA PRO A 63 20.25 8.26 -39.23
C PRO A 63 20.93 6.99 -39.75
N THR A 64 20.52 6.58 -40.94
CA THR A 64 21.00 5.36 -41.59
C THR A 64 21.08 5.57 -43.08
N GLY A 65 22.28 5.88 -43.54
CA GLY A 65 22.58 6.07 -44.95
C GLY A 65 24.02 5.72 -45.26
N PRO A 66 24.60 6.23 -46.37
CA PRO A 66 26.02 5.93 -46.65
C PRO A 66 26.97 6.57 -45.62
N ALA A 67 28.17 6.00 -45.49
CA ALA A 67 29.19 6.49 -44.56
C ALA A 67 29.83 7.79 -45.07
N VAL A 68 29.98 8.76 -44.15
CA VAL A 68 30.58 10.10 -44.40
C VAL A 68 32.11 10.04 -44.57
N GLU A 69 32.68 11.05 -45.25
CA GLU A 69 34.12 11.21 -45.45
C GLU A 69 34.77 11.37 -44.06
N ARG A 70 34.50 12.51 -43.41
CA ARG A 70 34.97 12.87 -42.07
C ARG A 70 34.27 12.06 -40.97
N ALA A 71 35.07 11.17 -40.30
CA ALA A 71 34.67 10.30 -39.19
C ALA A 71 34.09 11.15 -38.03
N PRO A 72 33.04 10.66 -37.31
CA PRO A 72 32.44 11.51 -36.26
C PRO A 72 33.40 12.04 -35.20
N ALA A 73 33.35 13.37 -35.09
CA ALA A 73 34.11 14.21 -34.18
C ALA A 73 33.59 14.07 -32.77
N GLY A 74 34.53 14.10 -31.84
CA GLY A 74 34.20 14.09 -30.44
C GLY A 74 33.93 12.75 -29.83
N ALA A 75 34.07 12.76 -28.53
CA ALA A 75 33.90 11.74 -27.56
C ALA A 75 32.44 11.73 -27.11
N CYS A 76 32.01 10.61 -26.56
CA CYS A 76 30.68 10.46 -25.99
C CYS A 76 30.66 11.07 -24.57
N VAL A 77 29.46 11.16 -24.00
CA VAL A 77 29.21 11.73 -22.67
C VAL A 77 30.00 10.95 -21.59
N HIS A 78 29.85 9.63 -21.54
CA HIS A 78 30.51 8.76 -20.55
C HIS A 78 32.01 8.71 -20.70
N GLU A 79 32.53 8.87 -21.93
CA GLU A 79 33.99 8.85 -22.21
C GLU A 79 34.65 10.06 -21.58
N LEU A 80 33.98 11.24 -21.68
CA LEU A 80 34.46 12.50 -21.09
C LEU A 80 34.42 12.38 -19.58
N PHE A 81 33.34 11.73 -19.04
CA PHE A 81 33.20 11.43 -17.62
C PHE A 81 34.34 10.51 -17.15
N GLU A 82 34.62 9.43 -17.93
CA GLU A 82 35.68 8.45 -17.64
C GLU A 82 37.08 9.09 -17.54
N ALA A 83 37.38 10.07 -18.42
CA ALA A 83 38.66 10.79 -18.38
C ALA A 83 38.75 11.63 -17.08
N GLN A 84 37.59 12.17 -16.60
CA GLN A 84 37.54 12.94 -15.34
C GLN A 84 37.69 12.04 -14.10
N ALA A 85 37.13 10.80 -14.15
CA ALA A 85 37.26 9.80 -13.09
C ALA A 85 38.69 9.34 -13.03
N ALA A 86 39.36 9.19 -14.21
CA ALA A 86 40.75 8.77 -14.22
C ALA A 86 41.70 9.87 -13.69
N ARG A 87 41.46 11.13 -14.09
CA ARG A 87 42.28 12.28 -13.72
C ARG A 87 42.22 12.56 -12.21
N ALA A 88 41.01 12.59 -11.64
CA ALA A 88 40.87 12.86 -10.21
C ALA A 88 39.83 11.89 -9.57
N PRO A 89 40.18 10.62 -9.33
CA PRO A 89 39.21 9.67 -8.77
C PRO A 89 38.69 10.01 -7.39
N ASP A 90 39.52 10.69 -6.57
CA ASP A 90 39.17 11.04 -5.19
C ASP A 90 38.39 12.33 -5.02
N ALA A 91 38.22 13.07 -6.12
CA ALA A 91 37.47 14.31 -6.20
C ALA A 91 36.00 13.94 -6.07
N VAL A 92 35.24 14.74 -5.31
CA VAL A 92 33.79 14.57 -5.12
C VAL A 92 33.01 14.88 -6.41
N ALA A 93 32.17 13.93 -6.84
CA ALA A 93 31.31 14.04 -8.04
C ALA A 93 29.92 14.40 -7.62
N LEU A 94 29.35 13.64 -6.68
CA LEU A 94 27.98 13.83 -6.20
C LEU A 94 27.90 14.01 -4.70
N LEU A 95 26.92 14.84 -4.29
CA LEU A 95 26.56 15.14 -2.92
C LEU A 95 25.06 15.03 -2.84
N HIS A 96 24.58 14.25 -1.90
CA HIS A 96 23.15 14.05 -1.68
C HIS A 96 22.94 13.90 -0.21
N GLU A 97 22.18 14.82 0.35
CA GLU A 97 21.96 14.93 1.80
C GLU A 97 23.34 15.06 2.49
N ALA A 98 23.68 14.18 3.43
CA ALA A 98 24.97 14.20 4.14
C ALA A 98 26.01 13.25 3.50
N ASP A 99 25.67 12.67 2.35
CA ASP A 99 26.54 11.72 1.66
C ASP A 99 27.29 12.30 0.47
N GLU A 100 28.45 11.70 0.17
CA GLU A 100 29.34 12.08 -0.94
C GLU A 100 29.75 10.84 -1.73
N LEU A 101 29.90 10.99 -3.04
CA LEU A 101 30.31 9.94 -3.97
C LEU A 101 31.45 10.56 -4.80
N THR A 102 32.66 9.96 -4.70
CA THR A 102 33.80 10.45 -5.48
C THR A 102 33.62 10.08 -6.95
N TYR A 103 34.49 10.61 -7.83
CA TYR A 103 34.51 10.31 -9.27
C TYR A 103 34.82 8.83 -9.52
N GLY A 104 35.82 8.30 -8.80
CA GLY A 104 36.29 6.91 -8.90
C GLY A 104 35.22 5.91 -8.49
N ALA A 105 34.60 6.09 -7.28
CA ALA A 105 33.50 5.26 -6.76
C ALA A 105 32.28 5.29 -7.71
N LEU A 106 31.90 6.49 -8.21
CA LEU A 106 30.79 6.62 -9.16
C LEU A 106 31.05 5.80 -10.45
N ASN A 107 32.26 5.98 -11.03
CA ASN A 107 32.70 5.27 -12.25
C ASN A 107 32.71 3.78 -11.98
N GLU A 108 33.31 3.36 -10.85
CA GLU A 108 33.33 1.96 -10.45
C GLU A 108 31.91 1.34 -10.44
N ARG A 109 30.99 1.91 -9.63
CA ARG A 109 29.59 1.50 -9.50
C ARG A 109 28.86 1.42 -10.85
N ALA A 110 29.06 2.47 -11.71
CA ALA A 110 28.42 2.58 -13.01
C ALA A 110 28.96 1.52 -13.95
N ASN A 111 30.27 1.15 -13.85
CA ASN A 111 30.87 0.06 -14.66
C ASN A 111 30.30 -1.30 -14.28
N ARG A 112 30.16 -1.58 -12.96
CA ARG A 112 29.59 -2.84 -12.46
C ARG A 112 28.19 -3.05 -13.06
N LEU A 113 27.36 -2.00 -13.08
CA LEU A 113 26.00 -2.05 -13.58
C LEU A 113 25.98 -2.16 -15.09
N ALA A 114 26.92 -1.45 -15.79
CA ALA A 114 27.03 -1.46 -17.24
C ALA A 114 27.31 -2.87 -17.76
N HIS A 115 28.20 -3.62 -17.05
CA HIS A 115 28.54 -5.00 -17.39
C HIS A 115 27.33 -5.92 -17.27
N ARG A 116 26.50 -5.66 -16.27
CA ARG A 116 25.23 -6.37 -16.06
C ARG A 116 24.28 -6.07 -17.21
N LEU A 117 24.19 -4.81 -17.62
CA LEU A 117 23.34 -4.37 -18.73
C LEU A 117 23.72 -5.04 -20.04
N VAL A 118 25.04 -5.12 -20.36
CA VAL A 118 25.59 -5.78 -21.55
C VAL A 118 25.16 -7.26 -21.58
N GLY A 119 25.27 -7.93 -20.43
CA GLY A 119 24.84 -9.31 -20.24
C GLY A 119 23.35 -9.54 -20.46
N LEU A 120 22.54 -8.48 -20.28
CA LEU A 120 21.09 -8.51 -20.47
C LEU A 120 20.63 -8.05 -21.87
N GLY A 121 21.59 -7.75 -22.77
CA GLY A 121 21.29 -7.37 -24.15
C GLY A 121 21.42 -5.92 -24.53
N VAL A 122 21.97 -5.07 -23.65
CA VAL A 122 22.17 -3.66 -23.98
C VAL A 122 23.35 -3.50 -24.97
N ALA A 123 23.14 -2.64 -26.00
CA ALA A 123 24.09 -2.39 -27.07
C ALA A 123 23.72 -1.09 -27.74
N PRO A 124 24.58 -0.45 -28.59
CA PRO A 124 24.12 0.79 -29.31
C PRO A 124 22.84 0.50 -30.09
N GLY A 125 21.87 1.39 -29.96
CA GLY A 125 20.57 1.21 -30.59
C GLY A 125 19.53 0.70 -29.60
N THR A 126 19.95 0.38 -28.35
CA THR A 126 18.98 -0.08 -27.33
C THR A 126 18.69 0.99 -26.29
N LEU A 127 17.42 1.13 -25.91
CA LEU A 127 16.99 2.11 -24.92
C LEU A 127 16.66 1.43 -23.60
N VAL A 128 16.91 2.14 -22.49
CA VAL A 128 16.67 1.62 -21.15
C VAL A 128 15.91 2.68 -20.38
N GLY A 129 14.85 2.24 -19.68
CA GLY A 129 14.05 3.09 -18.80
C GLY A 129 14.73 3.14 -17.44
N VAL A 130 14.75 4.33 -16.81
CA VAL A 130 15.33 4.52 -15.49
C VAL A 130 14.24 5.13 -14.62
N HIS A 131 13.67 4.33 -13.73
CA HIS A 131 12.58 4.75 -12.85
C HIS A 131 13.14 4.79 -11.46
N LEU A 132 13.77 5.92 -11.15
CA LEU A 132 14.46 6.12 -9.87
C LEU A 132 14.24 7.53 -9.30
N GLU A 133 14.17 7.63 -7.95
CA GLU A 133 14.11 8.92 -7.24
C GLU A 133 15.52 9.59 -7.33
N ARG A 134 15.58 10.92 -7.16
CA ARG A 134 16.83 11.67 -7.21
C ARG A 134 17.80 11.21 -6.09
N GLY A 135 18.98 10.81 -6.51
CA GLY A 135 20.03 10.30 -5.62
C GLY A 135 21.16 9.70 -6.43
N PHE A 136 22.18 9.11 -5.74
CA PHE A 136 23.35 8.52 -6.40
C PHE A 136 22.98 7.43 -7.42
N ASP A 137 22.03 6.55 -7.06
CA ASP A 137 21.56 5.44 -7.91
C ASP A 137 21.09 5.86 -9.26
N MET A 138 20.35 7.00 -9.33
CA MET A 138 19.86 7.62 -10.57
C MET A 138 21.04 7.90 -11.53
N VAL A 139 22.17 8.44 -11.00
CA VAL A 139 23.35 8.75 -11.82
C VAL A 139 24.08 7.48 -12.28
N VAL A 140 24.29 6.55 -11.33
CA VAL A 140 24.91 5.27 -11.60
C VAL A 140 24.10 4.61 -12.74
N ALA A 141 22.78 4.62 -12.62
CA ALA A 141 21.90 4.01 -13.62
C ALA A 141 22.10 4.57 -15.02
N LEU A 142 21.93 5.86 -15.20
CA LEU A 142 22.08 6.46 -16.52
C LEU A 142 23.52 6.40 -17.07
N LEU A 143 24.54 6.57 -16.19
CA LEU A 143 25.91 6.45 -16.66
C LEU A 143 26.20 5.04 -17.14
N ALA A 144 25.66 4.03 -16.45
CA ALA A 144 25.83 2.63 -16.83
C ALA A 144 25.20 2.37 -18.18
N VAL A 145 23.99 2.96 -18.43
CA VAL A 145 23.27 2.82 -19.70
C VAL A 145 24.14 3.36 -20.83
N LEU A 146 24.72 4.56 -20.65
CA LEU A 146 25.59 5.21 -21.62
C LEU A 146 26.86 4.39 -21.85
N LYS A 147 27.49 3.92 -20.77
CA LYS A 147 28.70 3.08 -20.80
C LYS A 147 28.49 1.78 -21.60
N ALA A 148 27.26 1.19 -21.55
CA ALA A 148 26.85 -0.04 -22.25
C ALA A 148 26.49 0.22 -23.72
N GLY A 149 26.57 1.50 -24.12
CA GLY A 149 26.30 1.94 -25.47
C GLY A 149 24.84 2.28 -25.73
N GLY A 150 24.00 2.15 -24.72
CA GLY A 150 22.57 2.45 -24.87
C GLY A 150 22.19 3.90 -24.63
N GLY A 151 20.89 4.17 -24.72
CA GLY A 151 20.29 5.46 -24.45
C GLY A 151 19.32 5.31 -23.30
N TYR A 152 19.32 6.29 -22.38
CA TYR A 152 18.42 6.22 -21.21
C TYR A 152 17.21 7.11 -21.38
N THR A 153 16.16 6.80 -20.61
CA THR A 153 14.97 7.63 -20.51
C THR A 153 14.62 7.71 -19.03
N MET A 154 14.65 8.93 -18.51
CA MET A 154 14.32 9.19 -17.11
C MET A 154 12.83 9.12 -16.94
N LEU A 155 12.39 8.21 -16.06
CA LEU A 155 10.97 8.05 -15.76
C LEU A 155 10.79 8.63 -14.37
N ASP A 156 10.34 9.91 -14.33
CA ASP A 156 10.20 10.69 -13.11
C ASP A 156 9.14 10.07 -12.19
N PRO A 157 9.54 9.54 -11.00
CA PRO A 157 8.55 8.90 -10.11
C PRO A 157 7.43 9.79 -9.54
N GLN A 158 7.48 11.13 -9.73
CA GLN A 158 6.40 12.04 -9.29
C GLN A 158 5.15 11.91 -10.18
N PHE A 159 5.34 11.41 -11.42
CA PHE A 159 4.28 11.25 -12.41
C PHE A 159 3.44 10.02 -12.26
N PRO A 160 2.17 10.05 -12.74
CA PRO A 160 1.33 8.85 -12.59
C PRO A 160 1.86 7.69 -13.43
N VAL A 161 1.72 6.48 -12.91
CA VAL A 161 2.12 5.21 -13.51
C VAL A 161 1.69 5.07 -14.97
N GLU A 162 0.48 5.53 -15.29
CA GLU A 162 -0.06 5.48 -16.67
C GLU A 162 0.74 6.30 -17.65
N ARG A 163 1.18 7.49 -17.21
CA ARG A 163 1.99 8.38 -18.02
C ARG A 163 3.39 7.76 -18.23
N LEU A 164 3.98 7.20 -17.16
CA LEU A 164 5.28 6.52 -17.25
C LEU A 164 5.24 5.28 -18.13
N ALA A 165 4.19 4.48 -17.98
CA ALA A 165 3.98 3.28 -18.76
C ALA A 165 3.88 3.62 -20.23
N LEU A 166 3.14 4.69 -20.60
CA LEU A 166 2.99 5.15 -21.98
C LEU A 166 4.31 5.59 -22.57
N SER A 167 5.08 6.39 -21.82
CA SER A 167 6.40 6.90 -22.23
C SER A 167 7.34 5.73 -22.47
N LEU A 168 7.41 4.78 -21.54
CA LEU A 168 8.26 3.59 -21.64
C LEU A 168 7.86 2.75 -22.86
N GLU A 169 6.55 2.56 -23.10
CA GLU A 169 6.00 1.85 -24.26
C GLU A 169 6.48 2.51 -25.57
N ASP A 170 6.40 3.86 -25.65
CA ASP A 170 6.81 4.65 -26.82
C ASP A 170 8.27 4.48 -27.17
N THR A 171 9.18 4.36 -26.19
CA THR A 171 10.61 4.18 -26.46
C THR A 171 10.91 2.79 -27.05
N GLY A 172 10.09 1.80 -26.70
CA GLY A 172 10.29 0.42 -27.08
C GLY A 172 11.38 -0.24 -26.25
N ALA A 173 11.86 0.45 -25.17
CA ALA A 173 12.90 -0.05 -24.29
C ALA A 173 12.59 -1.45 -23.74
N PRO A 174 13.45 -2.45 -23.99
CA PRO A 174 13.17 -3.82 -23.47
C PRO A 174 13.61 -4.00 -22.01
N LEU A 175 14.26 -2.99 -21.42
CA LEU A 175 14.76 -3.03 -20.04
C LEU A 175 14.40 -1.83 -19.22
N LEU A 176 14.22 -2.10 -17.93
CA LEU A 176 13.89 -1.10 -16.92
C LEU A 176 14.84 -1.24 -15.71
N VAL A 177 15.45 -0.11 -15.27
CA VAL A 177 16.27 -0.02 -14.05
C VAL A 177 15.41 0.73 -13.00
N THR A 178 15.10 0.06 -11.88
CA THR A 178 14.33 0.61 -10.79
C THR A 178 14.95 0.24 -9.42
N SER A 179 14.25 0.62 -8.33
CA SER A 179 14.69 0.37 -6.96
C SER A 179 13.71 -0.56 -6.27
N ARG A 180 14.12 -1.18 -5.15
CA ARG A 180 13.25 -2.06 -4.37
C ARG A 180 11.96 -1.30 -3.91
N PRO A 181 12.03 -0.02 -3.41
CA PRO A 181 10.78 0.66 -3.06
C PRO A 181 9.81 0.95 -4.22
N LEU A 182 10.34 1.24 -5.43
CA LEU A 182 9.51 1.54 -6.62
C LEU A 182 9.06 0.28 -7.36
N SER A 183 9.54 -0.88 -6.94
CA SER A 183 9.23 -2.17 -7.53
C SER A 183 7.73 -2.44 -7.62
N GLY A 184 7.30 -2.90 -8.79
CA GLY A 184 5.91 -3.25 -9.07
C GLY A 184 5.05 -2.14 -9.62
N ARG A 185 5.55 -0.90 -9.64
CA ARG A 185 4.77 0.25 -10.15
C ARG A 185 4.64 0.16 -11.65
N LEU A 186 5.78 -0.07 -12.32
CA LEU A 186 5.91 -0.29 -13.76
C LEU A 186 6.11 -1.79 -14.02
N THR A 187 5.17 -2.43 -14.76
CA THR A 187 5.18 -3.88 -15.05
C THR A 187 5.31 -4.19 -16.55
N GLY A 188 5.54 -5.45 -16.86
CA GLY A 188 5.64 -5.92 -18.25
C GLY A 188 6.97 -5.79 -18.96
N THR A 189 7.89 -4.94 -18.45
CA THR A 189 9.23 -4.75 -19.01
C THR A 189 10.22 -5.45 -18.09
N THR A 190 11.25 -6.10 -18.66
CA THR A 190 12.30 -6.78 -17.90
C THR A 190 12.98 -5.75 -17.02
N THR A 191 13.01 -6.03 -15.72
CA THR A 191 13.50 -5.09 -14.74
C THR A 191 14.69 -5.55 -13.96
N LEU A 192 15.61 -4.61 -13.76
CA LEU A 192 16.80 -4.79 -12.93
C LEU A 192 16.89 -3.71 -11.85
N TYR A 193 17.69 -3.97 -10.80
CA TYR A 193 17.85 -3.06 -9.68
C TYR A 193 19.28 -2.63 -9.55
N VAL A 194 19.59 -1.48 -8.91
CA VAL A 194 21.04 -1.19 -8.73
C VAL A 194 21.58 -1.81 -7.45
N GLU A 195 22.67 -2.62 -7.61
CA GLU A 195 23.29 -3.40 -6.54
C GLU A 195 24.63 -2.84 -6.14
N PRO A 203 38.80 -4.38 -9.73
CA PRO A 203 37.59 -3.65 -10.13
C PRO A 203 36.98 -4.13 -11.46
N ALA A 204 35.82 -3.53 -11.88
CA ALA A 204 35.09 -3.91 -13.11
C ALA A 204 35.79 -3.44 -14.42
N GLY A 205 35.98 -2.11 -14.57
CA GLY A 205 36.66 -1.51 -15.71
C GLY A 205 35.74 -0.88 -16.73
N ASN A 206 36.24 0.14 -17.44
CA ASN A 206 35.45 0.81 -18.47
C ASN A 206 35.20 -0.12 -19.64
N LEU A 207 34.09 0.12 -20.34
CA LEU A 207 33.70 -0.68 -21.49
C LEU A 207 34.13 0.03 -22.79
N ALA A 208 34.30 -0.75 -23.85
CA ALA A 208 34.59 -0.30 -25.21
C ALA A 208 33.49 -0.97 -26.03
N THR A 209 32.41 -0.25 -26.35
CA THR A 209 31.25 -0.86 -27.00
C THR A 209 31.07 -0.51 -28.49
N GLY A 210 31.71 0.55 -28.92
CA GLY A 210 31.56 1.00 -30.29
C GLY A 210 30.56 2.12 -30.44
N VAL A 211 30.06 2.71 -29.30
CA VAL A 211 29.17 3.89 -29.33
C VAL A 211 29.95 5.03 -29.94
N GLY A 212 29.23 5.91 -30.60
CA GLY A 212 29.77 7.10 -31.24
C GLY A 212 28.87 8.26 -30.96
N PRO A 213 29.35 9.51 -31.21
CA PRO A 213 28.52 10.71 -30.94
C PRO A 213 27.13 10.77 -31.57
N GLU A 214 26.89 10.11 -32.73
CA GLU A 214 25.56 10.12 -33.34
C GLU A 214 24.59 9.10 -32.75
N ASP A 215 25.09 8.25 -31.85
CA ASP A 215 24.25 7.29 -31.16
C ASP A 215 23.40 7.99 -30.12
N VAL A 216 22.17 7.48 -29.91
CA VAL A 216 21.22 7.99 -28.93
C VAL A 216 21.82 7.94 -27.49
N ALA A 217 21.73 9.06 -26.77
CA ALA A 217 22.19 9.15 -25.38
C ALA A 217 20.97 9.19 -24.47
N CYS A 218 19.87 9.87 -24.92
CA CYS A 218 18.68 10.00 -24.09
C CYS A 218 17.39 10.20 -24.85
N VAL A 219 16.29 9.96 -24.15
CA VAL A 219 14.95 10.21 -24.61
C VAL A 219 14.29 11.07 -23.51
N MET A 220 13.93 12.31 -23.85
CA MET A 220 13.30 13.23 -22.92
C MET A 220 11.82 13.39 -23.15
N PHE A 221 11.02 13.19 -22.09
CA PHE A 221 9.55 13.37 -22.03
C PHE A 221 9.26 14.48 -20.99
N THR A 222 8.53 15.52 -21.38
CA THR A 222 8.19 16.64 -20.48
C THR A 222 7.27 16.27 -19.31
N ARG A 228 -0.59 13.84 -24.91
CA ARG A 228 0.06 12.60 -25.33
C ARG A 228 1.59 12.69 -25.17
N PRO A 229 2.28 11.60 -24.71
CA PRO A 229 3.77 11.68 -24.55
C PRO A 229 4.52 12.01 -25.84
N LYS A 230 5.56 12.82 -25.71
CA LYS A 230 6.42 13.20 -26.84
C LYS A 230 7.87 12.97 -26.39
N GLY A 231 8.46 11.89 -26.92
CA GLY A 231 9.82 11.48 -26.56
C GLY A 231 10.88 12.02 -27.46
N VAL A 232 11.51 13.13 -27.06
CA VAL A 232 12.58 13.72 -27.86
C VAL A 232 13.82 12.92 -27.67
N MET A 233 14.23 12.18 -28.74
CA MET A 233 15.43 11.35 -28.67
C MET A 233 16.65 11.99 -29.32
N SER A 234 17.74 12.15 -28.52
CA SER A 234 18.94 12.91 -28.81
C SER A 234 20.24 12.13 -28.76
N PRO A 235 21.14 12.39 -29.74
CA PRO A 235 22.46 11.73 -29.72
C PRO A 235 23.41 12.35 -28.66
N HIS A 236 24.52 11.67 -28.37
CA HIS A 236 25.56 12.14 -27.47
C HIS A 236 26.02 13.57 -27.87
N ARG A 237 26.23 13.83 -29.22
CA ARG A 237 26.67 15.16 -29.70
C ARG A 237 25.73 16.31 -29.39
N ALA A 238 24.44 16.02 -29.24
CA ALA A 238 23.51 17.08 -28.86
C ALA A 238 23.83 17.56 -27.43
N LEU A 239 24.24 16.62 -26.54
CA LEU A 239 24.59 16.92 -25.15
C LEU A 239 25.99 17.58 -25.08
N THR A 240 27.00 16.94 -25.67
CA THR A 240 28.36 17.48 -25.69
C THR A 240 28.45 18.84 -26.44
N GLY A 241 27.61 19.03 -27.46
CA GLY A 241 27.55 20.26 -28.23
C GLY A 241 26.99 21.43 -27.44
N THR A 242 26.22 21.13 -26.39
CA THR A 242 25.57 22.10 -25.52
C THR A 242 26.44 22.45 -24.32
N TYR A 243 27.25 21.48 -23.82
CA TYR A 243 28.07 21.69 -22.64
C TYR A 243 29.51 21.99 -22.90
N LEU A 244 30.03 21.54 -24.05
CA LEU A 244 31.44 21.82 -24.40
C LEU A 244 31.57 23.01 -25.36
N GLY A 245 32.70 23.71 -25.23
CA GLY A 245 33.08 24.87 -26.04
C GLY A 245 32.09 26.01 -26.03
N GLN A 246 31.54 26.26 -24.83
CA GLN A 246 30.52 27.27 -24.55
C GLN A 246 30.98 28.20 -23.43
N ASP A 247 30.51 29.46 -23.44
CA ASP A 247 30.91 30.41 -22.40
C ASP A 247 29.78 31.09 -21.63
N TYR A 248 28.56 30.53 -21.66
CA TYR A 248 27.42 31.12 -20.99
C TYR A 248 27.43 30.96 -19.49
N ALA A 249 28.22 29.98 -19.00
CA ALA A 249 28.44 29.72 -17.58
C ALA A 249 29.90 29.26 -17.44
N GLY A 250 30.38 29.22 -16.20
CA GLY A 250 31.73 28.72 -15.91
C GLY A 250 31.68 27.21 -15.76
N PHE A 251 32.56 26.52 -16.47
CA PHE A 251 32.67 25.07 -16.40
C PHE A 251 34.10 24.75 -15.99
N GLY A 252 34.25 23.82 -15.05
CA GLY A 252 35.54 23.40 -14.55
C GLY A 252 35.45 22.64 -13.26
N PRO A 253 36.56 22.05 -12.76
CA PRO A 253 36.51 21.26 -11.51
C PRO A 253 36.21 22.04 -10.21
N ASP A 254 36.33 23.37 -10.25
CA ASP A 254 36.05 24.26 -9.11
C ASP A 254 34.61 24.71 -9.03
N GLU A 255 33.79 24.25 -9.99
CA GLU A 255 32.37 24.56 -10.03
C GLU A 255 31.58 23.59 -9.14
N VAL A 256 30.42 24.04 -8.65
CA VAL A 256 29.49 23.27 -7.81
C VAL A 256 28.12 23.55 -8.40
N PHE A 257 27.56 22.54 -9.11
CA PHE A 257 26.25 22.68 -9.72
C PHE A 257 25.17 22.05 -8.81
N LEU A 258 23.92 22.44 -9.02
CA LEU A 258 22.79 21.96 -8.23
C LEU A 258 21.83 21.28 -9.17
N GLN A 259 21.66 19.95 -9.03
CA GLN A 259 20.72 19.22 -9.87
C GLN A 259 19.35 19.27 -9.18
N CYS A 260 18.57 20.35 -9.47
CA CYS A 260 17.24 20.56 -8.90
C CYS A 260 16.10 20.52 -9.94
N SER A 261 16.44 20.81 -11.22
CA SER A 261 15.47 20.82 -12.32
C SER A 261 14.88 19.42 -12.58
N PRO A 262 13.63 19.30 -13.08
CA PRO A 262 13.04 17.97 -13.29
C PRO A 262 13.94 17.08 -14.13
N VAL A 263 14.05 15.80 -13.74
CA VAL A 263 14.96 14.80 -14.34
C VAL A 263 14.64 14.35 -15.76
N SER A 264 13.37 14.44 -16.17
CA SER A 264 12.97 13.93 -17.47
C SER A 264 13.04 14.95 -18.61
N TRP A 265 13.34 16.19 -18.29
CA TRP A 265 13.42 17.24 -19.28
C TRP A 265 14.87 17.67 -19.60
N ASP A 266 15.03 18.72 -20.43
CA ASP A 266 16.36 19.10 -20.91
C ASP A 266 17.24 19.92 -20.01
N ALA A 267 16.69 20.71 -19.04
CA ALA A 267 17.55 21.48 -18.10
C ALA A 267 18.43 20.56 -17.19
N PHE A 268 18.06 19.27 -17.06
CA PHE A 268 18.73 18.22 -16.29
C PHE A 268 20.22 18.06 -16.64
N GLY A 269 20.51 17.92 -17.92
CA GLY A 269 21.86 17.73 -18.46
C GLY A 269 22.86 18.80 -18.07
N LEU A 270 22.47 20.08 -18.09
CA LEU A 270 23.40 21.14 -17.73
C LEU A 270 23.89 20.98 -16.30
N GLU A 271 22.98 20.73 -15.37
CA GLU A 271 23.28 20.58 -13.96
C GLU A 271 24.12 19.32 -13.67
N LEU A 272 23.80 18.19 -14.33
CA LEU A 272 24.49 16.89 -14.21
C LEU A 272 25.76 16.84 -15.06
N PHE A 273 25.58 16.83 -16.40
CA PHE A 273 26.69 16.75 -17.35
C PHE A 273 27.59 17.96 -17.36
N GLY A 274 27.08 19.17 -17.09
CA GLY A 274 27.92 20.36 -17.08
C GLY A 274 29.00 20.32 -16.00
N ALA A 275 28.76 19.49 -14.98
CA ALA A 275 29.61 19.23 -13.84
C ALA A 275 30.47 18.00 -14.12
N LEU A 276 29.86 16.85 -14.44
CA LEU A 276 30.59 15.58 -14.64
C LEU A 276 31.59 15.52 -15.77
N LEU A 277 31.35 16.30 -16.84
CA LEU A 277 32.29 16.34 -17.99
C LEU A 277 33.48 17.26 -17.71
N PHE A 278 33.41 18.02 -16.61
CA PHE A 278 34.43 18.99 -16.24
C PHE A 278 35.16 18.71 -14.92
N GLY A 279 34.71 17.70 -14.15
CA GLY A 279 35.35 17.34 -12.90
C GLY A 279 34.82 18.11 -11.71
N ALA A 280 33.61 18.71 -11.91
CA ALA A 280 32.92 19.58 -10.95
C ALA A 280 32.04 18.78 -10.01
N ARG A 281 31.65 19.41 -8.88
CA ARG A 281 30.76 18.76 -7.91
C ARG A 281 29.32 18.95 -8.38
N CYS A 282 28.47 17.93 -8.15
CA CYS A 282 27.06 18.03 -8.45
C CYS A 282 26.22 17.72 -7.24
N VAL A 283 25.54 18.73 -6.68
CA VAL A 283 24.64 18.57 -5.55
C VAL A 283 23.29 18.11 -6.08
N LEU A 284 22.78 16.99 -5.58
CA LEU A 284 21.46 16.44 -5.97
C LEU A 284 20.44 16.85 -4.93
N GLN A 285 19.37 17.53 -5.37
CA GLN A 285 18.33 17.92 -4.43
C GLN A 285 17.39 16.75 -4.16
N SER A 286 16.96 16.58 -2.89
CA SER A 286 15.99 15.52 -2.56
C SER A 286 14.67 16.08 -3.03
N GLY A 287 13.79 15.24 -3.55
CA GLY A 287 12.52 15.72 -4.10
C GLY A 287 12.67 15.88 -5.60
N GLN A 288 11.59 15.60 -6.33
CA GLN A 288 11.57 15.57 -7.79
C GLN A 288 11.42 16.94 -8.43
N ASN A 289 10.91 17.91 -7.67
CA ASN A 289 10.72 19.27 -8.17
C ASN A 289 11.60 20.27 -7.47
N PRO A 290 12.03 21.34 -8.18
CA PRO A 290 12.85 22.35 -7.51
C PRO A 290 12.14 22.89 -6.28
N ASP A 291 12.81 22.79 -5.13
CA ASP A 291 12.30 23.20 -3.82
C ASP A 291 13.03 24.48 -3.43
N PRO A 292 12.37 25.66 -3.54
CA PRO A 292 13.08 26.93 -3.26
C PRO A 292 13.78 27.04 -1.91
N LEU A 293 13.15 26.58 -0.84
CA LEU A 293 13.71 26.62 0.50
C LEU A 293 14.88 25.69 0.64
N GLU A 294 14.82 24.51 0.01
CA GLU A 294 15.90 23.53 0.00
C GLU A 294 17.08 24.06 -0.82
N ILE A 295 16.81 24.71 -1.96
CA ILE A 295 17.82 25.33 -2.82
C ILE A 295 18.68 26.32 -2.01
N GLY A 296 18.03 27.26 -1.30
CA GLY A 296 18.70 28.24 -0.45
C GLY A 296 19.66 27.60 0.56
N GLU A 297 19.19 26.52 1.19
CA GLU A 297 19.97 25.75 2.16
C GLU A 297 21.13 24.98 1.53
N LEU A 298 20.91 24.40 0.36
CA LEU A 298 21.92 23.64 -0.38
C LEU A 298 23.04 24.52 -0.92
N VAL A 299 22.72 25.78 -1.30
CA VAL A 299 23.70 26.76 -1.81
C VAL A 299 24.66 27.15 -0.70
N ALA A 300 24.14 27.35 0.51
CA ALA A 300 24.91 27.74 1.70
C ALA A 300 25.77 26.59 2.20
N ARG A 301 25.24 25.36 2.18
CA ARG A 301 25.93 24.18 2.65
C ARG A 301 27.12 23.78 1.74
N HIS A 302 26.93 23.82 0.43
CA HIS A 302 27.91 23.33 -0.53
C HIS A 302 28.67 24.35 -1.36
N GLY A 303 28.33 25.64 -1.23
CA GLY A 303 28.98 26.69 -2.00
C GLY A 303 28.66 26.55 -3.48
N VAL A 304 27.37 26.33 -3.83
CA VAL A 304 26.87 26.23 -5.20
C VAL A 304 27.33 27.49 -5.99
N THR A 305 27.97 27.29 -7.15
CA THR A 305 28.53 28.34 -8.00
C THR A 305 27.62 28.75 -9.16
N MET A 306 26.68 27.88 -9.54
CA MET A 306 25.78 28.13 -10.68
C MET A 306 24.37 27.63 -10.39
N LEU A 307 23.38 28.48 -10.66
CA LEU A 307 21.96 28.14 -10.53
C LEU A 307 21.27 28.31 -11.87
N GLN A 308 20.49 27.30 -12.29
CA GLN A 308 19.70 27.32 -13.53
C GLN A 308 18.28 27.20 -13.02
N LEU A 309 17.48 28.22 -13.25
CA LEU A 309 16.13 28.32 -12.68
C LEU A 309 15.09 28.74 -13.70
N SER A 310 13.84 28.25 -13.58
CA SER A 310 12.75 28.74 -14.42
C SER A 310 12.52 30.20 -14.00
N ALA A 311 11.88 31.01 -14.83
CA ALA A 311 11.62 32.40 -14.51
C ALA A 311 10.86 32.54 -13.18
N SER A 312 9.83 31.73 -12.95
CA SER A 312 9.01 31.80 -11.73
C SER A 312 9.80 31.40 -10.47
N LEU A 313 10.66 30.39 -10.57
CA LEU A 313 11.51 29.95 -9.47
C LEU A 313 12.50 31.05 -9.13
N PHE A 314 13.14 31.61 -10.17
CA PHE A 314 14.09 32.73 -10.05
C PHE A 314 13.45 33.91 -9.34
N ASN A 315 12.21 34.30 -9.74
CA ASN A 315 11.48 35.43 -9.13
C ASN A 315 11.16 35.22 -7.66
N PHE A 316 10.72 34.01 -7.29
CA PHE A 316 10.43 33.65 -5.91
C PHE A 316 11.69 33.74 -5.04
N LEU A 317 12.80 33.14 -5.49
CA LEU A 317 14.08 33.14 -4.78
C LEU A 317 14.60 34.55 -4.59
N VAL A 318 14.56 35.36 -5.66
CA VAL A 318 15.01 36.76 -5.60
C VAL A 318 14.31 37.53 -4.47
N ASP A 319 12.98 37.33 -4.34
CA ASP A 319 12.12 37.99 -3.36
C ASP A 319 12.06 37.35 -1.98
N GLU A 320 12.04 36.03 -1.91
CA GLU A 320 11.83 35.33 -0.65
C GLU A 320 13.04 34.63 -0.05
N VAL A 321 13.99 34.22 -0.88
CA VAL A 321 15.18 33.48 -0.43
C VAL A 321 16.42 34.13 -1.11
N PRO A 322 16.71 35.44 -0.89
CA PRO A 322 17.84 36.07 -1.63
C PRO A 322 19.21 35.47 -1.33
N GLU A 323 19.39 34.91 -0.15
CA GLU A 323 20.64 34.25 0.28
C GLU A 323 20.93 32.95 -0.52
N ALA A 324 20.00 32.55 -1.41
CA ALA A 324 20.17 31.43 -2.33
C ALA A 324 21.14 31.84 -3.45
N PHE A 325 21.48 33.15 -3.52
CA PHE A 325 22.39 33.73 -4.49
C PHE A 325 23.76 34.08 -3.91
N GLU A 326 23.94 33.97 -2.57
CA GLU A 326 25.20 34.27 -1.86
C GLU A 326 26.29 33.26 -2.26
N GLY A 327 27.38 33.77 -2.82
CA GLY A 327 28.49 32.98 -3.33
C GLY A 327 28.30 32.42 -4.73
N VAL A 328 27.03 32.45 -5.26
CA VAL A 328 26.71 31.93 -6.60
C VAL A 328 27.38 32.87 -7.65
N ARG A 329 28.09 32.32 -8.67
CA ARG A 329 28.78 33.10 -9.72
C ARG A 329 27.91 33.40 -10.95
N TYR A 330 27.06 32.45 -11.35
CA TYR A 330 26.13 32.55 -12.46
C TYR A 330 24.70 32.14 -12.08
N ALA A 331 23.70 32.91 -12.53
CA ALA A 331 22.30 32.57 -12.37
C ALA A 331 21.68 32.70 -13.73
N ILE A 332 21.13 31.60 -14.26
CA ILE A 332 20.54 31.57 -15.59
C ILE A 332 19.07 31.24 -15.55
N THR A 333 18.26 32.15 -16.10
CA THR A 333 16.81 32.04 -16.23
C THR A 333 16.45 31.28 -17.49
N GLY A 334 15.52 30.34 -17.33
CA GLY A 334 15.05 29.50 -18.42
C GLY A 334 13.53 29.54 -18.56
N GLY A 335 13.04 28.73 -19.50
CA GLY A 335 11.62 28.58 -19.79
C GLY A 335 10.97 29.88 -20.21
N GLU A 336 9.86 30.20 -19.51
CA GLU A 336 8.97 31.36 -19.66
C GLU A 336 9.69 32.73 -19.78
N PRO A 337 9.04 33.79 -20.34
CA PRO A 337 9.64 35.14 -20.37
C PRO A 337 9.98 35.71 -18.98
N ALA A 338 11.21 36.26 -18.86
CA ALA A 338 11.81 36.82 -17.65
C ALA A 338 11.14 38.06 -17.12
N SER A 339 11.22 38.27 -15.77
CA SER A 339 10.69 39.47 -15.11
C SER A 339 11.89 40.39 -14.88
N VAL A 340 12.03 41.43 -15.73
CA VAL A 340 13.11 42.42 -15.66
C VAL A 340 13.22 43.06 -14.26
N PRO A 341 12.10 43.40 -13.55
CA PRO A 341 12.25 43.93 -12.17
C PRO A 341 12.96 42.97 -11.22
N HIS A 342 12.75 41.67 -11.39
CA HIS A 342 13.42 40.65 -10.58
C HIS A 342 14.86 40.48 -10.97
N VAL A 343 15.16 40.60 -12.29
CA VAL A 343 16.52 40.49 -12.81
C VAL A 343 17.32 41.67 -12.27
N ALA A 344 16.72 42.87 -12.29
CA ALA A 344 17.27 44.14 -11.78
C ALA A 344 17.51 44.07 -10.27
N LYS A 345 16.58 43.47 -9.52
CA LYS A 345 16.66 43.28 -8.08
C LYS A 345 17.83 42.35 -7.71
N ALA A 346 18.03 41.27 -8.47
CA ALA A 346 19.12 40.32 -8.26
C ALA A 346 20.49 41.01 -8.43
N ARG A 347 20.57 41.94 -9.40
CA ARG A 347 21.75 42.73 -9.75
C ARG A 347 22.14 43.67 -8.62
N ARG A 348 21.14 44.32 -8.02
CA ARG A 348 21.28 45.24 -6.88
C ARG A 348 21.71 44.49 -5.61
N ASP A 349 21.03 43.39 -5.30
CA ASP A 349 21.28 42.60 -4.09
C ASP A 349 22.58 41.80 -4.17
N HIS A 350 22.95 41.34 -5.37
CA HIS A 350 24.13 40.47 -5.60
C HIS A 350 24.97 41.05 -6.74
N PRO A 351 25.83 42.06 -6.41
CA PRO A 351 26.61 42.77 -7.46
C PRO A 351 27.62 41.94 -8.24
N ALA A 352 28.13 40.85 -7.66
CA ALA A 352 29.12 39.96 -8.27
C ALA A 352 28.45 38.85 -9.09
N LEU A 353 27.13 38.70 -8.97
CA LEU A 353 26.37 37.69 -9.70
C LEU A 353 26.24 38.00 -11.18
N ARG A 354 26.69 37.08 -12.01
CA ARG A 354 26.55 37.19 -13.46
C ARG A 354 25.19 36.59 -13.78
N LEU A 355 24.40 37.30 -14.58
CA LEU A 355 23.08 36.86 -14.96
C LEU A 355 22.96 36.55 -16.45
N GLY A 356 22.26 35.46 -16.75
CA GLY A 356 22.03 35.06 -18.12
C GLY A 356 20.60 34.62 -18.34
N ASN A 357 20.08 34.84 -19.57
CA ASN A 357 18.75 34.37 -19.96
C ASN A 357 18.98 33.36 -21.08
N GLY A 358 18.54 32.13 -20.85
CA GLY A 358 18.70 31.06 -21.82
C GLY A 358 17.40 30.71 -22.51
N TYR A 359 17.50 30.30 -23.77
CA TYR A 359 16.28 29.94 -24.50
C TYR A 359 16.50 28.72 -25.38
N GLY A 360 15.45 27.94 -25.55
CA GLY A 360 15.45 26.84 -26.49
C GLY A 360 14.53 25.69 -26.16
N PRO A 361 13.99 25.00 -27.18
CA PRO A 361 13.18 23.79 -26.92
C PRO A 361 14.10 22.58 -26.65
N ALA A 362 13.58 21.48 -26.06
CA ALA A 362 14.36 20.26 -25.78
C ALA A 362 14.87 19.60 -27.06
N GLU A 363 14.12 19.84 -28.15
CA GLU A 363 14.40 19.35 -29.50
C GLU A 363 15.73 19.91 -30.06
N SER A 364 16.28 20.95 -29.41
CA SER A 364 17.54 21.59 -29.78
C SER A 364 18.58 21.59 -28.63
N MET A 365 18.26 20.84 -27.56
CA MET A 365 19.08 20.58 -26.36
C MET A 365 19.48 21.77 -25.51
N GLY A 366 18.91 21.85 -24.31
CA GLY A 366 19.20 22.91 -23.36
C GLY A 366 18.96 24.26 -24.00
N PHE A 367 19.95 25.12 -23.92
CA PHE A 367 19.86 26.43 -24.55
C PHE A 367 20.33 26.35 -26.00
N THR A 368 19.58 26.97 -26.90
CA THR A 368 19.96 27.13 -28.31
C THR A 368 20.56 28.53 -28.38
N THR A 369 19.87 29.53 -27.74
CA THR A 369 20.36 30.90 -27.66
C THR A 369 20.61 31.26 -26.17
N HIS A 370 21.45 32.26 -25.93
CA HIS A 370 21.75 32.75 -24.59
C HIS A 370 22.05 34.23 -24.65
N HIS A 371 21.58 34.98 -23.66
CA HIS A 371 21.85 36.40 -23.53
C HIS A 371 22.51 36.66 -22.19
N ALA A 372 23.72 37.25 -22.22
CA ALA A 372 24.42 37.65 -20.99
C ALA A 372 23.81 39.01 -20.62
N VAL A 373 23.22 39.11 -19.42
CA VAL A 373 22.58 40.35 -18.97
C VAL A 373 23.59 41.50 -18.76
N VAL A 374 23.30 42.66 -19.35
CA VAL A 374 24.08 43.91 -19.26
C VAL A 374 23.23 45.02 -18.60
N ALA A 375 23.87 46.08 -18.05
CA ALA A 375 23.20 47.21 -17.39
C ALA A 375 22.02 47.79 -18.18
N GLY A 376 22.18 47.93 -19.50
CA GLY A 376 21.17 48.46 -20.41
C GLY A 376 19.86 47.69 -20.50
N ASP A 377 19.91 46.37 -20.26
CA ASP A 377 18.74 45.48 -20.34
C ASP A 377 17.71 45.73 -19.24
N LEU A 378 18.18 46.26 -18.10
CA LEU A 378 17.39 46.51 -16.88
C LEU A 378 16.38 47.64 -16.97
N SER A 379 16.56 48.54 -17.94
CA SER A 379 15.66 49.67 -18.18
C SER A 379 14.42 49.23 -19.00
N GLY A 380 14.52 48.07 -19.65
CA GLY A 380 13.51 47.51 -20.53
C GLY A 380 12.37 46.77 -19.87
N THR A 381 11.46 46.21 -20.71
CA THR A 381 10.24 45.49 -20.33
C THR A 381 10.41 43.97 -20.43
N ALA A 382 11.27 43.53 -21.35
CA ALA A 382 11.57 42.11 -21.55
C ALA A 382 13.07 41.86 -21.70
N LEU A 383 13.51 40.64 -21.37
CA LEU A 383 14.91 40.27 -21.52
C LEU A 383 15.13 39.67 -22.89
N PRO A 384 16.20 40.05 -23.62
CA PRO A 384 16.46 39.38 -24.91
C PRO A 384 16.84 37.90 -24.70
N ILE A 385 16.59 37.05 -25.72
CA ILE A 385 16.93 35.63 -25.65
C ILE A 385 18.35 35.40 -26.15
N GLY A 386 18.92 36.46 -26.71
CA GLY A 386 20.32 36.49 -27.10
C GLY A 386 20.72 36.03 -28.47
N VAL A 387 21.90 35.42 -28.50
CA VAL A 387 22.63 34.94 -29.66
C VAL A 387 22.75 33.38 -29.58
N PRO A 388 22.83 32.65 -30.72
CA PRO A 388 22.94 31.18 -30.64
C PRO A 388 24.22 30.73 -29.95
N LEU A 389 24.22 29.51 -29.40
CA LEU A 389 25.44 28.93 -28.81
C LEU A 389 26.37 28.54 -29.99
N ALA A 390 27.68 28.35 -29.72
CA ALA A 390 28.63 27.91 -30.75
C ALA A 390 28.10 26.54 -31.30
N GLY A 391 28.07 26.44 -32.63
CA GLY A 391 27.64 25.24 -33.34
C GLY A 391 26.15 25.10 -33.56
N LYS A 392 25.37 26.01 -32.98
CA LYS A 392 23.91 26.05 -33.09
C LYS A 392 23.55 27.29 -33.89
N ARG A 393 22.34 27.33 -34.43
CA ARG A 393 21.83 28.49 -35.15
C ARG A 393 20.35 28.68 -34.98
N ALA A 394 19.91 29.93 -35.15
CA ALA A 394 18.52 30.33 -34.97
C ALA A 394 18.13 31.28 -36.10
N TYR A 395 16.99 30.99 -36.77
CA TYR A 395 16.45 31.83 -37.86
C TYR A 395 15.07 32.39 -37.47
N VAL A 396 14.79 33.62 -37.91
CA VAL A 396 13.48 34.27 -37.74
C VAL A 396 12.87 34.31 -39.16
N LEU A 397 11.93 33.41 -39.45
CA LEU A 397 11.33 33.27 -40.77
C LEU A 397 9.86 33.70 -40.89
N ASP A 398 9.43 34.02 -42.10
CA ASP A 398 8.03 34.37 -42.41
C ASP A 398 7.31 33.12 -42.96
N ASP A 399 6.03 33.26 -43.31
CA ASP A 399 5.19 32.19 -43.89
C ASP A 399 5.80 31.51 -45.13
N ASP A 400 6.72 32.19 -45.85
CA ASP A 400 7.39 31.65 -47.04
C ASP A 400 8.78 31.07 -46.76
N LEU A 401 9.15 30.95 -45.47
CA LEU A 401 10.43 30.46 -44.97
C LEU A 401 11.59 31.38 -45.41
N LYS A 402 11.28 32.68 -45.54
CA LYS A 402 12.23 33.74 -45.90
C LYS A 402 12.59 34.50 -44.62
N PRO A 403 13.89 34.89 -44.44
CA PRO A 403 14.28 35.62 -43.22
C PRO A 403 13.46 36.87 -43.05
N ALA A 404 12.97 37.09 -41.85
CA ALA A 404 12.22 38.30 -41.56
C ALA A 404 13.15 39.55 -41.65
N ALA A 405 12.61 40.66 -42.22
CA ALA A 405 13.24 41.98 -42.32
C ALA A 405 13.76 42.38 -40.93
N ASN A 406 14.95 43.01 -40.85
CA ASN A 406 15.54 43.36 -39.54
C ASN A 406 14.55 44.16 -38.70
N GLY A 407 14.22 43.62 -37.53
CA GLY A 407 13.27 44.20 -36.60
C GLY A 407 11.87 43.64 -36.76
N ALA A 408 11.56 43.04 -37.93
CA ALA A 408 10.24 42.47 -38.20
C ALA A 408 10.02 41.15 -37.48
N LEU A 409 8.73 40.87 -37.17
CA LEU A 409 8.25 39.67 -36.50
C LEU A 409 8.22 38.49 -37.46
N GLY A 410 8.54 37.32 -36.90
CA GLY A 410 8.57 36.07 -37.64
C GLY A 410 8.68 34.88 -36.70
N GLU A 411 8.58 33.66 -37.25
CA GLU A 411 8.68 32.46 -36.46
C GLU A 411 10.13 31.99 -36.31
N LEU A 412 10.48 31.59 -35.10
CA LEU A 412 11.80 31.10 -34.74
C LEU A 412 11.98 29.62 -35.11
N TYR A 413 13.06 29.34 -35.84
CA TYR A 413 13.49 28.01 -36.28
C TYR A 413 14.91 27.81 -35.78
N VAL A 414 15.15 26.66 -35.14
CA VAL A 414 16.45 26.37 -34.56
C VAL A 414 17.16 25.23 -35.26
N ALA A 415 18.49 25.30 -35.33
CA ALA A 415 19.30 24.30 -36.04
C ALA A 415 20.70 24.13 -35.41
N GLY A 416 21.47 23.18 -35.93
CA GLY A 416 22.83 22.94 -35.46
C GLY A 416 23.02 21.69 -34.62
N ALA A 417 24.11 21.68 -33.84
CA ALA A 417 24.60 20.60 -33.00
C ALA A 417 23.63 20.04 -31.94
N GLY A 418 22.71 20.83 -31.43
CA GLY A 418 21.80 20.34 -30.39
C GLY A 418 20.57 19.58 -30.86
N LEU A 419 20.33 19.51 -32.18
CA LEU A 419 19.14 18.84 -32.72
C LEU A 419 18.98 17.35 -32.41
N ALA A 420 17.77 17.01 -31.92
CA ALA A 420 17.37 15.64 -31.62
C ALA A 420 17.17 14.90 -32.93
N HIS A 421 17.27 13.55 -32.92
CA HIS A 421 17.01 12.72 -34.11
C HIS A 421 15.52 12.83 -34.44
N GLY A 422 14.72 13.00 -33.39
CA GLY A 422 13.28 13.20 -33.51
C GLY A 422 12.52 12.74 -32.29
N TYR A 423 11.23 12.44 -32.51
CA TYR A 423 10.28 11.97 -31.50
C TYR A 423 10.14 10.48 -31.65
N VAL A 424 10.76 9.70 -30.75
CA VAL A 424 10.74 8.23 -30.82
C VAL A 424 9.28 7.68 -31.05
N SER A 425 9.13 6.75 -32.03
CA SER A 425 7.83 6.15 -32.42
C SER A 425 6.78 7.12 -32.99
N ARG A 426 7.20 8.33 -33.36
CA ARG A 426 6.30 9.36 -33.93
C ARG A 426 7.03 10.00 -35.14
N PRO A 427 7.24 9.26 -36.26
CA PRO A 427 7.92 9.84 -37.43
C PRO A 427 7.16 10.95 -38.16
N ALA A 428 5.82 10.95 -38.09
CA ALA A 428 5.01 11.97 -38.78
C ALA A 428 5.13 13.30 -38.06
N LEU A 429 5.00 13.26 -36.72
CA LEU A 429 5.15 14.45 -35.88
C LEU A 429 6.58 14.99 -36.01
N THR A 430 7.56 14.06 -36.16
CA THR A 430 8.96 14.42 -36.39
C THR A 430 9.08 15.17 -37.73
N ALA A 431 8.63 14.55 -38.84
CA ALA A 431 8.72 15.09 -40.20
C ALA A 431 8.03 16.44 -40.37
N GLU A 432 7.05 16.74 -39.50
CA GLU A 432 6.35 18.02 -39.59
C GLU A 432 6.95 19.14 -38.75
N ARG A 433 7.96 18.84 -37.88
CA ARG A 433 8.64 19.79 -36.97
C ARG A 433 10.16 19.89 -37.27
N PHE A 434 10.78 18.77 -37.63
CA PHE A 434 12.21 18.70 -37.97
C PHE A 434 12.21 18.68 -39.48
N VAL A 435 12.16 19.88 -40.04
CA VAL A 435 12.02 20.14 -41.45
C VAL A 435 13.37 20.37 -42.12
N ALA A 436 13.40 20.36 -43.47
CA ALA A 436 14.62 20.59 -44.25
C ALA A 436 15.04 22.04 -44.06
N ASP A 437 16.36 22.28 -43.96
CA ASP A 437 16.94 23.61 -43.79
C ASP A 437 17.23 24.20 -45.18
N PRO A 438 16.51 25.28 -45.60
CA PRO A 438 16.72 25.86 -46.96
C PRO A 438 17.96 26.73 -47.16
N PHE A 439 18.69 27.00 -46.08
CA PHE A 439 19.87 27.84 -46.07
C PHE A 439 21.18 27.04 -46.14
N ALA A 440 21.11 25.76 -45.74
CA ALA A 440 22.21 24.80 -45.61
C ALA A 440 22.85 24.39 -46.95
N GLY A 441 24.16 24.10 -46.88
CA GLY A 441 25.04 23.72 -47.98
C GLY A 441 24.67 22.46 -48.74
N PRO A 442 25.59 21.88 -49.57
CA PRO A 442 25.23 20.68 -50.36
C PRO A 442 24.64 19.52 -49.55
N GLY A 443 25.12 19.37 -48.31
CA GLY A 443 24.63 18.37 -47.37
C GLY A 443 23.28 18.79 -46.79
N GLY A 444 22.33 17.87 -46.78
CA GLY A 444 21.00 18.12 -46.26
C GLY A 444 20.94 18.27 -44.74
N GLU A 445 20.58 19.48 -44.26
CA GLU A 445 20.41 19.71 -42.82
C GLU A 445 18.95 19.98 -42.47
N ARG A 446 18.66 19.91 -41.17
CA ARG A 446 17.32 20.12 -40.63
C ARG A 446 17.25 21.38 -39.78
N MET A 447 16.02 21.85 -39.55
CA MET A 447 15.71 22.96 -38.67
C MET A 447 14.45 22.61 -37.90
N TYR A 448 14.36 22.98 -36.64
CA TYR A 448 13.19 22.69 -35.83
C TYR A 448 12.30 23.94 -35.71
N ARG A 449 11.01 23.85 -36.11
CA ARG A 449 10.07 24.95 -35.94
C ARG A 449 9.69 24.96 -34.48
N THR A 450 9.94 26.06 -33.81
CA THR A 450 9.67 26.22 -32.37
C THR A 450 8.22 26.53 -32.00
N GLY A 451 7.50 27.21 -32.89
CA GLY A 451 6.15 27.68 -32.63
C GLY A 451 6.17 29.03 -31.93
N ASP A 452 7.37 29.59 -31.76
CA ASP A 452 7.60 30.86 -31.08
C ASP A 452 7.82 31.97 -32.07
N LEU A 453 7.29 33.16 -31.75
CA LEU A 453 7.44 34.37 -32.55
C LEU A 453 8.57 35.14 -31.92
N ALA A 454 9.41 35.73 -32.77
CA ALA A 454 10.57 36.48 -32.31
C ALA A 454 10.89 37.61 -33.27
N ARG A 455 11.89 38.42 -32.91
CA ARG A 455 12.42 39.48 -33.75
C ARG A 455 13.91 39.59 -33.51
N ARG A 456 14.65 39.92 -34.55
CA ARG A 456 16.09 40.06 -34.46
C ARG A 456 16.39 41.53 -34.51
N ARG A 457 16.99 42.08 -33.44
CA ARG A 457 17.30 43.50 -33.43
C ARG A 457 18.57 43.83 -34.23
N ALA A 458 18.79 45.14 -34.53
CA ALA A 458 19.91 45.66 -35.33
C ALA A 458 21.28 45.08 -34.99
N ASP A 459 21.54 44.83 -33.69
CA ASP A 459 22.80 44.23 -33.22
C ASP A 459 22.88 42.68 -33.39
N GLY A 460 21.79 42.07 -33.88
CA GLY A 460 21.71 40.63 -34.14
C GLY A 460 21.08 39.83 -33.01
N VAL A 461 20.86 40.51 -31.84
CA VAL A 461 20.27 39.95 -30.62
C VAL A 461 18.81 39.60 -30.88
N LEU A 462 18.43 38.37 -30.53
CA LEU A 462 17.05 37.93 -30.68
C LEU A 462 16.23 38.39 -29.48
N GLU A 463 14.95 38.62 -29.72
CA GLU A 463 13.98 38.99 -28.71
C GLU A 463 12.77 38.08 -28.86
N TYR A 464 12.32 37.48 -27.75
CA TYR A 464 11.15 36.62 -27.74
C TYR A 464 9.91 37.51 -27.72
N VAL A 465 8.96 37.23 -28.61
CA VAL A 465 7.73 38.01 -28.65
C VAL A 465 6.55 37.26 -27.95
N GLY A 466 6.25 36.07 -28.45
CA GLY A 466 5.18 35.23 -27.93
C GLY A 466 5.03 33.97 -28.74
N ARG A 467 3.89 33.30 -28.55
CA ARG A 467 3.54 32.06 -29.20
C ARG A 467 2.78 32.33 -30.51
N ALA A 468 2.96 31.48 -31.53
CA ALA A 468 2.29 31.61 -32.83
C ALA A 468 0.76 31.30 -32.77
N ASP A 469 0.26 30.84 -31.59
CA ASP A 469 -1.15 30.53 -31.27
C ASP A 469 -1.81 29.60 -32.29
N HIS B 3 12.18 61.95 -0.97
CA HIS B 3 11.40 62.26 -2.18
C HIS B 3 10.39 63.37 -1.91
N MET B 4 9.18 62.99 -1.46
CA MET B 4 8.14 63.95 -1.11
C MET B 4 8.37 64.35 0.37
N SER B 5 8.37 65.67 0.65
CA SER B 5 8.59 66.27 1.97
C SER B 5 7.60 65.83 3.09
N ASN B 6 8.00 66.08 4.34
CA ASN B 6 7.25 65.75 5.55
C ASN B 6 7.52 66.81 6.66
N PRO B 7 6.46 67.36 7.34
CA PRO B 7 6.68 68.38 8.38
C PRO B 7 7.29 67.92 9.72
N PHE B 8 7.40 66.59 9.93
CA PHE B 8 7.99 65.98 11.14
C PHE B 8 9.49 65.75 10.96
N GLU B 9 9.99 65.89 9.73
CA GLU B 9 11.39 65.73 9.42
C GLU B 9 12.05 67.09 9.16
N GLU B 10 11.39 67.94 8.39
CA GLU B 10 11.88 69.28 8.07
C GLU B 10 10.73 70.27 8.01
N TYR B 11 10.77 71.27 8.92
CA TYR B 11 9.78 72.33 9.01
C TYR B 11 10.45 73.67 9.32
N ASP B 12 10.15 74.69 8.49
CA ASP B 12 10.72 76.03 8.58
C ASP B 12 10.41 76.77 9.90
N GLY B 13 9.14 76.72 10.32
CA GLY B 13 8.65 77.41 11.51
C GLY B 13 9.13 76.89 12.85
N GLY B 14 9.88 75.78 12.83
CA GLY B 14 10.40 75.13 14.02
C GLY B 14 9.50 74.01 14.50
N HIS B 15 9.85 73.45 15.67
CA HIS B 15 9.10 72.34 16.24
C HIS B 15 8.69 72.52 17.70
N VAL B 16 7.69 71.74 18.11
CA VAL B 16 7.18 71.72 19.47
C VAL B 16 7.03 70.26 19.90
N VAL B 17 6.94 70.02 21.23
CA VAL B 17 6.72 68.70 21.79
C VAL B 17 5.38 68.73 22.42
N LEU B 18 4.50 67.81 21.97
CA LEU B 18 3.16 67.69 22.51
C LEU B 18 3.05 66.55 23.44
N THR B 19 2.14 66.67 24.40
CA THR B 19 1.81 65.59 25.32
C THR B 19 0.30 65.38 25.47
N ASP B 20 -0.13 64.12 25.65
CA ASP B 20 -1.53 63.75 25.86
C ASP B 20 -1.76 63.43 27.36
N ALA B 21 -2.96 63.01 27.75
CA ALA B 21 -3.28 62.68 29.15
C ALA B 21 -2.58 61.42 29.66
N LEU B 22 -2.04 60.62 28.74
CA LEU B 22 -1.38 59.36 29.09
C LEU B 22 0.14 59.46 29.13
N GLY B 23 0.65 60.69 29.05
CA GLY B 23 2.07 61.00 29.11
C GLY B 23 2.85 60.70 27.85
N ARG B 24 2.13 60.40 26.76
CA ARG B 24 2.77 60.10 25.48
C ARG B 24 3.22 61.40 24.87
N HIS B 25 4.40 61.39 24.27
CA HIS B 25 5.02 62.55 23.63
C HIS B 25 4.91 62.46 22.12
N SER B 26 4.73 63.62 21.48
CA SER B 26 4.67 63.74 20.04
C SER B 26 5.39 64.99 19.57
N LEU B 27 6.19 64.82 18.53
CA LEU B 27 6.88 65.90 17.85
C LEU B 27 5.79 66.56 17.02
N TRP B 28 5.83 67.89 16.89
CA TRP B 28 4.80 68.61 16.16
C TRP B 28 5.36 69.89 15.55
N PRO B 29 4.92 70.30 14.33
CA PRO B 29 5.42 71.56 13.75
C PRO B 29 4.95 72.79 14.53
N ALA B 30 5.87 73.75 14.80
CA ALA B 30 5.55 74.99 15.50
C ALA B 30 4.64 75.85 14.63
N GLY B 31 3.77 76.61 15.28
CA GLY B 31 2.81 77.49 14.64
C GLY B 31 1.65 76.77 13.97
N ILE B 32 1.49 75.49 14.24
CA ILE B 32 0.39 74.68 13.70
C ILE B 32 -0.54 74.32 14.85
N ALA B 33 -1.86 74.65 14.70
CA ALA B 33 -2.89 74.34 15.69
C ALA B 33 -2.67 72.98 16.35
N VAL B 34 -2.70 72.98 17.67
CA VAL B 34 -2.50 71.81 18.52
C VAL B 34 -3.75 70.92 18.40
N PRO B 35 -3.61 69.63 18.00
CA PRO B 35 -4.80 68.74 17.94
C PRO B 35 -5.47 68.56 19.31
N ALA B 36 -6.83 68.51 19.35
CA ALA B 36 -7.64 68.36 20.56
C ALA B 36 -7.11 67.21 21.41
N GLY B 37 -6.95 67.46 22.71
CA GLY B 37 -6.45 66.47 23.65
C GLY B 37 -4.96 66.52 23.87
N TRP B 38 -4.26 67.35 23.08
CA TRP B 38 -2.81 67.51 23.19
C TRP B 38 -2.38 68.86 23.81
N SER B 39 -1.17 68.93 24.39
CA SER B 39 -0.69 70.12 25.09
C SER B 39 0.79 70.35 24.79
N VAL B 40 1.20 71.62 24.55
CA VAL B 40 2.63 71.94 24.28
C VAL B 40 3.41 71.82 25.60
N ARG B 41 4.38 70.88 25.66
CA ARG B 41 5.25 70.61 26.81
C ARG B 41 6.60 71.30 26.65
N HIS B 42 7.08 71.42 25.40
CA HIS B 42 8.34 72.06 25.05
C HIS B 42 8.10 73.08 23.92
N GLY B 43 8.35 74.36 24.25
CA GLY B 43 8.17 75.52 23.37
C GLY B 43 8.90 75.43 22.06
N THR B 44 8.63 76.39 21.15
CA THR B 44 9.26 76.42 19.81
C THR B 44 10.76 76.26 19.92
N ASP B 45 11.28 75.19 19.29
CA ASP B 45 12.69 74.81 19.34
C ASP B 45 13.09 74.08 18.07
N SER B 46 14.41 73.76 17.95
CA SER B 46 14.96 72.97 16.86
C SER B 46 14.44 71.54 17.01
N ARG B 47 14.36 70.81 15.91
CA ARG B 47 13.90 69.41 15.90
C ARG B 47 14.78 68.55 16.85
N GLU B 48 16.12 68.82 16.89
CA GLU B 48 17.09 68.14 17.75
C GLU B 48 16.85 68.46 19.22
N GLY B 49 16.56 69.72 19.53
CA GLY B 49 16.27 70.18 20.89
C GLY B 49 15.00 69.54 21.44
N CYS B 50 13.98 69.42 20.56
CA CYS B 50 12.69 68.81 20.83
C CYS B 50 12.87 67.31 21.15
N LEU B 51 13.64 66.60 20.30
CA LEU B 51 13.96 65.18 20.42
C LEU B 51 14.78 64.89 21.68
N ALA B 52 15.71 65.79 22.03
CA ALA B 52 16.53 65.69 23.24
C ALA B 52 15.59 65.74 24.46
N HIS B 53 14.60 66.70 24.49
CA HIS B 53 13.58 66.86 25.53
C HIS B 53 12.86 65.50 25.74
N ILE B 54 12.35 64.90 24.64
CA ILE B 54 11.62 63.62 24.63
C ILE B 54 12.48 62.47 25.15
N GLU B 55 13.73 62.36 24.65
CA GLU B 55 14.69 61.33 25.05
C GLU B 55 14.93 61.41 26.57
N HIS B 56 14.92 62.64 27.12
CA HIS B 56 15.13 62.87 28.56
C HIS B 56 13.88 62.63 29.43
N HIS B 57 12.73 63.25 29.07
CA HIS B 57 11.49 63.15 29.85
C HIS B 57 10.66 61.91 29.69
N TRP B 58 10.57 61.34 28.47
CA TRP B 58 9.74 60.17 28.20
C TRP B 58 10.40 58.83 28.51
N THR B 59 10.50 58.52 29.81
CA THR B 59 11.15 57.32 30.34
C THR B 59 10.36 56.03 30.18
N ASP B 60 9.01 56.10 30.28
CA ASP B 60 8.17 54.91 30.10
C ASP B 60 7.08 55.15 29.05
N LEU B 61 7.13 54.39 27.93
CA LEU B 61 6.20 54.48 26.80
C LEU B 61 4.82 54.05 27.15
N ARG B 62 4.70 53.06 28.06
CA ARG B 62 3.40 52.51 28.48
C ARG B 62 2.51 53.64 29.01
N PRO B 63 1.21 53.70 28.57
CA PRO B 63 0.33 54.78 29.03
C PRO B 63 0.08 54.81 30.54
N THR B 64 0.11 56.03 31.12
CA THR B 64 -0.07 56.33 32.55
C THR B 64 -0.94 57.57 32.71
N GLY B 74 -13.13 45.48 27.57
CA GLY B 74 -12.54 44.52 26.63
C GLY B 74 -11.74 43.40 27.30
N ALA B 75 -11.75 42.23 26.68
CA ALA B 75 -11.03 41.06 27.17
C ALA B 75 -9.62 40.97 26.58
N CYS B 76 -8.70 40.33 27.31
CA CYS B 76 -7.33 40.11 26.86
C CYS B 76 -7.29 38.85 26.02
N VAL B 77 -6.28 38.75 25.17
CA VAL B 77 -6.09 37.68 24.20
C VAL B 77 -6.27 36.29 24.83
N HIS B 78 -5.53 36.02 25.93
CA HIS B 78 -5.58 34.76 26.66
C HIS B 78 -6.91 34.49 27.29
N GLU B 79 -7.63 35.54 27.68
CA GLU B 79 -8.97 35.41 28.28
C GLU B 79 -9.97 34.91 27.24
N LEU B 80 -9.88 35.44 26.00
CA LEU B 80 -10.70 35.04 24.87
C LEU B 80 -10.39 33.59 24.50
N PHE B 81 -9.11 33.21 24.57
CA PHE B 81 -8.62 31.86 24.36
C PHE B 81 -9.21 30.92 25.44
N GLU B 82 -9.16 31.36 26.71
CA GLU B 82 -9.70 30.60 27.88
C GLU B 82 -11.20 30.31 27.75
N ALA B 83 -11.99 31.28 27.19
CA ALA B 83 -13.45 31.07 26.96
C ALA B 83 -13.67 29.99 25.87
N GLN B 84 -12.77 29.94 24.87
CA GLN B 84 -12.81 28.91 23.82
C GLN B 84 -12.47 27.54 24.39
N ALA B 85 -11.41 27.46 25.21
CA ALA B 85 -10.96 26.22 25.87
C ALA B 85 -12.06 25.71 26.79
N ALA B 86 -12.79 26.62 27.49
CA ALA B 86 -13.90 26.22 28.34
C ALA B 86 -15.12 25.70 27.53
N ARG B 87 -15.45 26.36 26.40
CA ARG B 87 -16.57 26.01 25.52
C ARG B 87 -16.37 24.65 24.86
N ALA B 88 -15.21 24.42 24.24
CA ALA B 88 -14.93 23.15 23.58
C ALA B 88 -13.52 22.67 23.89
N PRO B 89 -13.28 22.10 25.11
CA PRO B 89 -11.92 21.64 25.46
C PRO B 89 -11.35 20.56 24.54
N ASP B 90 -12.21 19.73 23.97
CA ASP B 90 -11.81 18.59 23.12
C ASP B 90 -11.62 18.90 21.66
N ALA B 91 -11.90 20.14 21.25
CA ALA B 91 -11.69 20.60 19.89
C ALA B 91 -10.17 20.71 19.67
N VAL B 92 -9.72 20.43 18.44
CA VAL B 92 -8.30 20.55 18.10
C VAL B 92 -7.93 22.03 17.93
N ALA B 93 -6.87 22.47 18.62
CA ALA B 93 -6.35 23.85 18.55
C ALA B 93 -5.17 23.89 17.61
N LEU B 94 -4.20 22.99 17.81
CA LEU B 94 -2.98 22.96 17.03
C LEU B 94 -2.70 21.63 16.40
N LEU B 95 -2.14 21.67 15.18
CA LEU B 95 -1.72 20.51 14.40
C LEU B 95 -0.30 20.79 13.95
N HIS B 96 0.61 19.87 14.21
CA HIS B 96 2.01 20.01 13.83
C HIS B 96 2.48 18.64 13.46
N GLU B 97 2.91 18.46 12.20
CA GLU B 97 3.33 17.18 11.65
C GLU B 97 2.17 16.17 11.85
N ALA B 98 2.41 15.02 12.51
CA ALA B 98 1.38 14.00 12.77
C ALA B 98 0.68 14.18 14.14
N ASP B 99 1.04 15.23 14.87
CA ASP B 99 0.51 15.51 16.20
C ASP B 99 -0.60 16.57 16.26
N GLU B 100 -1.47 16.42 17.28
CA GLU B 100 -2.59 17.31 17.55
C GLU B 100 -2.62 17.72 19.03
N LEU B 101 -3.10 18.93 19.32
CA LEU B 101 -3.23 19.47 20.70
C LEU B 101 -4.59 20.09 20.81
N THR B 102 -5.39 19.63 21.78
CA THR B 102 -6.73 20.16 21.98
C THR B 102 -6.67 21.53 22.67
N TYR B 103 -7.79 22.27 22.68
CA TYR B 103 -7.90 23.56 23.37
C TYR B 103 -7.63 23.37 24.86
N GLY B 104 -8.26 22.33 25.44
CA GLY B 104 -8.13 21.98 26.85
C GLY B 104 -6.71 21.61 27.26
N ALA B 105 -6.06 20.77 26.47
CA ALA B 105 -4.70 20.34 26.78
C ALA B 105 -3.72 21.51 26.63
N LEU B 106 -3.90 22.38 25.60
CA LEU B 106 -3.10 23.58 25.35
C LEU B 106 -3.27 24.57 26.53
N ASN B 107 -4.51 24.77 26.98
CA ASN B 107 -4.83 25.64 28.13
C ASN B 107 -4.13 25.16 29.40
N GLU B 108 -4.19 23.84 29.71
CA GLU B 108 -3.52 23.23 30.86
C GLU B 108 -1.98 23.39 30.84
N ARG B 109 -1.34 23.08 29.70
CA ARG B 109 0.11 23.21 29.52
C ARG B 109 0.56 24.67 29.71
N ALA B 110 -0.19 25.62 29.10
CA ALA B 110 0.11 27.05 29.20
C ALA B 110 -0.11 27.57 30.61
N ASN B 111 -1.12 27.03 31.33
CA ASN B 111 -1.36 27.41 32.73
C ASN B 111 -0.24 26.93 33.67
N ARG B 112 0.25 25.71 33.45
CA ARG B 112 1.35 25.15 34.24
C ARG B 112 2.60 26.03 34.15
N LEU B 113 2.93 26.45 32.93
CA LEU B 113 4.08 27.32 32.65
C LEU B 113 3.87 28.73 33.17
N ALA B 114 2.66 29.30 33.00
CA ALA B 114 2.35 30.66 33.46
C ALA B 114 2.55 30.81 34.98
N HIS B 115 2.10 29.81 35.75
CA HIS B 115 2.28 29.82 37.20
C HIS B 115 3.78 29.91 37.54
N ARG B 116 4.62 29.11 36.82
CA ARG B 116 6.09 29.12 36.97
C ARG B 116 6.62 30.53 36.64
N LEU B 117 6.09 31.15 35.58
CA LEU B 117 6.48 32.51 35.20
C LEU B 117 6.18 33.54 36.28
N VAL B 118 4.97 33.46 36.91
CA VAL B 118 4.56 34.34 38.00
C VAL B 118 5.53 34.23 39.19
N GLY B 119 5.93 32.99 39.51
CA GLY B 119 6.88 32.70 40.58
C GLY B 119 8.26 33.28 40.30
N LEU B 120 8.60 33.46 39.01
CA LEU B 120 9.88 34.03 38.58
C LEU B 120 9.87 35.59 38.42
N GLY B 121 8.74 36.24 38.73
CA GLY B 121 8.66 37.68 38.65
C GLY B 121 7.84 38.26 37.52
N VAL B 122 7.15 37.43 36.73
CA VAL B 122 6.34 37.94 35.61
C VAL B 122 5.07 38.58 36.14
N ALA B 123 4.77 39.77 35.64
CA ALA B 123 3.60 40.54 36.06
C ALA B 123 3.30 41.52 34.92
N PRO B 124 2.13 42.21 34.90
CA PRO B 124 1.91 43.23 33.87
C PRO B 124 3.04 44.28 33.87
N GLY B 125 3.53 44.61 32.68
CA GLY B 125 4.67 45.50 32.53
C GLY B 125 5.98 44.75 32.31
N THR B 126 5.99 43.39 32.45
CA THR B 126 7.19 42.58 32.23
C THR B 126 7.17 41.94 30.82
N LEU B 127 8.34 41.90 30.16
CA LEU B 127 8.50 41.28 28.87
C LEU B 127 9.27 39.98 29.00
N VAL B 128 8.92 38.98 28.18
CA VAL B 128 9.56 37.65 28.18
C VAL B 128 9.95 37.25 26.75
N GLY B 129 11.22 36.94 26.55
CA GLY B 129 11.71 36.44 25.28
C GLY B 129 11.32 34.99 25.11
N VAL B 130 10.87 34.63 23.91
CA VAL B 130 10.52 33.26 23.57
C VAL B 130 11.43 32.85 22.39
N HIS B 131 12.39 31.95 22.65
CA HIS B 131 13.34 31.46 21.68
C HIS B 131 13.09 29.96 21.43
N LEU B 132 12.20 29.66 20.50
CA LEU B 132 11.78 28.30 20.20
C LEU B 132 11.45 28.14 18.71
N GLU B 133 11.68 26.96 18.19
CA GLU B 133 11.33 26.57 16.83
C GLU B 133 9.80 26.37 16.77
N ARG B 134 9.19 26.53 15.57
CA ARG B 134 7.76 26.39 15.35
C ARG B 134 7.30 24.99 15.74
N GLY B 135 6.34 24.93 16.66
CA GLY B 135 5.77 23.72 17.23
C GLY B 135 4.86 24.06 18.37
N PHE B 136 4.32 23.04 19.07
CA PHE B 136 3.39 23.27 20.20
C PHE B 136 4.00 24.11 21.33
N ASP B 137 5.29 23.86 21.69
CA ASP B 137 6.01 24.58 22.74
C ASP B 137 6.02 26.06 22.55
N MET B 138 6.20 26.52 21.31
CA MET B 138 6.18 27.94 20.95
C MET B 138 4.87 28.59 21.37
N VAL B 139 3.74 27.93 21.05
CA VAL B 139 2.41 28.43 21.36
C VAL B 139 2.14 28.35 22.86
N VAL B 140 2.59 27.25 23.52
CA VAL B 140 2.45 27.04 24.96
C VAL B 140 3.15 28.19 25.68
N ALA B 141 4.41 28.49 25.29
CA ALA B 141 5.23 29.55 25.88
C ALA B 141 4.61 30.93 25.74
N LEU B 142 4.21 31.31 24.52
CA LEU B 142 3.63 32.61 24.31
C LEU B 142 2.30 32.83 25.05
N LEU B 143 1.42 31.78 25.10
CA LEU B 143 0.14 31.85 25.83
C LEU B 143 0.42 31.93 27.33
N ALA B 144 1.47 31.24 27.80
CA ALA B 144 1.88 31.27 29.22
C ALA B 144 2.33 32.66 29.63
N VAL B 145 3.06 33.35 28.76
CA VAL B 145 3.53 34.72 29.01
C VAL B 145 2.33 35.65 29.19
N LEU B 146 1.34 35.55 28.28
CA LEU B 146 0.12 36.35 28.30
C LEU B 146 -0.70 36.06 29.53
N LYS B 147 -0.86 34.75 29.86
CA LYS B 147 -1.60 34.30 31.04
C LYS B 147 -0.99 34.84 32.33
N ALA B 148 0.36 35.02 32.35
CA ALA B 148 1.07 35.54 33.52
C ALA B 148 1.01 37.08 33.62
N GLY B 149 0.35 37.71 32.63
CA GLY B 149 0.16 39.16 32.55
C GLY B 149 1.26 39.89 31.83
N GLY B 150 2.25 39.17 31.33
CA GLY B 150 3.35 39.78 30.60
C GLY B 150 3.15 39.89 29.09
N GLY B 151 4.20 40.37 28.43
CA GLY B 151 4.26 40.52 26.99
C GLY B 151 5.39 39.68 26.46
N TYR B 152 5.20 39.02 25.32
CA TYR B 152 6.21 38.17 24.74
C TYR B 152 6.90 38.85 23.55
N THR B 153 8.09 38.36 23.23
CA THR B 153 8.82 38.75 22.04
C THR B 153 9.35 37.45 21.42
N MET B 154 8.88 37.14 20.19
CA MET B 154 9.28 35.94 19.49
C MET B 154 10.68 36.11 18.95
N LEU B 155 11.59 35.23 19.37
CA LEU B 155 12.97 35.30 18.93
C LEU B 155 13.12 34.13 17.97
N ASP B 156 13.01 34.45 16.67
CA ASP B 156 13.06 33.51 15.56
C ASP B 156 14.42 32.83 15.47
N PRO B 157 14.49 31.50 15.75
CA PRO B 157 15.80 30.81 15.73
C PRO B 157 16.55 30.78 14.38
N GLN B 158 15.92 31.20 13.26
CA GLN B 158 16.59 31.24 11.93
C GLN B 158 17.60 32.40 11.86
N PHE B 159 17.43 33.43 12.70
CA PHE B 159 18.28 34.61 12.76
C PHE B 159 19.57 34.44 13.54
N PRO B 160 20.64 35.20 13.20
CA PRO B 160 21.90 35.08 13.95
C PRO B 160 21.71 35.50 15.41
N VAL B 161 22.42 34.80 16.31
CA VAL B 161 22.43 35.00 17.76
C VAL B 161 22.64 36.46 18.15
N GLU B 162 23.51 37.19 17.42
CA GLU B 162 23.83 38.62 17.66
C GLU B 162 22.59 39.47 17.47
N ARG B 163 21.81 39.22 16.41
CA ARG B 163 20.59 39.96 16.11
C ARG B 163 19.52 39.68 17.19
N LEU B 164 19.35 38.40 17.57
CA LEU B 164 18.42 37.92 18.63
C LEU B 164 18.78 38.51 19.99
N ALA B 165 20.09 38.53 20.34
CA ALA B 165 20.63 39.09 21.58
C ALA B 165 20.38 40.58 21.67
N LEU B 166 20.58 41.31 20.55
CA LEU B 166 20.35 42.77 20.52
C LEU B 166 18.88 43.11 20.73
N SER B 167 17.97 42.37 20.05
CA SER B 167 16.52 42.53 20.17
C SER B 167 16.07 42.27 21.61
N LEU B 168 16.54 41.17 22.22
CA LEU B 168 16.23 40.82 23.61
C LEU B 168 16.73 41.92 24.58
N GLU B 169 17.97 42.44 24.36
CA GLU B 169 18.57 43.53 25.13
C GLU B 169 17.66 44.78 25.07
N ASP B 170 17.19 45.16 23.86
CA ASP B 170 16.31 46.31 23.62
C ASP B 170 15.00 46.25 24.39
N THR B 171 14.41 45.07 24.56
CA THR B 171 13.14 44.92 25.29
C THR B 171 13.34 45.11 26.81
N GLY B 172 14.52 44.81 27.29
CA GLY B 172 14.84 44.81 28.72
C GLY B 172 14.24 43.61 29.44
N ALA B 173 13.73 42.61 28.68
CA ALA B 173 13.11 41.39 29.22
C ALA B 173 14.04 40.69 30.20
N PRO B 174 13.62 40.47 31.47
CA PRO B 174 14.54 39.77 32.41
C PRO B 174 14.49 38.25 32.30
N LEU B 175 13.59 37.71 31.45
CA LEU B 175 13.40 36.26 31.30
C LEU B 175 13.34 35.80 29.86
N LEU B 176 13.80 34.56 29.65
CA LEU B 176 13.81 33.91 28.35
C LEU B 176 13.29 32.50 28.50
N VAL B 177 12.34 32.15 27.66
CA VAL B 177 11.80 30.78 27.56
C VAL B 177 12.43 30.13 26.31
N THR B 178 13.14 29.03 26.50
CA THR B 178 13.80 28.27 25.42
C THR B 178 13.64 26.77 25.64
N SER B 179 14.32 25.97 24.80
CA SER B 179 14.28 24.51 24.86
C SER B 179 15.68 23.96 25.19
N ARG B 180 15.77 22.68 25.62
CA ARG B 180 17.06 22.04 25.91
C ARG B 180 17.96 22.04 24.64
N PRO B 181 17.47 21.74 23.39
CA PRO B 181 18.35 21.84 22.21
C PRO B 181 18.88 23.25 21.89
N LEU B 182 18.07 24.31 22.13
CA LEU B 182 18.48 25.70 21.87
C LEU B 182 19.29 26.32 23.01
N SER B 183 19.44 25.59 24.11
CA SER B 183 20.16 26.01 25.31
C SER B 183 21.59 26.43 25.03
N GLY B 184 21.96 27.60 25.59
CA GLY B 184 23.30 28.15 25.44
C GLY B 184 23.53 29.06 24.25
N ARG B 185 22.56 29.17 23.37
CA ARG B 185 22.69 30.04 22.20
C ARG B 185 22.60 31.52 22.60
N LEU B 186 21.61 31.86 23.41
CA LEU B 186 21.35 33.20 23.96
C LEU B 186 21.74 33.17 25.46
N THR B 187 22.78 33.95 25.87
CA THR B 187 23.25 33.93 27.28
C THR B 187 23.04 35.21 28.15
N GLY B 188 22.51 36.27 27.59
CA GLY B 188 22.37 37.47 28.40
C GLY B 188 21.23 37.55 29.40
N THR B 189 20.48 36.43 29.70
CA THR B 189 19.23 36.52 30.45
C THR B 189 18.87 35.24 31.22
N THR B 190 18.12 35.40 32.34
CA THR B 190 17.58 34.28 33.11
C THR B 190 16.69 33.44 32.18
N THR B 191 17.00 32.15 32.12
CA THR B 191 16.40 31.22 31.19
C THR B 191 15.60 30.13 31.85
N LEU B 192 14.42 29.89 31.30
CA LEU B 192 13.59 28.76 31.70
C LEU B 192 13.26 27.89 30.52
N TYR B 193 13.02 26.62 30.81
CA TYR B 193 12.74 25.61 29.81
C TYR B 193 11.27 25.27 29.74
N VAL B 194 10.74 25.24 28.51
CA VAL B 194 9.34 24.96 28.25
C VAL B 194 8.91 23.60 28.72
N GLU B 195 9.76 22.60 28.49
CA GLU B 195 9.52 21.20 28.76
C GLU B 195 8.89 20.92 30.13
N ASP B 196 7.70 20.26 30.07
CA ASP B 196 6.86 19.88 31.20
C ASP B 196 7.29 18.50 31.75
N SER B 200 1.82 16.76 36.82
CA SER B 200 2.46 16.92 38.13
C SER B 200 1.51 17.57 39.17
N ASP B 201 2.00 17.75 40.44
CA ASP B 201 1.30 18.42 41.56
C ASP B 201 1.13 19.93 41.23
N ALA B 202 1.67 20.34 40.06
CA ALA B 202 1.70 21.70 39.53
C ALA B 202 0.33 22.40 39.34
N PRO B 203 0.19 23.64 39.91
CA PRO B 203 -1.02 24.45 39.66
C PRO B 203 -1.27 24.55 38.15
N ALA B 204 -2.50 24.21 37.74
CA ALA B 204 -2.87 24.15 36.32
C ALA B 204 -4.12 24.97 35.90
N GLY B 205 -4.67 25.77 36.83
CA GLY B 205 -5.84 26.60 36.60
C GLY B 205 -5.53 27.95 35.98
N ASN B 206 -6.58 28.64 35.47
CA ASN B 206 -6.39 29.97 34.88
C ASN B 206 -5.98 30.97 35.95
N LEU B 207 -5.12 31.93 35.57
CA LEU B 207 -4.55 32.92 36.50
C LEU B 207 -5.29 34.25 36.58
N ALA B 208 -5.30 34.86 37.79
CA ALA B 208 -5.87 36.18 38.02
C ALA B 208 -4.68 37.12 38.29
N THR B 209 -4.24 37.85 37.27
CA THR B 209 -3.04 38.68 37.39
C THR B 209 -3.29 40.20 37.45
N GLY B 210 -4.44 40.63 36.96
CA GLY B 210 -4.75 42.04 36.91
C GLY B 210 -4.41 42.70 35.58
N VAL B 211 -4.07 41.91 34.51
CA VAL B 211 -3.82 42.43 33.16
C VAL B 211 -5.10 43.07 32.66
N GLY B 212 -4.93 44.07 31.82
CA GLY B 212 -6.02 44.73 31.10
C GLY B 212 -5.67 44.81 29.62
N PRO B 213 -6.67 45.16 28.76
CA PRO B 213 -6.40 45.31 27.31
C PRO B 213 -5.30 46.30 26.90
N GLU B 214 -4.99 47.31 27.74
CA GLU B 214 -3.94 48.29 27.41
C GLU B 214 -2.55 47.84 27.77
N ASP B 215 -2.45 46.69 28.44
CA ASP B 215 -1.16 46.10 28.79
C ASP B 215 -0.52 45.48 27.57
N VAL B 216 0.82 45.50 27.52
CA VAL B 216 1.61 44.98 26.41
C VAL B 216 1.38 43.46 26.25
N ALA B 217 1.09 43.02 25.00
CA ALA B 217 0.90 41.61 24.67
C ALA B 217 2.12 41.09 23.93
N CYS B 218 2.75 41.94 23.08
CA CYS B 218 3.90 41.54 22.28
C CYS B 218 4.82 42.64 21.86
N VAL B 219 6.04 42.25 21.50
CA VAL B 219 7.06 43.13 20.94
C VAL B 219 7.52 42.44 19.65
N MET B 220 7.25 43.09 18.51
CA MET B 220 7.60 42.58 17.19
C MET B 220 8.76 43.39 16.64
N PHE B 221 9.86 42.73 16.28
CA PHE B 221 11.04 43.42 15.78
C PHE B 221 11.12 43.57 14.27
N THR B 222 11.58 44.80 13.82
CA THR B 222 11.78 45.15 12.39
C THR B 222 13.10 44.55 11.86
N SER B 223 13.20 44.48 10.50
CA SER B 223 14.37 44.01 9.74
C SER B 223 15.53 45.02 9.84
N ARG B 228 19.42 48.71 12.56
CA ARG B 228 19.15 48.61 13.99
C ARG B 228 17.65 48.30 14.21
N PRO B 229 17.30 47.05 14.56
CA PRO B 229 15.86 46.72 14.69
C PRO B 229 15.09 47.52 15.72
N LYS B 230 13.86 47.85 15.34
CA LYS B 230 12.91 48.61 16.14
C LYS B 230 11.91 47.59 16.71
N GLY B 231 11.70 47.60 18.03
CA GLY B 231 10.75 46.66 18.62
C GLY B 231 9.41 47.30 18.87
N VAL B 232 8.44 46.96 18.03
CA VAL B 232 7.11 47.56 18.15
C VAL B 232 6.32 46.91 19.32
N MET B 233 6.01 47.68 20.39
CA MET B 233 5.25 47.13 21.49
C MET B 233 3.81 47.46 21.44
N SER B 234 3.01 46.39 21.36
CA SER B 234 1.58 46.45 21.18
C SER B 234 0.77 45.90 22.34
N PRO B 235 -0.34 46.61 22.73
CA PRO B 235 -1.21 46.09 23.80
C PRO B 235 -2.11 44.97 23.30
N HIS B 236 -2.77 44.25 24.22
CA HIS B 236 -3.74 43.19 23.91
C HIS B 236 -4.82 43.69 22.91
N ARG B 237 -5.32 44.92 23.16
CA ARG B 237 -6.31 45.68 22.41
C ARG B 237 -5.95 45.81 20.92
N ALA B 238 -4.66 45.93 20.58
CA ALA B 238 -4.20 46.01 19.19
C ALA B 238 -4.40 44.70 18.44
N LEU B 239 -4.22 43.58 19.14
CA LEU B 239 -4.42 42.24 18.61
C LEU B 239 -5.94 41.93 18.50
N THR B 240 -6.70 42.09 19.60
CA THR B 240 -8.14 41.84 19.58
C THR B 240 -8.89 42.76 18.60
N GLY B 241 -8.40 43.99 18.41
CA GLY B 241 -8.99 44.98 17.51
C GLY B 241 -8.79 44.61 16.04
N THR B 242 -7.73 43.83 15.76
CA THR B 242 -7.40 43.38 14.41
C THR B 242 -8.09 42.07 14.06
N TYR B 243 -8.22 41.15 15.03
CA TYR B 243 -8.78 39.81 14.80
C TYR B 243 -10.28 39.66 15.13
N LEU B 244 -10.85 40.54 15.98
CA LEU B 244 -12.29 40.50 16.28
C LEU B 244 -13.06 41.59 15.56
N GLY B 245 -14.35 41.32 15.31
CA GLY B 245 -15.29 42.22 14.65
C GLY B 245 -14.87 42.66 13.26
N GLN B 246 -14.24 41.73 12.51
CA GLN B 246 -13.72 41.93 11.16
C GLN B 246 -14.33 40.94 10.17
N ASP B 247 -14.42 41.34 8.87
CA ASP B 247 -15.04 40.48 7.86
C ASP B 247 -14.22 40.21 6.61
N TYR B 248 -12.90 40.50 6.66
CA TYR B 248 -12.01 40.28 5.51
C TYR B 248 -11.68 38.81 5.23
N ALA B 249 -11.90 37.93 6.22
CA ALA B 249 -11.77 36.48 6.13
C ALA B 249 -12.90 35.85 6.98
N GLY B 250 -13.01 34.52 6.93
CA GLY B 250 -13.96 33.76 7.71
C GLY B 250 -13.32 33.44 9.04
N PHE B 251 -14.05 33.71 10.15
CA PHE B 251 -13.59 33.49 11.50
C PHE B 251 -14.62 32.68 12.25
N GLY B 252 -14.23 31.50 12.72
CA GLY B 252 -15.15 30.59 13.40
C GLY B 252 -14.53 29.24 13.67
N PRO B 253 -15.20 28.37 14.46
CA PRO B 253 -14.59 27.06 14.80
C PRO B 253 -14.37 26.09 13.64
N ASP B 254 -15.06 26.30 12.51
CA ASP B 254 -14.97 25.48 11.30
C ASP B 254 -13.82 25.85 10.37
N GLU B 255 -13.10 26.92 10.72
CA GLU B 255 -11.93 27.38 9.97
C GLU B 255 -10.68 26.56 10.33
N VAL B 256 -9.72 26.52 9.38
CA VAL B 256 -8.44 25.82 9.50
C VAL B 256 -7.41 26.78 8.96
N PHE B 257 -6.62 27.40 9.86
CA PHE B 257 -5.60 28.36 9.45
C PHE B 257 -4.24 27.68 9.40
N LEU B 258 -3.31 28.29 8.68
CA LEU B 258 -1.96 27.78 8.49
C LEU B 258 -0.98 28.82 9.05
N GLN B 259 -0.29 28.48 10.14
CA GLN B 259 0.72 29.35 10.69
C GLN B 259 2.05 29.07 9.96
N CYS B 260 2.27 29.78 8.85
CA CYS B 260 3.48 29.63 8.04
C CYS B 260 4.34 30.91 7.99
N SER B 261 3.72 32.07 8.22
CA SER B 261 4.39 33.37 8.18
C SER B 261 5.43 33.48 9.30
N PRO B 262 6.53 34.29 9.11
CA PRO B 262 7.57 34.38 10.15
C PRO B 262 6.96 34.77 11.50
N VAL B 263 7.41 34.11 12.57
CA VAL B 263 6.90 34.25 13.94
C VAL B 263 7.11 35.60 14.64
N SER B 264 8.15 36.35 14.24
CA SER B 264 8.53 37.58 14.93
C SER B 264 7.91 38.83 14.36
N TRP B 265 7.16 38.70 13.27
CA TRP B 265 6.53 39.84 12.63
C TRP B 265 5.02 39.83 12.82
N ASP B 266 4.30 40.78 12.23
CA ASP B 266 2.87 40.93 12.47
C ASP B 266 1.91 40.00 11.76
N ALA B 267 2.30 39.36 10.61
CA ALA B 267 1.40 38.42 9.90
C ALA B 267 1.12 37.13 10.75
N PHE B 268 1.94 36.90 11.79
CA PHE B 268 1.86 35.78 12.75
C PHE B 268 0.51 35.70 13.48
N GLY B 269 0.07 36.83 14.03
CA GLY B 269 -1.15 36.96 14.82
C GLY B 269 -2.43 36.51 14.13
N LEU B 270 -2.58 36.84 12.82
CA LEU B 270 -3.77 36.43 12.11
C LEU B 270 -3.87 34.93 12.03
N GLU B 271 -2.75 34.29 11.73
CA GLU B 271 -2.69 32.84 11.56
C GLU B 271 -2.90 32.07 12.86
N LEU B 272 -2.39 32.63 13.98
CA LEU B 272 -2.49 32.04 15.32
C LEU B 272 -3.77 32.44 16.06
N PHE B 273 -3.91 33.75 16.37
CA PHE B 273 -5.03 34.29 17.14
C PHE B 273 -6.34 34.31 16.33
N GLY B 274 -6.26 34.51 15.02
CA GLY B 274 -7.42 34.50 14.15
C GLY B 274 -8.13 33.17 14.23
N ALA B 275 -7.38 32.11 14.57
CA ALA B 275 -7.89 30.75 14.74
C ALA B 275 -8.23 30.51 16.23
N LEU B 276 -7.25 30.67 17.15
CA LEU B 276 -7.41 30.42 18.60
C LEU B 276 -8.51 31.20 19.27
N LEU B 277 -8.71 32.46 18.90
CA LEU B 277 -9.77 33.28 19.50
C LEU B 277 -11.21 32.95 18.98
N PHE B 278 -11.33 32.01 18.02
CA PHE B 278 -12.59 31.57 17.42
C PHE B 278 -12.88 30.07 17.52
N GLY B 279 -11.97 29.27 18.09
CA GLY B 279 -12.19 27.84 18.24
C GLY B 279 -11.74 27.01 17.03
N ALA B 280 -11.15 27.70 16.03
CA ALA B 280 -10.65 27.11 14.79
C ALA B 280 -9.37 26.29 15.00
N ARG B 281 -9.02 25.49 14.02
CA ARG B 281 -7.77 24.73 14.03
C ARG B 281 -6.65 25.62 13.47
N CYS B 282 -5.45 25.43 14.00
CA CYS B 282 -4.28 26.14 13.53
C CYS B 282 -3.18 25.15 13.21
N VAL B 283 -2.85 25.03 11.91
CA VAL B 283 -1.80 24.13 11.43
C VAL B 283 -0.48 24.89 11.50
N LEU B 284 0.52 24.33 12.20
CA LEU B 284 1.86 24.95 12.33
C LEU B 284 2.77 24.31 11.30
N GLN B 285 3.37 25.12 10.44
CA GLN B 285 4.29 24.59 9.45
C GLN B 285 5.67 24.33 10.12
N SER B 286 6.32 23.21 9.78
CA SER B 286 7.68 22.98 10.27
C SER B 286 8.57 23.88 9.44
N GLY B 287 9.59 24.47 10.06
CA GLY B 287 10.44 25.42 9.38
C GLY B 287 9.98 26.81 9.71
N GLN B 288 10.95 27.75 9.78
CA GLN B 288 10.74 29.14 10.20
C GLN B 288 10.21 30.05 9.09
N ASN B 289 10.39 29.63 7.83
CA ASN B 289 9.91 30.44 6.70
C ASN B 289 8.83 29.75 5.90
N PRO B 290 7.87 30.51 5.32
CA PRO B 290 6.83 29.86 4.47
C PRO B 290 7.47 29.06 3.35
N ASP B 291 7.14 27.78 3.32
CA ASP B 291 7.68 26.79 2.39
C ASP B 291 6.57 26.44 1.41
N PRO B 292 6.66 26.95 0.15
CA PRO B 292 5.57 26.70 -0.84
C PRO B 292 5.16 25.24 -1.07
N LEU B 293 6.14 24.33 -1.15
CA LEU B 293 5.87 22.90 -1.36
C LEU B 293 5.21 22.28 -0.14
N GLU B 294 5.64 22.68 1.06
CA GLU B 294 5.06 22.23 2.31
C GLU B 294 3.63 22.76 2.49
N ILE B 295 3.40 24.03 2.11
CA ILE B 295 2.08 24.65 2.13
C ILE B 295 1.06 23.82 1.34
N GLY B 296 1.39 23.48 0.09
CA GLY B 296 0.55 22.66 -0.77
C GLY B 296 0.16 21.33 -0.13
N GLU B 297 1.14 20.68 0.52
CA GLU B 297 0.92 19.41 1.21
C GLU B 297 0.06 19.54 2.45
N LEU B 298 0.27 20.62 3.24
CA LEU B 298 -0.49 20.91 4.46
C LEU B 298 -1.93 21.27 4.18
N VAL B 299 -2.18 22.00 3.07
CA VAL B 299 -3.53 22.38 2.65
C VAL B 299 -4.35 21.11 2.36
N ALA B 300 -3.77 20.17 1.60
CA ALA B 300 -4.39 18.90 1.24
C ALA B 300 -4.65 18.01 2.44
N ARG B 301 -3.68 17.92 3.37
CA ARG B 301 -3.74 17.07 4.55
C ARG B 301 -4.79 17.56 5.59
N HIS B 302 -4.88 18.87 5.80
CA HIS B 302 -5.73 19.42 6.85
C HIS B 302 -6.99 20.18 6.41
N GLY B 303 -7.16 20.39 5.12
CA GLY B 303 -8.31 21.14 4.62
C GLY B 303 -8.26 22.58 5.06
N VAL B 304 -7.08 23.23 4.88
CA VAL B 304 -6.83 24.65 5.21
C VAL B 304 -7.86 25.51 4.47
N THR B 305 -8.56 26.38 5.22
CA THR B 305 -9.64 27.24 4.71
C THR B 305 -9.18 28.67 4.37
N MET B 306 -8.04 29.11 4.92
CA MET B 306 -7.52 30.46 4.68
C MET B 306 -5.99 30.45 4.58
N LEU B 307 -5.46 31.15 3.55
CA LEU B 307 -4.02 31.32 3.33
C LEU B 307 -3.66 32.80 3.34
N GLN B 308 -2.63 33.16 4.14
CA GLN B 308 -2.11 34.52 4.20
C GLN B 308 -0.72 34.49 3.58
N LEU B 309 -0.55 35.21 2.47
CA LEU B 309 0.67 35.12 1.69
C LEU B 309 1.19 36.46 1.20
N SER B 310 2.52 36.54 0.96
CA SER B 310 3.12 37.71 0.34
C SER B 310 2.75 37.57 -1.12
N ALA B 311 2.83 38.66 -1.89
CA ALA B 311 2.50 38.64 -3.33
C ALA B 311 3.37 37.60 -4.09
N SER B 312 4.67 37.55 -3.79
CA SER B 312 5.63 36.63 -4.45
C SER B 312 5.33 35.16 -4.12
N LEU B 313 4.92 34.87 -2.87
CA LEU B 313 4.56 33.50 -2.47
C LEU B 313 3.30 33.06 -3.19
N PHE B 314 2.31 33.97 -3.25
CA PHE B 314 1.05 33.79 -3.98
C PHE B 314 1.34 33.47 -5.45
N ASN B 315 2.20 34.28 -6.13
CA ASN B 315 2.51 34.10 -7.54
C ASN B 315 3.17 32.75 -7.81
N PHE B 316 4.11 32.34 -6.96
CA PHE B 316 4.80 31.06 -7.09
C PHE B 316 3.79 29.90 -6.94
N LEU B 317 2.94 29.97 -5.87
CA LEU B 317 1.92 28.96 -5.59
C LEU B 317 0.96 28.83 -6.75
N VAL B 318 0.45 29.98 -7.28
CA VAL B 318 -0.50 30.03 -8.41
C VAL B 318 0.03 29.25 -9.62
N ASP B 319 1.33 29.45 -9.93
CA ASP B 319 2.04 28.84 -11.06
C ASP B 319 2.60 27.46 -10.84
N GLU B 320 3.19 27.20 -9.65
CA GLU B 320 3.90 25.96 -9.37
C GLU B 320 3.22 24.98 -8.45
N VAL B 321 2.46 25.45 -7.46
CA VAL B 321 1.74 24.59 -6.52
C VAL B 321 0.24 24.95 -6.56
N PRO B 322 -0.45 24.84 -7.74
CA PRO B 322 -1.88 25.25 -7.80
C PRO B 322 -2.79 24.52 -6.82
N GLU B 323 -2.42 23.32 -6.42
CA GLU B 323 -3.15 22.50 -5.44
C GLU B 323 -3.15 23.09 -4.02
N ALA B 324 -2.38 24.17 -3.79
CA ALA B 324 -2.35 24.87 -2.49
C ALA B 324 -3.64 25.69 -2.26
N PHE B 325 -4.46 25.88 -3.31
CA PHE B 325 -5.72 26.64 -3.25
C PHE B 325 -6.97 25.74 -3.32
N GLU B 326 -6.76 24.40 -3.40
CA GLU B 326 -7.87 23.46 -3.44
C GLU B 326 -8.53 23.37 -2.07
N GLY B 327 -9.81 23.74 -2.03
CA GLY B 327 -10.61 23.78 -0.81
C GLY B 327 -10.48 25.05 0.01
N VAL B 328 -9.56 25.94 -0.41
CA VAL B 328 -9.29 27.20 0.27
C VAL B 328 -10.39 28.20 -0.07
N ARG B 329 -10.94 28.85 0.95
CA ARG B 329 -12.05 29.83 0.84
C ARG B 329 -11.48 31.22 0.59
N TYR B 330 -10.44 31.59 1.36
CA TYR B 330 -9.81 32.90 1.28
C TYR B 330 -8.30 32.83 1.08
N ALA B 331 -7.78 33.65 0.14
CA ALA B 331 -6.36 33.81 -0.07
C ALA B 331 -6.10 35.30 0.01
N ILE B 332 -5.41 35.75 1.11
CA ILE B 332 -5.12 37.17 1.31
C ILE B 332 -3.64 37.45 1.08
N THR B 333 -3.34 38.43 0.18
CA THR B 333 -1.97 38.90 -0.12
C THR B 333 -1.58 40.06 0.77
N GLY B 334 -0.29 40.30 0.92
CA GLY B 334 0.24 41.28 1.88
C GLY B 334 0.34 42.75 1.53
N GLY B 335 -0.34 43.19 0.47
CA GLY B 335 -0.34 44.58 0.03
C GLY B 335 0.84 44.99 -0.82
N GLU B 336 1.81 44.03 -1.03
CA GLU B 336 3.04 44.18 -1.82
C GLU B 336 2.65 44.38 -3.26
N PRO B 337 3.47 45.03 -4.16
CA PRO B 337 3.06 45.13 -5.57
C PRO B 337 2.58 43.78 -6.14
N ALA B 338 1.25 43.67 -6.32
CA ALA B 338 0.60 42.46 -6.79
C ALA B 338 0.78 42.26 -8.28
N SER B 339 0.71 40.99 -8.72
CA SER B 339 0.75 40.66 -10.13
C SER B 339 -0.69 40.31 -10.51
N VAL B 340 -1.38 41.28 -11.13
CA VAL B 340 -2.76 41.17 -11.60
C VAL B 340 -2.94 39.93 -12.53
N PRO B 341 -1.98 39.57 -13.44
CA PRO B 341 -2.11 38.31 -14.22
C PRO B 341 -2.19 37.05 -13.36
N HIS B 342 -1.48 37.02 -12.22
CA HIS B 342 -1.52 35.89 -11.29
C HIS B 342 -2.81 35.89 -10.50
N VAL B 343 -3.35 37.07 -10.18
CA VAL B 343 -4.62 37.22 -9.47
C VAL B 343 -5.76 36.74 -10.40
N ALA B 344 -5.67 37.10 -11.68
CA ALA B 344 -6.61 36.68 -12.72
C ALA B 344 -6.53 35.16 -12.96
N LYS B 345 -5.29 34.58 -12.93
CA LYS B 345 -5.03 33.15 -13.11
C LYS B 345 -5.64 32.34 -11.97
N ALA B 346 -5.51 32.85 -10.73
CA ALA B 346 -6.07 32.21 -9.51
C ALA B 346 -7.60 32.15 -9.60
N ARG B 347 -8.23 33.23 -10.10
CA ARG B 347 -9.70 33.32 -10.29
C ARG B 347 -10.22 32.30 -11.31
N ARG B 348 -9.46 32.08 -12.41
CA ARG B 348 -9.76 31.13 -13.46
C ARG B 348 -9.63 29.69 -12.95
N ASP B 349 -8.49 29.38 -12.28
CA ASP B 349 -8.18 28.05 -11.78
C ASP B 349 -9.03 27.63 -10.57
N HIS B 350 -9.36 28.58 -9.67
CA HIS B 350 -10.10 28.32 -8.44
C HIS B 350 -11.27 29.30 -8.35
N PRO B 351 -12.40 28.98 -9.04
CA PRO B 351 -13.55 29.91 -9.08
C PRO B 351 -14.23 30.23 -7.74
N ALA B 352 -14.12 29.32 -6.76
CA ALA B 352 -14.70 29.47 -5.42
C ALA B 352 -13.77 30.22 -4.45
N LEU B 353 -12.50 30.47 -4.86
CA LEU B 353 -11.54 31.18 -4.03
C LEU B 353 -11.83 32.69 -3.96
N ARG B 354 -12.00 33.20 -2.75
CA ARG B 354 -12.19 34.63 -2.49
C ARG B 354 -10.77 35.19 -2.30
N LEU B 355 -10.49 36.29 -3.00
CA LEU B 355 -9.17 36.91 -2.96
C LEU B 355 -9.19 38.29 -2.31
N GLY B 356 -8.17 38.54 -1.49
CA GLY B 356 -8.00 39.80 -0.79
C GLY B 356 -6.60 40.34 -0.78
N ASN B 357 -6.47 41.65 -0.63
CA ASN B 357 -5.20 42.36 -0.54
C ASN B 357 -5.23 43.19 0.75
N GLY B 358 -4.48 42.74 1.75
CA GLY B 358 -4.33 43.45 3.01
C GLY B 358 -3.18 44.43 2.92
N TYR B 359 -3.13 45.40 3.81
CA TYR B 359 -2.04 46.37 3.88
C TYR B 359 -1.93 46.92 5.30
N GLY B 360 -0.71 47.22 5.72
CA GLY B 360 -0.46 47.90 6.96
C GLY B 360 0.90 47.66 7.58
N PRO B 361 1.47 48.67 8.27
CA PRO B 361 2.73 48.42 9.01
C PRO B 361 2.44 47.65 10.32
N ALA B 362 3.46 47.04 10.96
CA ALA B 362 3.31 46.30 12.22
C ALA B 362 2.87 47.23 13.34
N GLU B 363 3.24 48.51 13.22
CA GLU B 363 2.90 49.60 14.15
C GLU B 363 1.40 49.84 14.25
N SER B 364 0.60 49.29 13.30
CA SER B 364 -0.86 49.40 13.30
C SER B 364 -1.56 48.02 13.34
N MET B 365 -0.77 46.96 13.59
CA MET B 365 -1.19 45.55 13.75
C MET B 365 -1.87 44.87 12.56
N GLY B 366 -1.15 43.93 11.95
CA GLY B 366 -1.66 43.15 10.83
C GLY B 366 -2.12 44.08 9.74
N PHE B 367 -3.34 43.85 9.24
CA PHE B 367 -3.91 44.71 8.23
C PHE B 367 -4.56 45.92 8.88
N THR B 368 -4.30 47.10 8.33
CA THR B 368 -4.97 48.35 8.70
C THR B 368 -6.08 48.51 7.66
N THR B 369 -5.74 48.30 6.36
CA THR B 369 -6.70 48.34 5.26
C THR B 369 -6.77 46.96 4.59
N HIS B 370 -7.86 46.69 3.87
CA HIS B 370 -8.07 45.45 3.14
C HIS B 370 -8.94 45.72 1.94
N HIS B 371 -8.63 45.07 0.80
CA HIS B 371 -9.42 45.15 -0.40
C HIS B 371 -9.87 43.76 -0.82
N ALA B 372 -11.19 43.57 -0.95
CA ALA B 372 -11.78 42.34 -1.46
C ALA B 372 -11.69 42.44 -3.00
N VAL B 373 -10.99 41.50 -3.65
CA VAL B 373 -10.81 41.52 -5.10
C VAL B 373 -12.14 41.30 -5.84
N VAL B 374 -12.43 42.18 -6.80
CA VAL B 374 -13.61 42.20 -7.66
C VAL B 374 -13.19 42.06 -9.14
N ALA B 375 -14.15 41.67 -10.02
CA ALA B 375 -13.92 41.50 -11.47
C ALA B 375 -13.24 42.71 -12.13
N GLY B 376 -13.64 43.92 -11.75
CA GLY B 376 -13.10 45.18 -12.25
C GLY B 376 -11.62 45.43 -11.99
N ASP B 377 -11.04 44.83 -10.92
CA ASP B 377 -9.63 44.98 -10.55
C ASP B 377 -8.67 44.30 -11.52
N LEU B 378 -9.17 43.27 -12.24
CA LEU B 378 -8.40 42.44 -13.16
C LEU B 378 -8.01 43.12 -14.47
N SER B 379 -8.67 44.24 -14.79
CA SER B 379 -8.38 45.05 -15.99
C SER B 379 -7.18 45.99 -15.74
N GLY B 380 -6.85 46.21 -14.47
CA GLY B 380 -5.78 47.11 -14.05
C GLY B 380 -4.37 46.53 -14.03
N THR B 381 -3.41 47.35 -13.53
CA THR B 381 -1.98 47.03 -13.45
C THR B 381 -1.55 46.70 -12.04
N ALA B 382 -2.30 47.24 -11.05
CA ALA B 382 -2.04 47.02 -9.63
C ALA B 382 -3.33 46.78 -8.87
N LEU B 383 -3.20 46.18 -7.68
CA LEU B 383 -4.33 45.89 -6.81
C LEU B 383 -4.50 47.01 -5.80
N PRO B 384 -5.75 47.49 -5.54
CA PRO B 384 -5.95 48.51 -4.49
C PRO B 384 -5.65 47.93 -3.10
N ILE B 385 -5.22 48.79 -2.15
CA ILE B 385 -4.94 48.40 -0.77
C ILE B 385 -6.21 48.42 0.08
N GLY B 386 -7.30 48.95 -0.50
CA GLY B 386 -8.66 48.93 0.05
C GLY B 386 -9.13 50.02 0.98
N VAL B 387 -10.00 49.59 1.90
CA VAL B 387 -10.67 50.39 2.92
C VAL B 387 -10.19 49.97 4.33
N PRO B 388 -10.16 50.89 5.35
CA PRO B 388 -9.71 50.46 6.68
C PRO B 388 -10.58 49.37 7.31
N LEU B 389 -10.00 48.61 8.25
CA LEU B 389 -10.75 47.62 9.02
C LEU B 389 -11.68 48.40 10.00
N ALA B 390 -12.68 47.73 10.58
CA ALA B 390 -13.54 48.33 11.59
C ALA B 390 -12.63 48.71 12.81
N GLY B 391 -12.82 49.93 13.32
CA GLY B 391 -12.04 50.43 14.44
C GLY B 391 -10.69 51.02 14.07
N LYS B 392 -10.30 50.91 12.79
CA LYS B 392 -9.03 51.46 12.33
C LYS B 392 -9.31 52.52 11.33
N ARG B 393 -8.32 53.37 11.07
CA ARG B 393 -8.45 54.40 10.06
C ARG B 393 -7.17 54.71 9.34
N ALA B 394 -7.30 55.20 8.10
CA ALA B 394 -6.16 55.52 7.25
C ALA B 394 -6.41 56.85 6.58
N TYR B 395 -5.42 57.76 6.62
CA TYR B 395 -5.47 59.09 5.98
C TYR B 395 -4.38 59.23 4.93
N VAL B 396 -4.66 59.95 3.84
CA VAL B 396 -3.70 60.29 2.79
C VAL B 396 -3.50 61.78 2.95
N LEU B 397 -2.36 62.19 3.54
CA LEU B 397 -2.08 63.59 3.83
C LEU B 397 -0.99 64.26 2.99
N ASP B 398 -1.07 65.58 2.85
CA ASP B 398 -0.06 66.38 2.16
C ASP B 398 0.94 66.95 3.20
N ASP B 399 1.95 67.72 2.74
CA ASP B 399 2.97 68.37 3.56
C ASP B 399 2.39 69.23 4.72
N ASP B 400 1.12 69.71 4.59
CA ASP B 400 0.44 70.52 5.63
C ASP B 400 -0.48 69.69 6.56
N LEU B 401 -0.43 68.34 6.44
CA LEU B 401 -1.24 67.37 7.19
C LEU B 401 -2.73 67.53 6.86
N LYS B 402 -3.01 67.94 5.61
CA LYS B 402 -4.35 68.10 5.08
C LYS B 402 -4.66 66.93 4.14
N PRO B 403 -5.91 66.37 4.16
CA PRO B 403 -6.23 65.25 3.27
C PRO B 403 -5.97 65.58 1.80
N ALA B 404 -5.30 64.67 1.10
CA ALA B 404 -4.93 64.87 -0.30
C ALA B 404 -6.14 64.95 -1.22
N ALA B 405 -6.10 65.94 -2.15
CA ALA B 405 -7.11 66.17 -3.18
C ALA B 405 -7.51 64.81 -3.76
N ASN B 406 -8.80 64.53 -3.92
CA ASN B 406 -9.23 63.21 -4.42
C ASN B 406 -8.52 62.83 -5.72
N GLY B 407 -7.81 61.72 -5.66
CA GLY B 407 -6.99 61.23 -6.77
C GLY B 407 -5.52 61.63 -6.67
N ALA B 408 -5.23 62.71 -5.93
CA ALA B 408 -3.87 63.21 -5.74
C ALA B 408 -3.05 62.40 -4.74
N LEU B 409 -1.74 62.47 -4.93
CA LEU B 409 -0.74 61.78 -4.14
C LEU B 409 -0.51 62.45 -2.80
N GLY B 410 -0.23 61.63 -1.81
CA GLY B 410 0.04 62.06 -0.44
C GLY B 410 0.58 60.93 0.40
N GLU B 411 1.00 61.24 1.63
CA GLU B 411 1.56 60.26 2.52
C GLU B 411 0.48 59.60 3.37
N LEU B 412 0.59 58.29 3.51
CA LEU B 412 -0.33 57.47 4.29
C LEU B 412 -0.02 57.52 5.79
N TYR B 413 -1.05 57.81 6.59
CA TYR B 413 -1.03 57.87 8.05
C TYR B 413 -2.10 56.93 8.57
N VAL B 414 -1.74 56.04 9.49
CA VAL B 414 -2.69 55.06 10.02
C VAL B 414 -3.01 55.30 11.49
N ALA B 415 -4.24 55.00 11.88
CA ALA B 415 -4.71 55.23 13.23
C ALA B 415 -5.77 54.22 13.69
N GLY B 416 -6.17 54.30 14.94
CA GLY B 416 -7.20 53.45 15.49
C GLY B 416 -6.72 52.39 16.43
N ALA B 417 -7.56 51.36 16.58
CA ALA B 417 -7.42 50.22 17.48
C ALA B 417 -6.11 49.41 17.40
N GLY B 418 -5.49 49.32 16.21
CA GLY B 418 -4.29 48.53 16.04
C GLY B 418 -2.98 49.16 16.45
N LEU B 419 -2.97 50.46 16.82
CA LEU B 419 -1.75 51.18 17.16
C LEU B 419 -0.94 50.64 18.33
N ALA B 420 0.35 50.47 18.10
CA ALA B 420 1.35 50.05 19.09
C ALA B 420 1.58 51.20 20.07
N HIS B 421 2.10 50.91 21.28
CA HIS B 421 2.42 51.95 22.26
C HIS B 421 3.65 52.71 21.76
N GLY B 422 4.47 52.04 20.97
CA GLY B 422 5.67 52.61 20.37
C GLY B 422 6.80 51.64 20.16
N TYR B 423 8.03 52.13 20.25
CA TYR B 423 9.21 51.28 20.08
C TYR B 423 9.91 51.16 21.41
N VAL B 424 10.04 49.90 21.93
CA VAL B 424 10.73 49.63 23.21
C VAL B 424 12.04 50.36 23.32
N SER B 425 12.14 51.14 24.38
CA SER B 425 13.28 51.90 24.82
C SER B 425 13.75 52.97 23.83
N ARG B 426 12.87 53.37 22.88
CA ARG B 426 13.17 54.41 21.88
C ARG B 426 12.03 55.47 21.87
N PRO B 427 11.94 56.33 22.91
CA PRO B 427 10.88 57.35 22.95
C PRO B 427 10.98 58.44 21.87
N ALA B 428 12.20 58.79 21.42
CA ALA B 428 12.39 59.85 20.42
C ALA B 428 11.89 59.40 19.07
N LEU B 429 12.25 58.15 18.65
CA LEU B 429 11.79 57.55 17.40
C LEU B 429 10.26 57.40 17.42
N THR B 430 9.69 57.09 18.60
CA THR B 430 8.26 56.97 18.88
C THR B 430 7.54 58.29 18.65
N ALA B 431 8.04 59.38 19.27
CA ALA B 431 7.49 60.73 19.19
C ALA B 431 7.51 61.36 17.79
N GLU B 432 8.38 60.84 16.94
CA GLU B 432 8.70 61.24 15.57
C GLU B 432 7.72 60.60 14.55
N ARG B 433 7.30 59.32 14.79
CA ARG B 433 6.44 58.56 13.87
C ARG B 433 4.99 58.35 14.40
N PHE B 434 4.81 58.22 15.75
CA PHE B 434 3.49 58.09 16.41
C PHE B 434 3.20 59.51 16.86
N VAL B 435 2.58 60.26 15.96
CA VAL B 435 2.31 61.68 16.13
C VAL B 435 0.85 61.94 16.48
N ALA B 436 0.55 63.15 16.97
CA ALA B 436 -0.79 63.57 17.35
C ALA B 436 -1.72 63.56 16.12
N ASP B 437 -2.98 63.12 16.29
CA ASP B 437 -3.94 63.06 15.20
C ASP B 437 -4.79 64.34 15.16
N PRO B 438 -4.68 65.17 14.10
CA PRO B 438 -5.43 66.44 14.05
C PRO B 438 -6.91 66.30 13.74
N PHE B 439 -7.35 65.08 13.41
CA PHE B 439 -8.74 64.78 13.07
C PHE B 439 -9.51 64.13 14.22
N ALA B 440 -8.80 63.67 15.27
CA ALA B 440 -9.37 62.97 16.42
C ALA B 440 -10.15 63.86 17.37
N GLY B 441 -11.17 63.26 18.03
CA GLY B 441 -12.12 63.89 18.96
C GLY B 441 -11.53 64.55 20.20
N PRO B 442 -12.37 64.90 21.22
CA PRO B 442 -11.85 65.58 22.43
C PRO B 442 -10.64 64.92 23.09
N GLY B 443 -10.64 63.59 23.06
CA GLY B 443 -9.54 62.79 23.59
C GLY B 443 -8.38 62.76 22.61
N GLY B 444 -7.18 62.94 23.12
CA GLY B 444 -5.97 62.92 22.30
C GLY B 444 -5.63 61.54 21.76
N GLU B 445 -5.65 61.39 20.43
CA GLU B 445 -5.30 60.14 19.75
C GLU B 445 -4.07 60.35 18.87
N ARG B 446 -3.39 59.27 18.51
CA ARG B 446 -2.20 59.32 17.65
C ARG B 446 -2.45 58.76 16.26
N MET B 447 -1.51 59.03 15.34
CA MET B 447 -1.49 58.51 13.99
C MET B 447 -0.08 58.12 13.65
N TYR B 448 0.09 57.03 12.88
CA TYR B 448 1.39 56.50 12.51
C TYR B 448 1.80 56.92 11.12
N ARG B 449 2.92 57.64 11.05
CA ARG B 449 3.54 58.14 9.82
C ARG B 449 4.17 56.91 9.16
N THR B 450 3.49 56.34 8.17
CA THR B 450 3.96 55.13 7.48
C THR B 450 5.24 55.28 6.64
N GLY B 451 5.33 56.37 5.88
CA GLY B 451 6.42 56.63 4.95
C GLY B 451 6.06 56.16 3.56
N ASP B 452 4.80 55.71 3.38
CA ASP B 452 4.26 55.23 2.11
C ASP B 452 3.44 56.32 1.45
N LEU B 453 3.54 56.39 0.13
CA LEU B 453 2.78 57.31 -0.68
C LEU B 453 1.58 56.54 -1.21
N ALA B 454 0.43 57.19 -1.23
CA ALA B 454 -0.80 56.56 -1.68
C ALA B 454 -1.72 57.59 -2.39
N ARG B 455 -2.77 57.10 -3.07
CA ARG B 455 -3.82 57.87 -3.75
C ARG B 455 -5.17 57.28 -3.33
N ARG B 456 -6.17 58.13 -3.04
CA ARG B 456 -7.52 57.69 -2.64
C ARG B 456 -8.42 57.94 -3.84
N ARG B 457 -9.03 56.88 -4.38
CA ARG B 457 -9.94 57.07 -5.51
C ARG B 457 -11.32 57.59 -5.11
N ALA B 458 -12.13 58.04 -6.10
CA ALA B 458 -13.47 58.63 -5.91
C ALA B 458 -14.41 57.87 -4.97
N ASP B 459 -14.34 56.53 -4.99
CA ASP B 459 -15.14 55.65 -4.11
C ASP B 459 -14.55 55.52 -2.67
N GLY B 460 -13.39 56.12 -2.43
CA GLY B 460 -12.73 56.09 -1.12
C GLY B 460 -11.67 55.01 -0.97
N VAL B 461 -11.57 54.10 -1.98
CA VAL B 461 -10.62 52.98 -2.03
C VAL B 461 -9.21 53.52 -2.19
N LEU B 462 -8.31 53.03 -1.34
CA LEU B 462 -6.90 53.43 -1.33
C LEU B 462 -6.05 52.60 -2.30
N GLU B 463 -5.08 53.26 -2.93
CA GLU B 463 -4.14 52.66 -3.88
C GLU B 463 -2.71 53.00 -3.45
N TYR B 464 -1.86 51.98 -3.34
CA TYR B 464 -0.46 52.16 -2.95
C TYR B 464 0.33 52.66 -4.15
N VAL B 465 1.14 53.71 -3.95
CA VAL B 465 1.95 54.29 -5.03
C VAL B 465 3.41 53.83 -4.89
N GLY B 466 4.03 54.16 -3.76
CA GLY B 466 5.42 53.82 -3.49
C GLY B 466 5.90 54.41 -2.18
N ARG B 467 7.21 54.61 -2.06
CA ARG B 467 7.83 55.15 -0.86
C ARG B 467 8.57 56.45 -1.05
N ALA B 468 8.49 57.34 -0.04
CA ALA B 468 9.19 58.63 -0.01
C ALA B 468 10.67 58.46 0.52
N ASP B 469 11.18 57.20 0.42
CA ASP B 469 12.48 56.63 0.82
C ASP B 469 12.69 56.39 2.33
N ASN C 6 23.78 -41.91 16.26
CA ASN C 6 24.24 -41.88 14.87
C ASN C 6 25.76 -41.59 14.78
N PRO C 7 26.50 -42.41 13.99
CA PRO C 7 27.96 -42.24 13.88
C PRO C 7 28.48 -40.96 13.19
N PHE C 8 27.60 -40.18 12.57
CA PHE C 8 27.95 -38.95 11.88
C PHE C 8 27.71 -37.73 12.76
N GLU C 9 26.81 -37.85 13.75
CA GLU C 9 26.49 -36.79 14.70
C GLU C 9 27.45 -36.83 15.90
N GLU C 10 27.77 -38.04 16.41
CA GLU C 10 28.66 -38.25 17.56
C GLU C 10 29.40 -39.60 17.45
N TYR C 11 30.75 -39.54 17.39
CA TYR C 11 31.60 -40.72 17.29
C TYR C 11 32.88 -40.55 18.12
N ASP C 12 33.16 -41.54 18.98
CA ASP C 12 34.31 -41.56 19.90
C ASP C 12 35.68 -41.53 19.20
N GLY C 13 35.85 -42.35 18.16
CA GLY C 13 37.10 -42.48 17.42
C GLY C 13 37.52 -41.30 16.56
N GLY C 14 36.67 -40.28 16.48
CA GLY C 14 36.90 -39.08 15.68
C GLY C 14 36.24 -39.16 14.32
N HIS C 15 36.47 -38.15 13.48
CA HIS C 15 35.92 -38.12 12.13
C HIS C 15 36.96 -37.83 11.07
N VAL C 16 36.69 -38.23 9.81
CA VAL C 16 37.54 -38.03 8.63
C VAL C 16 36.69 -37.39 7.51
N VAL C 17 37.36 -36.78 6.52
CA VAL C 17 36.69 -36.17 5.36
C VAL C 17 37.03 -37.05 4.16
N LEU C 18 35.99 -37.58 3.47
CA LEU C 18 36.16 -38.43 2.30
C LEU C 18 35.83 -37.65 1.04
N THR C 19 36.46 -38.03 -0.06
CA THR C 19 36.25 -37.45 -1.38
C THR C 19 36.07 -38.58 -2.39
N ASP C 20 35.27 -38.35 -3.41
CA ASP C 20 35.05 -39.32 -4.48
C ASP C 20 35.65 -38.75 -5.79
N ALA C 21 35.59 -39.51 -6.91
CA ALA C 21 36.11 -39.10 -8.22
C ALA C 21 35.48 -37.82 -8.75
N LEU C 22 34.29 -37.45 -8.25
CA LEU C 22 33.58 -36.24 -8.68
C LEU C 22 33.76 -35.05 -7.74
N GLY C 23 34.73 -35.18 -6.83
CA GLY C 23 35.08 -34.13 -5.86
C GLY C 23 34.02 -33.84 -4.81
N ARG C 24 33.09 -34.79 -4.59
CA ARG C 24 32.06 -34.63 -3.57
C ARG C 24 32.69 -35.01 -2.24
N HIS C 25 32.31 -34.30 -1.16
CA HIS C 25 32.84 -34.53 0.17
C HIS C 25 31.86 -35.26 1.05
N SER C 26 32.37 -36.13 1.92
CA SER C 26 31.56 -36.87 2.89
C SER C 26 32.26 -36.92 4.24
N LEU C 27 31.48 -36.68 5.29
CA LEU C 27 31.94 -36.84 6.67
C LEU C 27 31.89 -38.36 6.91
N TRP C 28 32.88 -38.87 7.65
CA TRP C 28 32.95 -40.31 7.90
C TRP C 28 33.56 -40.60 9.25
N PRO C 29 33.00 -41.58 10.01
CA PRO C 29 33.60 -41.92 11.30
C PRO C 29 34.95 -42.60 11.12
N ALA C 30 35.96 -42.08 11.85
CA ALA C 30 37.33 -42.58 11.86
C ALA C 30 37.32 -43.83 12.73
N GLY C 31 37.26 -44.97 12.06
CA GLY C 31 37.15 -46.29 12.68
C GLY C 31 36.35 -47.20 11.79
N ILE C 32 35.31 -46.63 11.14
CA ILE C 32 34.52 -47.39 10.20
C ILE C 32 35.27 -47.35 8.86
N ALA C 33 35.49 -48.53 8.26
CA ALA C 33 36.21 -48.74 6.99
C ALA C 33 35.75 -47.78 5.89
N VAL C 34 36.70 -47.23 5.13
CA VAL C 34 36.47 -46.29 4.03
C VAL C 34 35.81 -47.05 2.86
N PRO C 35 34.58 -46.66 2.42
CA PRO C 35 33.93 -47.39 1.31
C PRO C 35 34.72 -47.34 0.02
N ALA C 36 34.53 -48.34 -0.85
CA ALA C 36 35.17 -48.42 -2.16
C ALA C 36 34.79 -47.19 -2.99
N GLY C 37 35.80 -46.58 -3.61
CA GLY C 37 35.65 -45.40 -4.46
C GLY C 37 35.81 -44.07 -3.77
N TRP C 38 36.11 -44.11 -2.45
CA TRP C 38 36.29 -42.92 -1.62
C TRP C 38 37.70 -42.91 -1.05
N SER C 39 38.24 -41.71 -0.83
CA SER C 39 39.58 -41.55 -0.28
C SER C 39 39.60 -40.45 0.77
N VAL C 40 40.36 -40.66 1.87
CA VAL C 40 40.53 -39.69 2.96
C VAL C 40 41.24 -38.43 2.44
N ARG C 41 40.57 -37.27 2.52
CA ARG C 41 41.09 -35.97 2.12
C ARG C 41 41.60 -35.18 3.34
N HIS C 42 41.03 -35.46 4.54
CA HIS C 42 41.42 -34.80 5.77
C HIS C 42 41.51 -35.86 6.87
N GLY C 43 42.71 -36.00 7.44
CA GLY C 43 43.07 -36.95 8.49
C GLY C 43 42.19 -36.91 9.73
N THR C 44 42.36 -37.90 10.64
CA THR C 44 41.55 -37.99 11.86
C THR C 44 41.52 -36.66 12.61
N ASP C 45 40.31 -36.11 12.79
CA ASP C 45 40.07 -34.79 13.38
C ASP C 45 38.72 -34.76 14.11
N SER C 46 38.43 -33.63 14.79
CA SER C 46 37.16 -33.39 15.46
C SER C 46 36.10 -33.21 14.38
N ARG C 47 34.83 -33.49 14.70
CA ARG C 47 33.71 -33.34 13.78
C ARG C 47 33.64 -31.88 13.28
N GLU C 48 33.87 -30.89 14.19
CA GLU C 48 33.87 -29.45 13.90
C GLU C 48 35.04 -29.08 12.98
N GLY C 49 36.19 -29.71 13.20
CA GLY C 49 37.41 -29.52 12.41
C GLY C 49 37.25 -30.04 11.00
N CYS C 50 36.52 -31.16 10.85
CA CYS C 50 36.20 -31.81 9.57
C CYS C 50 35.23 -30.96 8.76
N LEU C 51 34.11 -30.54 9.37
CA LEU C 51 33.10 -29.69 8.76
C LEU C 51 33.68 -28.33 8.33
N ALA C 52 34.65 -27.79 9.11
CA ALA C 52 35.36 -26.54 8.80
C ALA C 52 36.16 -26.73 7.49
N HIS C 53 36.89 -27.87 7.36
CA HIS C 53 37.66 -28.26 6.18
C HIS C 53 36.74 -28.32 4.93
N ILE C 54 35.56 -28.99 5.05
CA ILE C 54 34.58 -29.13 3.97
C ILE C 54 33.99 -27.76 3.58
N GLU C 55 33.66 -26.92 4.58
CA GLU C 55 33.14 -25.56 4.33
C GLU C 55 34.18 -24.73 3.54
N HIS C 56 35.49 -24.99 3.78
CA HIS C 56 36.58 -24.31 3.09
C HIS C 56 36.90 -24.85 1.70
N HIS C 57 37.12 -26.18 1.56
CA HIS C 57 37.49 -26.81 0.29
C HIS C 57 36.37 -27.07 -0.73
N TRP C 58 35.18 -27.48 -0.26
CA TRP C 58 34.07 -27.79 -1.14
C TRP C 58 33.31 -26.54 -1.53
N THR C 59 33.84 -25.82 -2.54
CA THR C 59 33.27 -24.56 -3.05
C THR C 59 32.11 -24.76 -4.02
N ASP C 60 32.15 -25.82 -4.85
CA ASP C 60 31.03 -26.11 -5.76
C ASP C 60 30.51 -27.53 -5.59
N LEU C 61 29.21 -27.65 -5.21
CA LEU C 61 28.52 -28.93 -4.97
C LEU C 61 28.36 -29.77 -6.22
N ARG C 62 28.19 -29.11 -7.37
CA ARG C 62 28.02 -29.78 -8.65
C ARG C 62 29.23 -30.70 -8.94
N PRO C 63 28.97 -31.97 -9.35
CA PRO C 63 30.05 -32.93 -9.63
C PRO C 63 31.03 -32.45 -10.70
N THR C 64 32.35 -32.54 -10.39
CA THR C 64 33.45 -32.06 -11.24
C THR C 64 33.34 -32.32 -12.75
N GLY C 65 32.89 -33.53 -13.08
CA GLY C 65 32.77 -34.00 -14.46
C GLY C 65 33.48 -35.34 -14.58
N PRO C 66 32.84 -36.34 -15.23
CA PRO C 66 33.48 -37.66 -15.32
C PRO C 66 34.36 -37.87 -16.55
N ALA C 67 35.04 -39.02 -16.59
CA ALA C 67 35.87 -39.45 -17.71
C ALA C 67 34.93 -39.84 -18.87
N VAL C 68 35.47 -39.93 -20.10
CA VAL C 68 34.69 -40.33 -21.27
C VAL C 68 34.13 -41.76 -21.03
N GLU C 69 35.02 -42.71 -20.60
CA GLU C 69 34.72 -44.13 -20.30
C GLU C 69 33.57 -44.31 -19.28
N ARG C 70 33.24 -43.25 -18.50
CA ARG C 70 32.17 -43.23 -17.49
C ARG C 70 31.10 -42.11 -17.70
N ALA C 71 30.87 -41.65 -18.96
CA ALA C 71 29.86 -40.61 -19.26
C ALA C 71 28.41 -41.10 -19.01
N PRO C 72 27.52 -40.23 -18.40
CA PRO C 72 26.15 -40.66 -18.01
C PRO C 72 25.22 -41.49 -18.90
N ALA C 73 24.81 -41.00 -20.11
CA ALA C 73 23.93 -41.68 -21.10
C ALA C 73 22.41 -41.40 -21.14
N GLY C 74 21.91 -40.51 -20.29
CA GLY C 74 20.48 -40.19 -20.31
C GLY C 74 20.09 -38.86 -20.97
N ALA C 75 18.78 -38.66 -21.20
CA ALA C 75 18.18 -37.45 -21.75
C ALA C 75 17.77 -36.51 -20.63
N CYS C 76 17.71 -35.21 -20.94
CA CYS C 76 17.23 -34.17 -20.04
C CYS C 76 15.71 -34.18 -20.12
N VAL C 77 15.06 -33.74 -19.04
CA VAL C 77 13.61 -33.73 -18.85
C VAL C 77 12.87 -33.08 -20.02
N HIS C 78 13.27 -31.86 -20.37
CA HIS C 78 12.69 -31.10 -21.47
C HIS C 78 12.86 -31.81 -22.80
N GLU C 79 13.96 -32.57 -22.98
CA GLU C 79 14.22 -33.34 -24.21
C GLU C 79 13.19 -34.46 -24.36
N LEU C 80 12.87 -35.14 -23.23
CA LEU C 80 11.85 -36.19 -23.17
C LEU C 80 10.46 -35.59 -23.45
N PHE C 81 10.21 -34.37 -22.93
CA PHE C 81 8.99 -33.61 -23.16
C PHE C 81 8.90 -33.24 -24.64
N GLU C 82 10.00 -32.77 -25.22
CA GLU C 82 10.09 -32.37 -26.65
C GLU C 82 9.79 -33.55 -27.59
N ALA C 83 10.21 -34.79 -27.24
CA ALA C 83 9.93 -35.99 -28.06
C ALA C 83 8.41 -36.30 -28.02
N GLN C 84 7.75 -36.03 -26.87
CA GLN C 84 6.29 -36.18 -26.72
C GLN C 84 5.54 -35.13 -27.57
N ALA C 85 5.99 -33.86 -27.48
CA ALA C 85 5.40 -32.76 -28.26
C ALA C 85 5.58 -33.03 -29.74
N ALA C 86 6.73 -33.62 -30.17
CA ALA C 86 6.93 -33.93 -31.59
C ALA C 86 6.06 -35.12 -32.05
N ARG C 87 5.91 -36.16 -31.20
CA ARG C 87 5.14 -37.37 -31.49
C ARG C 87 3.66 -37.06 -31.67
N ALA C 88 3.05 -36.32 -30.73
CA ALA C 88 1.64 -35.97 -30.79
C ALA C 88 1.44 -34.49 -30.35
N PRO C 89 1.74 -33.53 -31.26
CA PRO C 89 1.60 -32.10 -30.90
C PRO C 89 0.19 -31.66 -30.54
N ASP C 90 -0.84 -32.34 -31.09
CA ASP C 90 -2.23 -31.97 -30.90
C ASP C 90 -2.88 -32.60 -29.70
N ALA C 91 -2.15 -33.47 -28.98
CA ALA C 91 -2.64 -34.07 -27.74
C ALA C 91 -2.70 -32.97 -26.65
N VAL C 92 -3.70 -33.04 -25.74
CA VAL C 92 -3.83 -32.06 -24.66
C VAL C 92 -2.77 -32.36 -23.57
N ALA C 93 -2.01 -31.32 -23.17
CA ALA C 93 -0.98 -31.44 -22.14
C ALA C 93 -1.52 -30.94 -20.83
N LEU C 94 -2.10 -29.71 -20.85
CA LEU C 94 -2.59 -29.05 -19.65
C LEU C 94 -4.02 -28.62 -19.78
N LEU C 95 -4.75 -28.70 -18.64
CA LEU C 95 -6.13 -28.27 -18.49
C LEU C 95 -6.18 -27.42 -17.25
N HIS C 96 -6.71 -26.20 -17.36
CA HIS C 96 -6.85 -25.27 -16.25
C HIS C 96 -8.13 -24.53 -16.43
N GLU C 97 -9.04 -24.68 -15.46
CA GLU C 97 -10.39 -24.10 -15.54
C GLU C 97 -11.07 -24.61 -16.83
N ALA C 98 -11.54 -23.71 -17.72
CA ALA C 98 -12.20 -24.11 -18.97
C ALA C 98 -11.22 -24.15 -20.15
N ASP C 99 -9.93 -23.92 -19.90
CA ASP C 99 -8.89 -23.86 -20.92
C ASP C 99 -8.05 -25.10 -21.05
N GLU C 100 -7.54 -25.29 -22.28
CA GLU C 100 -6.68 -26.42 -22.66
C GLU C 100 -5.44 -25.95 -23.41
N LEU C 101 -4.31 -26.65 -23.23
CA LEU C 101 -3.06 -26.34 -23.92
C LEU C 101 -2.52 -27.64 -24.48
N THR C 102 -2.28 -27.69 -25.79
CA THR C 102 -1.75 -28.90 -26.44
C THR C 102 -0.25 -29.01 -26.15
N TYR C 103 0.34 -30.20 -26.40
CA TYR C 103 1.77 -30.45 -26.26
C TYR C 103 2.56 -29.48 -27.16
N GLY C 104 2.12 -29.34 -28.40
CA GLY C 104 2.70 -28.46 -29.40
C GLY C 104 2.64 -27.00 -29.03
N ALA C 105 1.47 -26.51 -28.57
CA ALA C 105 1.34 -25.10 -28.16
C ALA C 105 2.16 -24.80 -26.90
N LEU C 106 2.21 -25.73 -25.93
CA LEU C 106 3.02 -25.65 -24.72
C LEU C 106 4.53 -25.62 -25.07
N ASN C 107 4.97 -26.49 -25.99
CA ASN C 107 6.34 -26.52 -26.46
C ASN C 107 6.74 -25.18 -27.13
N GLU C 108 5.87 -24.61 -28.01
CA GLU C 108 6.12 -23.33 -28.67
C GLU C 108 6.25 -22.16 -27.66
N ARG C 109 5.30 -22.06 -26.70
CA ARG C 109 5.31 -21.02 -25.69
C ARG C 109 6.57 -21.11 -24.82
N ALA C 110 6.92 -22.34 -24.38
CA ALA C 110 8.11 -22.57 -23.56
C ALA C 110 9.40 -22.25 -24.33
N ASN C 111 9.44 -22.52 -25.65
CA ASN C 111 10.60 -22.19 -26.50
C ASN C 111 10.77 -20.69 -26.68
N ARG C 112 9.66 -19.95 -26.86
CA ARG C 112 9.69 -18.49 -27.00
C ARG C 112 10.30 -17.85 -25.75
N LEU C 113 9.88 -18.29 -24.56
CA LEU C 113 10.38 -17.83 -23.27
C LEU C 113 11.83 -18.26 -23.00
N ALA C 114 12.19 -19.51 -23.36
CA ALA C 114 13.56 -20.02 -23.21
C ALA C 114 14.57 -19.14 -23.99
N HIS C 115 14.22 -18.73 -25.23
CA HIS C 115 15.08 -17.89 -26.07
C HIS C 115 15.30 -16.54 -25.40
N ARG C 116 14.25 -16.01 -24.72
CA ARG C 116 14.34 -14.77 -23.95
C ARG C 116 15.29 -14.97 -22.77
N LEU C 117 15.17 -16.13 -22.08
CA LEU C 117 16.03 -16.49 -20.96
C LEU C 117 17.50 -16.59 -21.35
N VAL C 118 17.80 -17.23 -22.52
CA VAL C 118 19.15 -17.36 -23.08
C VAL C 118 19.77 -15.97 -23.35
N GLY C 119 18.96 -15.07 -23.90
CA GLY C 119 19.35 -13.68 -24.16
C GLY C 119 19.66 -12.90 -22.88
N LEU C 120 19.09 -13.33 -21.74
CA LEU C 120 19.33 -12.71 -20.44
C LEU C 120 20.47 -13.35 -19.63
N GLY C 121 21.17 -14.35 -20.20
CA GLY C 121 22.28 -15.01 -19.54
C GLY C 121 22.04 -16.41 -18.98
N VAL C 122 20.89 -17.03 -19.27
CA VAL C 122 20.61 -18.38 -18.74
C VAL C 122 21.40 -19.41 -19.52
N ALA C 123 22.04 -20.33 -18.78
CA ALA C 123 22.91 -21.35 -19.32
C ALA C 123 23.02 -22.46 -18.28
N PRO C 124 23.58 -23.65 -18.60
CA PRO C 124 23.78 -24.67 -17.54
C PRO C 124 24.62 -24.12 -16.40
N GLY C 125 24.19 -24.41 -15.17
CA GLY C 125 24.83 -23.86 -13.99
C GLY C 125 24.07 -22.67 -13.44
N THR C 126 23.08 -22.15 -14.19
CA THR C 126 22.31 -20.99 -13.73
C THR C 126 20.92 -21.39 -13.20
N LEU C 127 20.52 -20.80 -12.10
CA LEU C 127 19.24 -21.05 -11.46
C LEU C 127 18.29 -19.89 -11.70
N VAL C 128 16.98 -20.20 -11.88
CA VAL C 128 15.94 -19.21 -12.14
C VAL C 128 14.78 -19.43 -11.18
N GLY C 129 14.37 -18.37 -10.48
CA GLY C 129 13.22 -18.39 -9.59
C GLY C 129 11.96 -18.24 -10.41
N VAL C 130 10.95 -19.05 -10.09
CA VAL C 130 9.64 -18.98 -10.77
C VAL C 130 8.59 -18.63 -9.69
N HIS C 131 8.06 -17.41 -9.73
CA HIS C 131 7.08 -16.90 -8.77
C HIS C 131 5.77 -16.65 -9.49
N LEU C 132 4.93 -17.69 -9.56
CA LEU C 132 3.68 -17.63 -10.30
C LEU C 132 2.62 -18.49 -9.65
N GLU C 133 1.36 -18.08 -9.79
CA GLU C 133 0.19 -18.85 -9.36
C GLU C 133 -0.01 -20.03 -10.33
N ARG C 134 -0.63 -21.12 -9.84
CA ARG C 134 -0.90 -22.33 -10.61
C ARG C 134 -1.73 -22.01 -11.86
N GLY C 135 -1.19 -22.37 -13.00
CA GLY C 135 -1.79 -22.12 -14.31
C GLY C 135 -0.81 -22.50 -15.40
N PHE C 136 -1.19 -22.28 -16.67
CA PHE C 136 -0.32 -22.59 -17.83
C PHE C 136 1.03 -21.86 -17.76
N ASP C 137 1.05 -20.56 -17.37
CA ASP C 137 2.27 -19.76 -17.26
C ASP C 137 3.31 -20.39 -16.37
N MET C 138 2.90 -20.98 -15.25
CA MET C 138 3.79 -21.68 -14.31
C MET C 138 4.56 -22.79 -15.03
N VAL C 139 3.84 -23.59 -15.80
CA VAL C 139 4.42 -24.71 -16.53
C VAL C 139 5.30 -24.23 -17.67
N VAL C 140 4.84 -23.17 -18.39
CA VAL C 140 5.54 -22.54 -19.51
C VAL C 140 6.90 -22.08 -18.98
N ALA C 141 6.90 -21.34 -17.85
CA ALA C 141 8.11 -20.80 -17.21
C ALA C 141 9.11 -21.88 -16.80
N LEU C 142 8.66 -22.92 -16.07
CA LEU C 142 9.56 -23.97 -15.62
C LEU C 142 10.18 -24.79 -16.74
N LEU C 143 9.38 -25.11 -17.79
CA LEU C 143 9.86 -25.82 -18.98
C LEU C 143 10.83 -24.95 -19.75
N ALA C 144 10.59 -23.60 -19.78
CA ALA C 144 11.46 -22.63 -20.46
C ALA C 144 12.81 -22.58 -19.78
N VAL C 145 12.84 -22.63 -18.45
CA VAL C 145 14.09 -22.61 -17.67
C VAL C 145 14.94 -23.85 -18.03
N LEU C 146 14.30 -25.04 -18.08
CA LEU C 146 14.93 -26.30 -18.42
C LEU C 146 15.45 -26.26 -19.87
N LYS C 147 14.61 -25.78 -20.79
CA LYS C 147 14.94 -25.65 -22.22
C LYS C 147 16.15 -24.74 -22.44
N ALA C 148 16.32 -23.71 -21.59
CA ALA C 148 17.44 -22.78 -21.65
C ALA C 148 18.71 -23.34 -20.98
N GLY C 149 18.62 -24.55 -20.43
CA GLY C 149 19.73 -25.25 -19.77
C GLY C 149 19.88 -24.99 -18.29
N GLY C 150 19.01 -24.16 -17.74
CA GLY C 150 19.07 -23.83 -16.32
C GLY C 150 18.26 -24.74 -15.44
N GLY C 151 18.23 -24.38 -14.17
CA GLY C 151 17.49 -25.06 -13.13
C GLY C 151 16.50 -24.09 -12.53
N TYR C 152 15.30 -24.56 -12.23
CA TYR C 152 14.27 -23.69 -11.64
C TYR C 152 14.11 -23.93 -10.16
N THR C 153 13.47 -22.97 -9.48
CA THR C 153 13.05 -23.06 -8.09
C THR C 153 11.65 -22.46 -8.03
N MET C 154 10.66 -23.28 -7.64
CA MET C 154 9.27 -22.84 -7.57
C MET C 154 9.09 -22.03 -6.34
N LEU C 155 8.64 -20.77 -6.52
CA LEU C 155 8.40 -19.87 -5.40
C LEU C 155 6.89 -19.78 -5.26
N ASP C 156 6.35 -20.56 -4.33
CA ASP C 156 4.94 -20.66 -4.06
C ASP C 156 4.35 -19.34 -3.54
N PRO C 157 3.46 -18.67 -4.33
CA PRO C 157 2.90 -17.39 -3.87
C PRO C 157 2.05 -17.38 -2.59
N GLN C 158 1.70 -18.57 -2.06
CA GLN C 158 0.93 -18.65 -0.81
C GLN C 158 1.79 -18.31 0.42
N PHE C 159 3.12 -18.43 0.28
CA PHE C 159 4.08 -18.19 1.34
C PHE C 159 4.43 -16.73 1.55
N PRO C 160 4.83 -16.33 2.80
CA PRO C 160 5.22 -14.94 3.02
C PRO C 160 6.44 -14.56 2.19
N VAL C 161 6.44 -13.32 1.70
CA VAL C 161 7.49 -12.71 0.90
C VAL C 161 8.91 -12.92 1.49
N GLU C 162 9.04 -12.85 2.83
CA GLU C 162 10.32 -13.02 3.55
C GLU C 162 10.87 -14.41 3.34
N ARG C 163 10.00 -15.43 3.38
CA ARG C 163 10.39 -16.83 3.20
C ARG C 163 10.86 -17.05 1.76
N LEU C 164 10.10 -16.53 0.79
CA LEU C 164 10.36 -16.61 -0.65
C LEU C 164 11.68 -15.90 -1.01
N ALA C 165 11.88 -14.69 -0.43
CA ALA C 165 13.07 -13.85 -0.63
C ALA C 165 14.31 -14.57 -0.13
N LEU C 166 14.24 -15.18 1.07
CA LEU C 166 15.35 -15.94 1.64
C LEU C 166 15.72 -17.13 0.78
N SER C 167 14.73 -17.91 0.34
CA SER C 167 14.92 -19.08 -0.52
C SER C 167 15.60 -18.68 -1.85
N LEU C 168 15.11 -17.61 -2.49
CA LEU C 168 15.67 -17.10 -3.73
C LEU C 168 17.16 -16.63 -3.51
N GLU C 169 17.42 -15.90 -2.41
CA GLU C 169 18.75 -15.47 -2.01
C GLU C 169 19.73 -16.70 -1.88
N ASP C 170 19.27 -17.77 -1.20
CA ASP C 170 20.04 -19.00 -0.98
C ASP C 170 20.48 -19.71 -2.27
N THR C 171 19.63 -19.68 -3.31
CA THR C 171 19.94 -20.31 -4.61
C THR C 171 21.01 -19.55 -5.36
N GLY C 172 21.09 -18.24 -5.12
CA GLY C 172 22.00 -17.36 -5.86
C GLY C 172 21.50 -17.07 -7.27
N ALA C 173 20.21 -17.44 -7.58
CA ALA C 173 19.58 -17.24 -8.88
C ALA C 173 19.62 -15.77 -9.29
N PRO C 174 20.22 -15.43 -10.43
CA PRO C 174 20.26 -14.01 -10.85
C PRO C 174 18.97 -13.55 -11.56
N LEU C 175 18.03 -14.47 -11.81
CA LEU C 175 16.78 -14.18 -12.53
C LEU C 175 15.54 -14.69 -11.84
N LEU C 176 14.44 -13.97 -12.02
CA LEU C 176 13.11 -14.28 -11.53
C LEU C 176 12.11 -14.13 -12.66
N VAL C 177 11.26 -15.12 -12.81
CA VAL C 177 10.13 -15.12 -13.76
C VAL C 177 8.86 -14.95 -12.91
N THR C 178 8.11 -13.86 -13.13
CA THR C 178 6.86 -13.57 -12.43
C THR C 178 5.77 -13.04 -13.38
N SER C 179 4.62 -12.62 -12.83
CA SER C 179 3.50 -12.08 -13.60
C SER C 179 3.28 -10.60 -13.22
N ARG C 180 2.52 -9.84 -14.04
CA ARG C 180 2.19 -8.44 -13.75
C ARG C 180 1.44 -8.31 -12.40
N PRO C 181 0.45 -9.17 -12.05
CA PRO C 181 -0.17 -9.05 -10.71
C PRO C 181 0.75 -9.31 -9.51
N LEU C 182 1.73 -10.25 -9.65
CA LEU C 182 2.68 -10.58 -8.57
C LEU C 182 3.90 -9.64 -8.51
N SER C 183 3.99 -8.73 -9.47
CA SER C 183 5.06 -7.74 -9.61
C SER C 183 5.25 -6.92 -8.34
N GLY C 184 6.50 -6.79 -7.91
CA GLY C 184 6.89 -5.99 -6.76
C GLY C 184 6.90 -6.70 -5.43
N ARG C 185 6.40 -7.94 -5.37
CA ARG C 185 6.39 -8.71 -4.13
C ARG C 185 7.82 -9.12 -3.77
N LEU C 186 8.53 -9.68 -4.76
CA LEU C 186 9.92 -10.07 -4.67
C LEU C 186 10.78 -9.02 -5.42
N THR C 187 11.71 -8.36 -4.67
CA THR C 187 12.62 -7.32 -5.19
C THR C 187 14.13 -7.71 -5.19
N GLY C 188 14.95 -6.90 -5.84
CA GLY C 188 16.40 -7.09 -5.86
C GLY C 188 16.98 -8.13 -6.81
N THR C 189 16.11 -8.95 -7.48
CA THR C 189 16.54 -9.91 -8.49
C THR C 189 15.98 -9.44 -9.84
N THR C 190 16.76 -9.60 -10.92
CA THR C 190 16.37 -9.26 -12.29
C THR C 190 15.11 -10.07 -12.64
N THR C 191 14.08 -9.33 -13.04
CA THR C 191 12.75 -9.87 -13.26
C THR C 191 12.28 -9.79 -14.69
N LEU C 192 11.76 -10.90 -15.17
CA LEU C 192 11.19 -11.13 -16.49
C LEU C 192 9.71 -11.55 -16.32
N TYR C 193 8.84 -11.02 -17.15
CA TYR C 193 7.41 -11.33 -17.13
C TYR C 193 7.09 -12.41 -18.13
N VAL C 194 6.33 -13.39 -17.68
CA VAL C 194 5.94 -14.57 -18.44
C VAL C 194 5.13 -14.23 -19.68
N GLU C 195 4.21 -13.27 -19.53
CA GLU C 195 3.26 -12.86 -20.54
C GLU C 195 3.86 -12.73 -21.94
N ASP C 196 3.31 -13.53 -22.88
CA ASP C 196 3.69 -13.53 -24.29
C ASP C 196 2.89 -12.45 -25.04
N GLU C 197 3.17 -11.16 -24.72
CA GLU C 197 2.49 -9.99 -25.32
C GLU C 197 3.18 -9.51 -26.61
N ALA C 198 4.45 -9.92 -26.82
CA ALA C 198 5.26 -9.65 -28.00
C ALA C 198 5.49 -11.02 -28.67
N ALA C 199 4.67 -11.33 -29.71
CA ALA C 199 4.69 -12.62 -30.43
C ALA C 199 4.75 -12.50 -31.97
N SER C 200 4.44 -13.62 -32.69
CA SER C 200 4.40 -13.79 -34.15
C SER C 200 5.75 -13.78 -34.91
N ASP C 201 6.76 -13.05 -34.42
CA ASP C 201 8.08 -12.95 -35.07
C ASP C 201 9.19 -13.69 -34.28
N ALA C 202 8.94 -13.96 -32.98
CA ALA C 202 9.85 -14.60 -32.04
C ALA C 202 10.22 -16.07 -32.38
N PRO C 203 11.49 -16.51 -32.15
CA PRO C 203 11.84 -17.92 -32.46
C PRO C 203 11.24 -18.91 -31.45
N ALA C 204 10.50 -19.92 -31.97
CA ALA C 204 9.82 -20.94 -31.15
C ALA C 204 10.28 -22.42 -31.36
N GLY C 205 11.53 -22.61 -31.85
CA GLY C 205 12.16 -23.92 -32.05
C GLY C 205 12.96 -24.38 -30.82
N ASN C 206 13.16 -25.69 -30.67
CA ASN C 206 13.91 -26.23 -29.54
C ASN C 206 15.36 -25.76 -29.56
N LEU C 207 15.92 -25.57 -28.36
CA LEU C 207 17.25 -25.00 -28.12
C LEU C 207 18.38 -26.01 -27.90
N ALA C 208 19.60 -25.66 -28.35
CA ALA C 208 20.85 -26.41 -28.15
C ALA C 208 21.66 -25.59 -27.13
N THR C 209 21.70 -26.05 -25.89
CA THR C 209 22.33 -25.27 -24.83
C THR C 209 23.58 -25.85 -24.20
N GLY C 210 23.88 -27.12 -24.45
CA GLY C 210 25.01 -27.76 -23.80
C GLY C 210 24.70 -28.37 -22.43
N VAL C 211 23.41 -28.48 -22.08
CA VAL C 211 22.92 -29.10 -20.84
C VAL C 211 23.02 -30.65 -20.93
N GLY C 212 23.23 -31.31 -19.79
CA GLY C 212 23.39 -32.76 -19.67
C GLY C 212 22.62 -33.29 -18.46
N PRO C 213 22.47 -34.64 -18.31
CA PRO C 213 21.69 -35.18 -17.18
C PRO C 213 22.13 -34.85 -15.76
N GLU C 214 23.42 -34.57 -15.57
CA GLU C 214 23.96 -34.25 -14.26
C GLU C 214 23.80 -32.80 -13.91
N ASP C 215 23.34 -31.97 -14.87
CA ASP C 215 23.07 -30.57 -14.61
C ASP C 215 21.81 -30.42 -13.76
N VAL C 216 21.80 -29.38 -12.92
CA VAL C 216 20.69 -29.08 -12.02
C VAL C 216 19.40 -28.76 -12.81
N ALA C 217 18.29 -29.42 -12.41
CA ALA C 217 16.98 -29.22 -13.04
C ALA C 217 16.11 -28.40 -12.08
N CYS C 218 16.26 -28.61 -10.78
CA CYS C 218 15.44 -27.91 -9.78
C CYS C 218 16.07 -27.77 -8.42
N VAL C 219 15.56 -26.80 -7.68
CA VAL C 219 15.91 -26.57 -6.27
C VAL C 219 14.56 -26.57 -5.53
N MET C 220 14.34 -27.57 -4.66
CA MET C 220 13.12 -27.62 -3.87
C MET C 220 13.42 -27.33 -2.41
N PHE C 221 12.72 -26.37 -1.84
CA PHE C 221 13.02 -25.94 -0.48
C PHE C 221 12.23 -26.69 0.58
N THR C 222 12.94 -27.13 1.66
CA THR C 222 12.45 -27.89 2.82
C THR C 222 11.35 -27.18 3.64
N ARG C 228 14.91 -22.97 9.18
CA ARG C 228 15.65 -22.35 8.06
C ARG C 228 15.61 -23.30 6.87
N PRO C 229 14.86 -22.96 5.80
CA PRO C 229 14.78 -23.88 4.65
C PRO C 229 16.12 -24.15 3.94
N LYS C 230 16.30 -25.42 3.59
CA LYS C 230 17.46 -25.95 2.89
C LYS C 230 17.03 -26.19 1.43
N GLY C 231 17.89 -25.76 0.51
CA GLY C 231 17.66 -25.87 -0.93
C GLY C 231 18.22 -27.13 -1.56
N VAL C 232 17.35 -28.13 -1.72
CA VAL C 232 17.74 -29.42 -2.28
C VAL C 232 17.86 -29.36 -3.81
N MET C 233 19.13 -29.30 -4.29
CA MET C 233 19.37 -29.24 -5.73
C MET C 233 19.61 -30.56 -6.37
N SER C 234 18.70 -30.86 -7.32
CA SER C 234 18.63 -32.11 -8.02
C SER C 234 18.91 -32.02 -9.52
N PRO C 235 19.69 -32.99 -10.06
CA PRO C 235 19.95 -32.99 -11.52
C PRO C 235 18.76 -33.55 -12.32
N HIS C 236 18.81 -33.44 -13.67
CA HIS C 236 17.80 -34.00 -14.61
C HIS C 236 17.58 -35.48 -14.37
N ARG C 237 18.67 -36.19 -14.17
CA ARG C 237 18.79 -37.61 -13.88
C ARG C 237 17.97 -38.08 -12.64
N ALA C 238 17.85 -37.24 -11.59
CA ALA C 238 17.04 -37.54 -10.41
C ALA C 238 15.55 -37.54 -10.73
N LEU C 239 15.12 -36.64 -11.63
CA LEU C 239 13.71 -36.55 -12.06
C LEU C 239 13.37 -37.71 -13.01
N THR C 240 14.19 -37.90 -14.05
CA THR C 240 13.97 -38.97 -15.03
C THR C 240 14.05 -40.36 -14.38
N GLY C 241 14.92 -40.53 -13.38
CA GLY C 241 15.07 -41.77 -12.63
C GLY C 241 13.86 -42.11 -11.76
N THR C 242 13.08 -41.09 -11.35
CA THR C 242 11.90 -41.25 -10.51
C THR C 242 10.63 -41.47 -11.32
N TYR C 243 10.53 -40.76 -12.46
CA TYR C 243 9.32 -40.82 -13.29
C TYR C 243 9.33 -41.75 -14.47
N LEU C 244 10.54 -42.19 -14.93
CA LEU C 244 10.65 -43.20 -15.96
C LEU C 244 11.05 -44.57 -15.42
N GLY C 245 10.66 -45.63 -16.14
CA GLY C 245 10.96 -47.00 -15.80
C GLY C 245 10.42 -47.46 -14.45
N GLN C 246 9.22 -46.94 -14.08
CA GLN C 246 8.56 -47.23 -12.81
C GLN C 246 7.17 -47.82 -13.02
N ASP C 247 6.68 -48.66 -12.06
CA ASP C 247 5.36 -49.27 -12.21
C ASP C 247 4.45 -49.21 -10.98
N TYR C 248 4.71 -48.25 -10.06
CA TYR C 248 3.86 -48.02 -8.88
C TYR C 248 2.48 -47.41 -9.23
N ALA C 249 2.35 -46.85 -10.43
CA ALA C 249 1.12 -46.26 -10.93
C ALA C 249 1.09 -46.50 -12.44
N GLY C 250 0.04 -46.03 -13.10
CA GLY C 250 -0.10 -46.13 -14.54
C GLY C 250 0.49 -44.89 -15.19
N PHE C 251 1.39 -45.11 -16.17
CA PHE C 251 2.06 -44.04 -16.91
C PHE C 251 1.86 -44.28 -18.41
N GLY C 252 1.26 -43.31 -19.09
CA GLY C 252 0.98 -43.40 -20.52
C GLY C 252 0.12 -42.27 -21.02
N PRO C 253 -0.07 -42.16 -22.35
CA PRO C 253 -0.87 -41.03 -22.89
C PRO C 253 -2.35 -41.01 -22.53
N ASP C 254 -2.90 -42.15 -22.08
CA ASP C 254 -4.30 -42.26 -21.70
C ASP C 254 -4.58 -41.91 -20.24
N GLU C 255 -3.53 -41.54 -19.50
CA GLU C 255 -3.63 -41.13 -18.11
C GLU C 255 -4.03 -39.65 -18.01
N VAL C 256 -4.70 -39.28 -16.89
CA VAL C 256 -5.12 -37.92 -16.57
C VAL C 256 -4.70 -37.69 -15.13
N PHE C 257 -3.65 -36.89 -14.93
CA PHE C 257 -3.14 -36.55 -13.60
C PHE C 257 -3.71 -35.22 -13.13
N LEU C 258 -3.66 -35.00 -11.81
CA LEU C 258 -4.19 -33.79 -11.18
C LEU C 258 -3.02 -33.13 -10.44
N GLN C 259 -2.62 -31.96 -10.91
CA GLN C 259 -1.58 -31.22 -10.25
C GLN C 259 -2.24 -30.35 -9.16
N CYS C 260 -2.40 -30.94 -7.96
CA CYS C 260 -3.04 -30.26 -6.82
C CYS C 260 -2.07 -30.08 -5.65
N SER C 261 -1.02 -30.93 -5.58
CA SER C 261 -0.04 -30.86 -4.49
C SER C 261 0.78 -29.56 -4.54
N PRO C 262 1.26 -29.06 -3.39
CA PRO C 262 2.06 -27.82 -3.40
C PRO C 262 3.22 -27.85 -4.39
N VAL C 263 3.41 -26.76 -5.15
CA VAL C 263 4.37 -26.61 -6.24
C VAL C 263 5.85 -26.62 -5.88
N SER C 264 6.21 -26.25 -4.65
CA SER C 264 7.61 -26.11 -4.23
C SER C 264 8.18 -27.30 -3.51
N TRP C 265 7.29 -28.24 -3.20
CA TRP C 265 7.62 -29.48 -2.51
C TRP C 265 7.75 -30.76 -3.42
N ASP C 266 8.01 -31.94 -2.80
CA ASP C 266 8.31 -33.26 -3.37
C ASP C 266 7.26 -33.98 -4.25
N ALA C 267 5.98 -33.75 -3.98
CA ALA C 267 4.90 -34.41 -4.69
C ALA C 267 4.52 -33.80 -6.07
N PHE C 268 4.99 -32.57 -6.37
CA PHE C 268 4.77 -31.82 -7.61
C PHE C 268 5.16 -32.56 -8.88
N GLY C 269 6.40 -33.08 -8.91
CA GLY C 269 7.03 -33.74 -10.06
C GLY C 269 6.25 -34.91 -10.62
N LEU C 270 5.69 -35.75 -9.74
CA LEU C 270 4.90 -36.89 -10.17
C LEU C 270 3.64 -36.44 -10.92
N GLU C 271 2.94 -35.43 -10.40
CA GLU C 271 1.70 -34.92 -11.00
C GLU C 271 1.92 -34.22 -12.34
N LEU C 272 3.08 -33.51 -12.49
CA LEU C 272 3.47 -32.77 -13.70
C LEU C 272 4.24 -33.64 -14.69
N PHE C 273 5.46 -34.08 -14.31
CA PHE C 273 6.34 -34.86 -15.19
C PHE C 273 5.86 -36.28 -15.43
N GLY C 274 5.19 -36.87 -14.43
CA GLY C 274 4.59 -38.20 -14.54
C GLY C 274 3.57 -38.26 -15.66
N ALA C 275 3.00 -37.08 -16.01
CA ALA C 275 2.05 -36.86 -17.10
C ALA C 275 2.80 -36.43 -18.39
N LEU C 276 3.50 -35.29 -18.33
CA LEU C 276 4.22 -34.69 -19.46
C LEU C 276 5.24 -35.57 -20.15
N LEU C 277 5.99 -36.39 -19.39
CA LEU C 277 7.01 -37.27 -20.00
C LEU C 277 6.40 -38.53 -20.65
N PHE C 278 5.06 -38.71 -20.60
CA PHE C 278 4.31 -39.85 -21.15
C PHE C 278 3.21 -39.48 -22.14
N GLY C 279 3.00 -38.20 -22.39
CA GLY C 279 2.01 -37.72 -23.35
C GLY C 279 0.60 -37.65 -22.80
N ALA C 280 0.50 -37.73 -21.47
CA ALA C 280 -0.76 -37.74 -20.72
C ALA C 280 -1.31 -36.31 -20.50
N ARG C 281 -2.56 -36.22 -19.98
CA ARG C 281 -3.17 -34.93 -19.62
C ARG C 281 -2.81 -34.61 -18.19
N CYS C 282 -2.63 -33.30 -17.90
CA CYS C 282 -2.33 -32.84 -16.55
C CYS C 282 -3.29 -31.72 -16.22
N VAL C 283 -4.22 -31.99 -15.28
CA VAL C 283 -5.21 -31.01 -14.80
C VAL C 283 -4.55 -30.17 -13.70
N LEU C 284 -4.54 -28.83 -13.86
CA LEU C 284 -3.96 -27.92 -12.87
C LEU C 284 -5.06 -27.39 -12.01
N GLN C 285 -4.98 -27.61 -10.69
CA GLN C 285 -6.03 -27.09 -9.81
C GLN C 285 -5.79 -25.59 -9.53
N SER C 286 -6.84 -24.79 -9.50
CA SER C 286 -6.71 -23.37 -9.16
C SER C 286 -6.49 -23.37 -7.67
N GLY C 287 -5.62 -22.47 -7.21
CA GLY C 287 -5.28 -22.41 -5.79
C GLY C 287 -3.97 -23.11 -5.54
N GLN C 288 -3.26 -22.71 -4.49
CA GLN C 288 -1.92 -23.26 -4.21
C GLN C 288 -1.95 -24.54 -3.36
N ASN C 289 -3.06 -24.78 -2.67
CA ASN C 289 -3.17 -25.97 -1.82
C ASN C 289 -4.22 -26.94 -2.29
N PRO C 290 -4.01 -28.25 -2.10
CA PRO C 290 -5.07 -29.22 -2.46
C PRO C 290 -6.40 -28.87 -1.79
N ASP C 291 -7.43 -28.69 -2.62
CA ASP C 291 -8.76 -28.27 -2.24
C ASP C 291 -9.68 -29.47 -2.41
N PRO C 292 -10.09 -30.14 -1.30
CA PRO C 292 -10.91 -31.36 -1.44
C PRO C 292 -12.19 -31.26 -2.26
N LEU C 293 -12.95 -30.16 -2.11
CA LEU C 293 -14.17 -29.93 -2.84
C LEU C 293 -13.90 -29.72 -4.33
N GLU C 294 -12.81 -29.01 -4.66
CA GLU C 294 -12.39 -28.75 -6.04
C GLU C 294 -11.90 -30.02 -6.68
N ILE C 295 -11.17 -30.87 -5.92
CA ILE C 295 -10.65 -32.17 -6.36
C ILE C 295 -11.81 -33.05 -6.88
N GLY C 296 -12.86 -33.19 -6.06
CA GLY C 296 -14.04 -33.98 -6.42
C GLY C 296 -14.65 -33.54 -7.75
N GLU C 297 -14.73 -32.21 -7.95
CA GLU C 297 -15.28 -31.61 -9.16
C GLU C 297 -14.38 -31.80 -10.39
N LEU C 298 -13.05 -31.67 -10.19
CA LEU C 298 -12.07 -31.83 -11.26
C LEU C 298 -11.96 -33.28 -11.73
N VAL C 299 -12.11 -34.25 -10.81
CA VAL C 299 -12.08 -35.69 -11.10
C VAL C 299 -13.25 -36.01 -12.05
N ALA C 300 -14.45 -35.51 -11.73
CA ALA C 300 -15.68 -35.72 -12.50
C ALA C 300 -15.63 -35.08 -13.87
N ARG C 301 -15.08 -33.87 -13.95
CA ARG C 301 -15.01 -33.09 -15.19
C ARG C 301 -13.99 -33.67 -16.19
N HIS C 302 -12.84 -34.11 -15.71
CA HIS C 302 -11.76 -34.54 -16.59
C HIS C 302 -11.44 -36.04 -16.64
N GLY C 303 -12.12 -36.85 -15.82
CA GLY C 303 -11.86 -38.28 -15.72
C GLY C 303 -10.45 -38.58 -15.24
N VAL C 304 -10.04 -37.92 -14.13
CA VAL C 304 -8.74 -38.09 -13.47
C VAL C 304 -8.51 -39.58 -13.17
N THR C 305 -7.35 -40.13 -13.60
CA THR C 305 -7.01 -41.55 -13.45
C THR C 305 -6.13 -41.85 -12.25
N MET C 306 -5.42 -40.85 -11.73
CA MET C 306 -4.52 -41.00 -10.59
C MET C 306 -4.60 -39.81 -9.64
N LEU C 307 -4.72 -40.09 -8.33
CA LEU C 307 -4.71 -39.07 -7.28
C LEU C 307 -3.55 -39.32 -6.30
N GLN C 308 -2.81 -38.29 -5.97
CA GLN C 308 -1.69 -38.35 -5.04
C GLN C 308 -2.11 -37.42 -3.91
N LEU C 309 -2.28 -37.99 -2.71
CA LEU C 309 -2.88 -37.26 -1.57
C LEU C 309 -2.13 -37.51 -0.28
N SER C 310 -2.14 -36.54 0.63
CA SER C 310 -1.59 -36.79 1.97
C SER C 310 -2.61 -37.72 2.66
N ALA C 311 -2.24 -38.43 3.72
CA ALA C 311 -3.17 -39.30 4.45
C ALA C 311 -4.41 -38.56 4.93
N SER C 312 -4.26 -37.35 5.49
CA SER C 312 -5.38 -36.53 5.99
C SER C 312 -6.34 -36.07 4.86
N LEU C 313 -5.79 -35.73 3.68
CA LEU C 313 -6.60 -35.36 2.52
C LEU C 313 -7.40 -36.58 2.04
N PHE C 314 -6.72 -37.75 1.97
CA PHE C 314 -7.32 -39.02 1.59
C PHE C 314 -8.48 -39.35 2.53
N ASN C 315 -8.28 -39.24 3.85
CA ASN C 315 -9.31 -39.53 4.85
C ASN C 315 -10.52 -38.65 4.71
N PHE C 316 -10.32 -37.34 4.48
CA PHE C 316 -11.40 -36.39 4.28
C PHE C 316 -12.23 -36.72 3.03
N LEU C 317 -11.56 -36.94 1.89
CA LEU C 317 -12.19 -37.31 0.62
C LEU C 317 -12.97 -38.63 0.75
N VAL C 318 -12.36 -39.66 1.38
CA VAL C 318 -13.02 -40.95 1.60
C VAL C 318 -14.37 -40.79 2.28
N ASP C 319 -14.42 -39.92 3.31
CA ASP C 319 -15.61 -39.63 4.14
C ASP C 319 -16.55 -38.58 3.61
N GLU C 320 -16.03 -37.50 3.04
CA GLU C 320 -16.83 -36.36 2.65
C GLU C 320 -17.05 -36.17 1.15
N VAL C 321 -16.02 -36.48 0.33
CA VAL C 321 -16.08 -36.32 -1.13
C VAL C 321 -15.81 -37.69 -1.77
N PRO C 322 -16.63 -38.77 -1.48
CA PRO C 322 -16.33 -40.10 -2.06
C PRO C 322 -16.29 -40.14 -3.59
N GLU C 323 -17.00 -39.19 -4.24
CA GLU C 323 -17.03 -39.06 -5.71
C GLU C 323 -15.68 -38.62 -6.30
N ALA C 324 -14.69 -38.28 -5.44
CA ALA C 324 -13.33 -37.94 -5.90
C ALA C 324 -12.56 -39.19 -6.36
N PHE C 325 -13.07 -40.40 -6.04
CA PHE C 325 -12.46 -41.70 -6.42
C PHE C 325 -13.21 -42.42 -7.55
N GLU C 326 -14.29 -41.81 -8.07
CA GLU C 326 -15.07 -42.37 -9.18
C GLU C 326 -14.25 -42.29 -10.47
N GLY C 327 -13.97 -43.46 -11.05
CA GLY C 327 -13.17 -43.63 -12.27
C GLY C 327 -11.67 -43.59 -12.07
N VAL C 328 -11.22 -43.32 -10.82
CA VAL C 328 -9.81 -43.26 -10.44
C VAL C 328 -9.24 -44.68 -10.35
N ARG C 329 -8.09 -44.91 -11.03
CA ARG C 329 -7.40 -46.22 -11.09
C ARG C 329 -6.45 -46.39 -9.90
N TYR C 330 -5.70 -45.32 -9.58
CA TYR C 330 -4.73 -45.31 -8.49
C TYR C 330 -4.91 -44.15 -7.54
N ALA C 331 -4.87 -44.43 -6.23
CA ALA C 331 -4.87 -43.39 -5.19
C ALA C 331 -3.63 -43.66 -4.32
N ILE C 332 -2.68 -42.70 -4.31
CA ILE C 332 -1.41 -42.84 -3.61
C ILE C 332 -1.27 -41.86 -2.47
N THR C 333 -1.07 -42.41 -1.26
CA THR C 333 -0.84 -41.64 -0.03
C THR C 333 0.66 -41.37 0.12
N GLY C 334 0.97 -40.24 0.74
CA GLY C 334 2.32 -39.73 0.87
C GLY C 334 3.23 -40.23 1.98
N GLY C 335 2.96 -41.44 2.49
CA GLY C 335 3.79 -42.08 3.51
C GLY C 335 3.57 -41.57 4.93
N GLU C 336 2.62 -40.60 5.12
CA GLU C 336 2.25 -40.05 6.43
C GLU C 336 1.53 -41.18 7.23
N PRO C 337 1.44 -41.17 8.59
CA PRO C 337 0.70 -42.28 9.27
C PRO C 337 -0.73 -42.41 8.77
N ALA C 338 -0.99 -43.51 8.09
CA ALA C 338 -2.27 -43.81 7.44
C ALA C 338 -3.35 -44.24 8.39
N SER C 339 -4.62 -44.01 8.01
CA SER C 339 -5.76 -44.49 8.79
C SER C 339 -6.28 -45.71 8.05
N VAL C 340 -5.92 -46.90 8.56
CA VAL C 340 -6.28 -48.21 8.00
C VAL C 340 -7.82 -48.35 7.85
N PRO C 341 -8.70 -47.91 8.80
CA PRO C 341 -10.15 -47.98 8.53
C PRO C 341 -10.57 -47.15 7.30
N HIS C 342 -9.91 -46.00 7.04
CA HIS C 342 -10.21 -45.19 5.85
C HIS C 342 -9.74 -45.89 4.59
N VAL C 343 -8.61 -46.61 4.66
CA VAL C 343 -8.05 -47.38 3.54
C VAL C 343 -9.02 -48.55 3.26
N ALA C 344 -9.52 -49.19 4.33
CA ALA C 344 -10.49 -50.28 4.24
C ALA C 344 -11.83 -49.77 3.68
N LYS C 345 -12.26 -48.56 4.09
CA LYS C 345 -13.51 -47.92 3.63
C LYS C 345 -13.43 -47.59 2.12
N ALA C 346 -12.26 -47.10 1.65
CA ALA C 346 -12.02 -46.80 0.24
C ALA C 346 -12.10 -48.10 -0.61
N ARG C 347 -11.57 -49.24 -0.08
CA ARG C 347 -11.62 -50.53 -0.78
C ARG C 347 -13.05 -51.06 -0.92
N ARG C 348 -13.90 -50.86 0.11
CA ARG C 348 -15.31 -51.24 0.13
C ARG C 348 -16.12 -50.37 -0.85
N ASP C 349 -15.95 -49.03 -0.78
CA ASP C 349 -16.67 -48.06 -1.61
C ASP C 349 -16.23 -48.07 -3.06
N HIS C 350 -14.92 -48.27 -3.31
CA HIS C 350 -14.33 -48.23 -4.64
C HIS C 350 -13.51 -49.52 -4.90
N PRO C 351 -14.20 -50.62 -5.32
CA PRO C 351 -13.52 -51.91 -5.50
C PRO C 351 -12.45 -51.99 -6.59
N ALA C 352 -12.54 -51.13 -7.60
CA ALA C 352 -11.59 -51.09 -8.73
C ALA C 352 -10.37 -50.19 -8.43
N LEU C 353 -10.44 -49.39 -7.34
CA LEU C 353 -9.38 -48.49 -6.95
C LEU C 353 -8.15 -49.23 -6.40
N ARG C 354 -7.00 -48.99 -7.03
CA ARG C 354 -5.73 -49.55 -6.56
C ARG C 354 -5.16 -48.50 -5.61
N LEU C 355 -4.74 -48.95 -4.44
CA LEU C 355 -4.21 -48.07 -3.40
C LEU C 355 -2.72 -48.29 -3.17
N GLY C 356 -2.01 -47.18 -2.97
CA GLY C 356 -0.57 -47.18 -2.73
C GLY C 356 -0.13 -46.19 -1.66
N ASN C 357 1.02 -46.44 -1.03
CA ASN C 357 1.60 -45.59 0.01
C ASN C 357 3.05 -45.38 -0.38
N GLY C 358 3.41 -44.15 -0.74
CA GLY C 358 4.77 -43.82 -1.18
C GLY C 358 5.55 -43.11 -0.10
N TYR C 359 6.87 -43.30 -0.07
CA TYR C 359 7.71 -42.71 0.96
C TYR C 359 9.01 -42.22 0.39
N GLY C 360 9.53 -41.16 0.99
CA GLY C 360 10.85 -40.67 0.66
C GLY C 360 11.08 -39.21 0.94
N PRO C 361 12.33 -38.83 1.30
CA PRO C 361 12.61 -37.39 1.44
C PRO C 361 12.82 -36.75 0.05
N ALA C 362 12.78 -35.41 -0.04
CA ALA C 362 12.99 -34.66 -1.30
C ALA C 362 14.40 -34.88 -1.84
N GLU C 363 15.34 -35.16 -0.90
CA GLU C 363 16.76 -35.43 -1.15
C GLU C 363 16.97 -36.67 -2.00
N SER C 364 15.92 -37.50 -2.15
CA SER C 364 15.96 -38.73 -2.94
C SER C 364 14.91 -38.76 -4.07
N MET C 365 14.26 -37.59 -4.30
CA MET C 365 13.27 -37.31 -5.36
C MET C 365 12.00 -38.15 -5.35
N GLY C 366 10.89 -37.50 -5.00
CA GLY C 366 9.56 -38.11 -4.95
C GLY C 366 9.59 -39.31 -4.03
N PHE C 367 9.06 -40.42 -4.52
CA PHE C 367 9.09 -41.65 -3.75
C PHE C 367 10.45 -42.36 -3.95
N THR C 368 11.03 -42.85 -2.85
CA THR C 368 12.20 -43.72 -2.87
C THR C 368 11.65 -45.15 -2.77
N THR C 369 10.68 -45.35 -1.86
CA THR C 369 10.00 -46.64 -1.68
C THR C 369 8.50 -46.46 -1.97
N HIS C 370 7.79 -47.56 -2.27
CA HIS C 370 6.35 -47.56 -2.50
C HIS C 370 5.76 -48.87 -2.04
N HIS C 371 4.55 -48.85 -1.48
CA HIS C 371 3.84 -50.05 -1.09
C HIS C 371 2.50 -50.11 -1.78
N ALA C 372 2.25 -51.19 -2.55
CA ALA C 372 0.97 -51.47 -3.19
C ALA C 372 0.12 -52.13 -2.11
N VAL C 373 -1.03 -51.51 -1.78
CA VAL C 373 -1.91 -52.02 -0.71
C VAL C 373 -2.54 -53.36 -1.10
N VAL C 374 -2.45 -54.33 -0.18
CA VAL C 374 -2.97 -55.69 -0.28
C VAL C 374 -3.99 -55.96 0.84
N ALA C 375 -4.84 -56.98 0.65
CA ALA C 375 -5.88 -57.41 1.60
C ALA C 375 -5.36 -57.56 3.04
N GLY C 376 -4.17 -58.13 3.19
CA GLY C 376 -3.50 -58.33 4.48
C GLY C 376 -3.17 -57.08 5.26
N ASP C 377 -3.06 -55.91 4.58
CA ASP C 377 -2.72 -54.60 5.19
C ASP C 377 -3.87 -53.99 5.98
N LEU C 378 -5.09 -54.47 5.70
CA LEU C 378 -6.33 -53.98 6.31
C LEU C 378 -6.59 -54.49 7.73
N SER C 379 -5.92 -55.60 8.12
CA SER C 379 -6.00 -56.18 9.46
C SER C 379 -5.07 -55.43 10.46
N GLY C 380 -4.11 -54.67 9.92
CA GLY C 380 -3.11 -53.93 10.68
C GLY C 380 -3.53 -52.60 11.23
N THR C 381 -2.55 -51.90 11.84
CA THR C 381 -2.69 -50.60 12.51
C THR C 381 -2.13 -49.48 11.65
N ALA C 382 -1.11 -49.79 10.85
CA ALA C 382 -0.45 -48.81 9.98
C ALA C 382 -0.17 -49.41 8.60
N LEU C 383 0.12 -48.54 7.63
CA LEU C 383 0.46 -48.93 6.26
C LEU C 383 1.97 -49.02 6.10
N PRO C 384 2.50 -50.10 5.50
CA PRO C 384 3.95 -50.17 5.25
C PRO C 384 4.40 -49.16 4.17
N ILE C 385 5.70 -48.81 4.14
CA ILE C 385 6.26 -47.89 3.13
C ILE C 385 6.85 -48.64 1.92
N GLY C 386 6.75 -49.97 1.94
CA GLY C 386 7.09 -50.87 0.85
C GLY C 386 8.53 -51.24 0.50
N VAL C 387 8.74 -51.27 -0.82
CA VAL C 387 9.95 -51.69 -1.54
C VAL C 387 10.53 -50.50 -2.35
N PRO C 388 11.88 -50.40 -2.52
CA PRO C 388 12.42 -49.27 -3.31
C PRO C 388 11.95 -49.27 -4.77
N LEU C 389 11.98 -48.08 -5.41
CA LEU C 389 11.67 -47.95 -6.84
C LEU C 389 12.85 -48.56 -7.62
N ALA C 390 12.66 -48.82 -8.92
CA ALA C 390 13.76 -49.31 -9.78
C ALA C 390 14.83 -48.24 -9.81
N GLY C 391 16.08 -48.65 -9.63
CA GLY C 391 17.24 -47.79 -9.64
C GLY C 391 17.50 -47.08 -8.33
N LYS C 392 16.60 -47.24 -7.35
CA LYS C 392 16.77 -46.63 -6.03
C LYS C 392 16.96 -47.76 -5.04
N ARG C 393 17.46 -47.40 -3.85
CA ARG C 393 17.64 -48.36 -2.76
C ARG C 393 17.48 -47.74 -1.39
N ALA C 394 17.09 -48.57 -0.42
CA ALA C 394 16.85 -48.15 0.96
C ALA C 394 17.45 -49.18 1.90
N TYR C 395 18.23 -48.71 2.91
CA TYR C 395 18.88 -49.55 3.93
C TYR C 395 18.39 -49.18 5.33
N VAL C 396 18.29 -50.17 6.23
CA VAL C 396 17.94 -49.99 7.65
C VAL C 396 19.23 -50.33 8.40
N LEU C 397 19.93 -49.31 8.88
CA LEU C 397 21.25 -49.46 9.53
C LEU C 397 21.29 -49.18 11.03
N ASP C 398 22.26 -49.81 11.72
CA ASP C 398 22.53 -49.63 13.15
C ASP C 398 23.62 -48.57 13.34
N ASP C 399 23.99 -48.25 14.60
CA ASP C 399 25.01 -47.26 14.95
C ASP C 399 26.38 -47.51 14.29
N ASP C 400 26.67 -48.75 13.84
CA ASP C 400 27.93 -49.11 13.15
C ASP C 400 27.82 -49.13 11.62
N LEU C 401 26.67 -48.65 11.08
CA LEU C 401 26.33 -48.63 9.64
C LEU C 401 26.23 -50.06 9.07
N LYS C 402 25.80 -51.00 9.93
CA LYS C 402 25.59 -52.39 9.58
C LYS C 402 24.07 -52.63 9.44
N PRO C 403 23.61 -53.45 8.47
CA PRO C 403 22.17 -53.71 8.33
C PRO C 403 21.57 -54.23 9.64
N ALA C 404 20.61 -53.48 10.18
CA ALA C 404 19.97 -53.88 11.45
C ALA C 404 19.30 -55.25 11.28
N ALA C 405 19.23 -56.04 12.37
CA ALA C 405 18.67 -57.38 12.41
C ALA C 405 17.24 -57.40 11.84
N ASN C 406 16.86 -58.41 11.03
CA ASN C 406 15.51 -58.45 10.45
C ASN C 406 14.45 -58.36 11.57
N GLY C 407 13.60 -57.34 11.44
CA GLY C 407 12.55 -57.03 12.39
C GLY C 407 12.98 -56.00 13.43
N ALA C 408 14.30 -55.82 13.63
CA ALA C 408 14.83 -54.85 14.56
C ALA C 408 14.82 -53.43 13.95
N LEU C 409 14.78 -52.46 14.85
CA LEU C 409 14.76 -51.05 14.57
C LEU C 409 16.14 -50.55 14.19
N GLY C 410 16.17 -49.61 13.26
CA GLY C 410 17.39 -48.99 12.77
C GLY C 410 17.07 -47.74 11.99
N GLU C 411 18.11 -47.00 11.60
CA GLU C 411 17.91 -45.77 10.84
C GLU C 411 17.88 -46.03 9.32
N LEU C 412 16.94 -45.39 8.65
CA LEU C 412 16.73 -45.49 7.22
C LEU C 412 17.69 -44.58 6.43
N TYR C 413 18.39 -45.18 5.45
CA TYR C 413 19.34 -44.54 4.55
C TYR C 413 18.88 -44.82 3.14
N VAL C 414 18.78 -43.79 2.30
CA VAL C 414 18.32 -43.92 0.92
C VAL C 414 19.40 -43.63 -0.10
N ALA C 415 19.37 -44.37 -1.23
CA ALA C 415 20.38 -44.23 -2.26
C ALA C 415 19.84 -44.49 -3.67
N GLY C 416 20.70 -44.31 -4.67
CA GLY C 416 20.35 -44.54 -6.05
C GLY C 416 20.10 -43.31 -6.88
N ALA C 417 19.36 -43.53 -7.97
CA ALA C 417 19.06 -42.59 -9.04
C ALA C 417 18.45 -41.23 -8.66
N GLY C 418 17.64 -41.20 -7.59
CA GLY C 418 16.96 -39.97 -7.19
C GLY C 418 17.71 -38.98 -6.34
N LEU C 419 18.95 -39.33 -5.91
CA LEU C 419 19.74 -38.45 -5.05
C LEU C 419 20.07 -37.04 -5.59
N ALA C 420 19.83 -36.02 -4.75
CA ALA C 420 20.13 -34.61 -5.03
C ALA C 420 21.64 -34.41 -4.94
N HIS C 421 22.18 -33.35 -5.58
CA HIS C 421 23.61 -33.05 -5.48
C HIS C 421 23.96 -32.60 -4.05
N GLY C 422 22.96 -32.01 -3.38
CA GLY C 422 23.09 -31.52 -2.02
C GLY C 422 22.21 -30.32 -1.78
N TYR C 423 22.59 -29.54 -0.77
CA TYR C 423 21.87 -28.33 -0.38
C TYR C 423 22.63 -27.15 -0.90
N VAL C 424 22.00 -26.37 -1.79
CA VAL C 424 22.62 -25.19 -2.39
C VAL C 424 23.21 -24.23 -1.32
N SER C 425 24.51 -23.87 -1.53
CA SER C 425 25.30 -22.96 -0.66
C SER C 425 25.61 -23.54 0.73
N ARG C 426 25.40 -24.86 0.94
CA ARG C 426 25.60 -25.52 2.24
C ARG C 426 26.44 -26.80 2.09
N PRO C 427 27.76 -26.70 1.78
CA PRO C 427 28.56 -27.94 1.62
C PRO C 427 28.77 -28.78 2.87
N ALA C 428 28.84 -28.13 4.06
CA ALA C 428 29.04 -28.82 5.35
C ALA C 428 27.81 -29.66 5.70
N LEU C 429 26.59 -29.10 5.58
CA LEU C 429 25.35 -29.83 5.83
C LEU C 429 25.16 -30.97 4.82
N THR C 430 25.65 -30.78 3.55
CA THR C 430 25.59 -31.80 2.50
C THR C 430 26.42 -33.03 2.89
N ALA C 431 27.74 -32.84 3.13
CA ALA C 431 28.72 -33.87 3.51
C ALA C 431 28.38 -34.65 4.79
N GLU C 432 27.51 -34.06 5.64
CA GLU C 432 26.98 -34.55 6.92
C GLU C 432 25.82 -35.52 6.68
N ARG C 433 24.94 -35.24 5.68
CA ARG C 433 23.76 -36.07 5.39
C ARG C 433 23.84 -36.98 4.13
N PHE C 434 24.57 -36.53 3.10
CA PHE C 434 24.82 -37.26 1.85
C PHE C 434 26.22 -37.83 2.06
N VAL C 435 26.25 -39.01 2.66
CA VAL C 435 27.44 -39.72 3.10
C VAL C 435 27.81 -40.88 2.16
N ALA C 436 29.06 -41.38 2.25
CA ALA C 436 29.57 -42.49 1.44
C ALA C 436 28.75 -43.78 1.68
N ASP C 437 28.48 -44.54 0.61
CA ASP C 437 27.71 -45.77 0.72
C ASP C 437 28.67 -46.96 0.88
N PRO C 438 28.66 -47.65 2.04
CA PRO C 438 29.58 -48.76 2.24
C PRO C 438 29.24 -50.05 1.50
N PHE C 439 28.06 -50.08 0.86
CA PHE C 439 27.55 -51.23 0.13
C PHE C 439 27.69 -51.10 -1.40
N ALA C 440 28.07 -49.90 -1.88
CA ALA C 440 28.26 -49.60 -3.30
C ALA C 440 29.57 -50.20 -3.89
N GLY C 441 29.52 -50.53 -5.19
CA GLY C 441 30.59 -51.14 -5.98
C GLY C 441 31.89 -50.36 -6.10
N PRO C 442 32.80 -50.72 -7.05
CA PRO C 442 34.10 -50.02 -7.16
C PRO C 442 34.00 -48.50 -7.27
N GLY C 443 32.96 -48.01 -7.92
CA GLY C 443 32.69 -46.59 -8.05
C GLY C 443 32.05 -46.08 -6.78
N GLY C 444 32.58 -44.99 -6.25
CA GLY C 444 32.05 -44.41 -5.03
C GLY C 444 30.68 -43.78 -5.24
N GLU C 445 29.69 -44.22 -4.43
CA GLU C 445 28.31 -43.70 -4.43
C GLU C 445 27.94 -43.17 -3.03
N ARG C 446 26.88 -42.35 -2.94
CA ARG C 446 26.41 -41.78 -1.69
C ARG C 446 25.10 -42.42 -1.20
N MET C 447 24.78 -42.17 0.06
CA MET C 447 23.52 -42.55 0.70
C MET C 447 23.04 -41.38 1.56
N TYR C 448 21.74 -41.13 1.59
CA TYR C 448 21.20 -40.04 2.38
C TYR C 448 20.63 -40.53 3.69
N ARG C 449 21.13 -39.98 4.86
CA ARG C 449 20.57 -40.34 6.18
C ARG C 449 19.29 -39.61 6.40
N THR C 450 18.16 -40.34 6.42
CA THR C 450 16.83 -39.75 6.53
C THR C 450 16.48 -39.15 7.91
N GLY C 451 17.07 -39.73 8.96
CA GLY C 451 16.76 -39.35 10.33
C GLY C 451 15.52 -40.08 10.80
N ASP C 452 15.00 -41.01 9.96
CA ASP C 452 13.81 -41.81 10.21
C ASP C 452 14.21 -43.18 10.70
N LEU C 453 13.44 -43.68 11.65
CA LEU C 453 13.63 -45.02 12.18
C LEU C 453 12.64 -45.90 11.43
N ALA C 454 13.10 -47.10 11.08
CA ALA C 454 12.30 -48.04 10.33
C ALA C 454 12.62 -49.46 10.74
N ARG C 455 11.79 -50.36 10.22
CA ARG C 455 11.77 -51.78 10.48
C ARG C 455 11.62 -52.47 9.13
N ARG C 456 12.41 -53.51 8.88
CA ARG C 456 12.24 -54.26 7.65
C ARG C 456 11.65 -55.59 8.10
N ARG C 457 10.44 -55.90 7.63
CA ARG C 457 9.82 -57.16 8.01
C ARG C 457 10.38 -58.37 7.22
N ALA C 458 10.06 -59.61 7.67
CA ALA C 458 10.53 -60.87 7.08
C ALA C 458 10.41 -60.99 5.56
N ASP C 459 9.35 -60.39 4.97
CA ASP C 459 9.15 -60.39 3.53
C ASP C 459 9.98 -59.29 2.79
N GLY C 460 10.69 -58.45 3.55
CA GLY C 460 11.54 -57.39 3.00
C GLY C 460 10.88 -56.03 2.92
N VAL C 461 9.55 -56.00 3.08
CA VAL C 461 8.73 -54.80 3.03
C VAL C 461 9.13 -53.91 4.24
N LEU C 462 9.34 -52.60 3.99
CA LEU C 462 9.73 -51.62 5.00
C LEU C 462 8.53 -51.00 5.73
N GLU C 463 8.72 -50.68 7.00
CA GLU C 463 7.72 -50.05 7.85
C GLU C 463 8.33 -48.84 8.54
N TYR C 464 7.65 -47.69 8.47
CA TYR C 464 8.07 -46.48 9.16
C TYR C 464 7.75 -46.62 10.66
N VAL C 465 8.72 -46.30 11.52
CA VAL C 465 8.51 -46.37 12.98
C VAL C 465 8.29 -44.95 13.55
N GLY C 466 9.29 -44.09 13.39
CA GLY C 466 9.28 -42.72 13.87
C GLY C 466 10.57 -42.00 13.57
N ARG C 467 10.83 -40.89 14.26
CA ARG C 467 12.04 -40.11 14.03
C ARG C 467 13.13 -40.47 15.04
N ALA C 468 14.40 -40.29 14.67
CA ALA C 468 15.55 -40.60 15.52
C ALA C 468 15.74 -39.53 16.59
N SER D 5 -33.85 -53.58 25.19
CA SER D 5 -35.22 -53.74 24.71
C SER D 5 -36.18 -52.67 25.28
N ASN D 6 -36.28 -51.52 24.58
CA ASN D 6 -37.07 -50.31 24.89
C ASN D 6 -38.58 -50.56 25.13
N PRO D 7 -39.19 -50.02 26.22
CA PRO D 7 -40.63 -50.27 26.48
C PRO D 7 -41.65 -49.53 25.57
N PHE D 8 -41.18 -48.56 24.76
CA PHE D 8 -42.06 -47.83 23.82
C PHE D 8 -42.13 -48.54 22.48
N GLU D 9 -41.26 -49.55 22.26
CA GLU D 9 -41.23 -50.34 21.03
C GLU D 9 -41.83 -51.71 21.26
N GLU D 10 -41.44 -52.38 22.36
CA GLU D 10 -41.93 -53.69 22.71
C GLU D 10 -42.15 -53.81 24.22
N TYR D 11 -43.42 -54.01 24.63
CA TYR D 11 -43.82 -54.13 26.03
C TYR D 11 -44.91 -55.19 26.18
N ASP D 12 -44.67 -56.16 27.08
CA ASP D 12 -45.58 -57.27 27.33
C ASP D 12 -46.95 -56.88 27.89
N GLY D 13 -46.98 -55.95 28.83
CA GLY D 13 -48.20 -55.50 29.49
C GLY D 13 -49.17 -54.65 28.67
N GLY D 14 -48.78 -54.27 27.45
CA GLY D 14 -49.60 -53.44 26.59
C GLY D 14 -49.26 -51.96 26.71
N HIS D 15 -49.97 -51.11 25.97
CA HIS D 15 -49.72 -49.67 25.95
C HIS D 15 -50.98 -48.83 26.22
N VAL D 16 -50.78 -47.58 26.67
CA VAL D 16 -51.82 -46.58 26.90
C VAL D 16 -51.42 -45.26 26.20
N VAL D 17 -52.42 -44.43 25.86
CA VAL D 17 -52.22 -43.12 25.24
C VAL D 17 -52.45 -42.08 26.33
N LEU D 18 -51.40 -41.32 26.64
CA LEU D 18 -51.46 -40.26 27.64
C LEU D 18 -51.67 -38.90 26.97
N THR D 19 -52.32 -38.00 27.70
CA THR D 19 -52.59 -36.64 27.28
C THR D 19 -52.22 -35.69 28.41
N ASP D 20 -51.73 -34.51 28.05
CA ASP D 20 -51.39 -33.49 29.03
C ASP D 20 -52.36 -32.29 28.86
N ALA D 21 -52.23 -31.24 29.72
CA ALA D 21 -53.05 -30.03 29.70
C ALA D 21 -53.02 -29.27 28.35
N LEU D 22 -51.96 -29.50 27.55
CA LEU D 22 -51.77 -28.85 26.25
C LEU D 22 -52.20 -29.70 25.06
N GLY D 23 -52.89 -30.79 25.36
CA GLY D 23 -53.41 -31.75 24.38
C GLY D 23 -52.37 -32.56 23.63
N ARG D 24 -51.14 -32.66 24.18
CA ARG D 24 -50.10 -33.46 23.56
C ARG D 24 -50.38 -34.92 23.88
N HIS D 25 -50.04 -35.81 22.95
CA HIS D 25 -50.22 -37.24 23.12
C HIS D 25 -48.92 -37.94 23.34
N SER D 26 -48.91 -38.94 24.22
CA SER D 26 -47.73 -39.75 24.49
C SER D 26 -48.10 -41.23 24.60
N LEU D 27 -47.31 -42.08 23.94
CA LEU D 27 -47.45 -43.52 24.03
C LEU D 27 -46.82 -43.85 25.39
N TRP D 28 -47.39 -44.81 26.11
CA TRP D 28 -46.86 -45.17 27.42
C TRP D 28 -47.09 -46.63 27.71
N PRO D 29 -46.08 -47.33 28.28
CA PRO D 29 -46.28 -48.75 28.63
C PRO D 29 -47.31 -48.88 29.76
N ALA D 30 -48.34 -49.73 29.56
CA ALA D 30 -49.42 -49.94 30.53
C ALA D 30 -48.95 -50.28 31.95
N GLY D 31 -47.85 -51.02 32.06
CA GLY D 31 -47.28 -51.44 33.34
C GLY D 31 -46.28 -50.52 34.00
N ILE D 32 -46.23 -49.26 33.57
CA ILE D 32 -45.37 -48.24 34.17
C ILE D 32 -46.29 -47.07 34.59
N ALA D 33 -46.16 -46.62 35.86
CA ALA D 33 -46.96 -45.55 36.46
C ALA D 33 -47.01 -44.28 35.58
N VAL D 34 -48.20 -43.69 35.51
CA VAL D 34 -48.51 -42.49 34.74
C VAL D 34 -47.81 -41.28 35.39
N PRO D 35 -46.90 -40.58 34.65
CA PRO D 35 -46.21 -39.42 35.25
C PRO D 35 -47.17 -38.30 35.64
N ALA D 36 -46.74 -37.47 36.63
CA ALA D 36 -47.51 -36.32 37.11
C ALA D 36 -47.75 -35.36 35.94
N GLY D 37 -49.00 -34.92 35.82
CA GLY D 37 -49.45 -33.99 34.79
C GLY D 37 -50.06 -34.67 33.58
N TRP D 38 -50.07 -36.01 33.56
CA TRP D 38 -50.61 -36.81 32.46
C TRP D 38 -51.80 -37.66 32.85
N SER D 39 -52.72 -37.91 31.88
CA SER D 39 -53.90 -38.74 32.09
C SER D 39 -54.12 -39.70 30.91
N VAL D 40 -54.55 -40.94 31.21
CA VAL D 40 -54.84 -41.96 30.18
C VAL D 40 -56.08 -41.55 29.36
N ARG D 41 -55.88 -41.38 28.04
CA ARG D 41 -56.91 -41.00 27.08
C ARG D 41 -57.45 -42.21 26.32
N HIS D 42 -56.61 -43.25 26.11
CA HIS D 42 -56.94 -44.50 25.44
C HIS D 42 -56.48 -45.67 26.30
N GLY D 43 -57.45 -46.49 26.74
CA GLY D 43 -57.25 -47.66 27.60
C GLY D 43 -56.25 -48.67 27.09
N THR D 44 -55.84 -49.65 27.95
CA THR D 44 -54.85 -50.66 27.58
C THR D 44 -55.18 -51.30 26.23
N ASP D 45 -54.24 -51.18 25.29
CA ASP D 45 -54.42 -51.64 23.91
C ASP D 45 -53.07 -52.04 23.31
N SER D 46 -53.11 -52.59 22.07
CA SER D 46 -51.93 -52.94 21.29
C SER D 46 -51.22 -51.62 20.92
N ARG D 47 -49.90 -51.68 20.72
CA ARG D 47 -49.07 -50.56 20.32
C ARG D 47 -49.62 -49.93 19.01
N GLU D 48 -50.06 -50.77 18.05
CA GLU D 48 -50.65 -50.36 16.76
C GLU D 48 -51.98 -49.66 16.98
N GLY D 49 -52.78 -50.20 17.91
CA GLY D 49 -54.08 -49.67 18.31
C GLY D 49 -53.95 -48.30 18.97
N CYS D 50 -52.90 -48.15 19.80
CA CYS D 50 -52.58 -46.91 20.50
C CYS D 50 -52.11 -45.83 19.52
N LEU D 51 -51.20 -46.19 18.60
CA LEU D 51 -50.68 -45.31 17.54
C LEU D 51 -51.78 -44.85 16.56
N ALA D 52 -52.78 -45.75 16.27
CA ALA D 52 -53.97 -45.50 15.42
C ALA D 52 -54.85 -44.41 16.04
N HIS D 53 -55.14 -44.52 17.37
CA HIS D 53 -55.88 -43.54 18.17
C HIS D 53 -55.23 -42.14 18.05
N ILE D 54 -53.88 -42.06 18.23
CA ILE D 54 -53.09 -40.83 18.14
C ILE D 54 -53.16 -40.23 16.72
N GLU D 55 -52.96 -41.07 15.68
CA GLU D 55 -53.02 -40.65 14.28
C GLU D 55 -54.39 -40.04 13.96
N HIS D 56 -55.46 -40.55 14.59
CA HIS D 56 -56.82 -40.05 14.40
C HIS D 56 -57.16 -38.80 15.23
N HIS D 57 -56.90 -38.83 16.55
CA HIS D 57 -57.23 -37.73 17.47
C HIS D 57 -56.29 -36.53 17.50
N TRP D 58 -54.96 -36.75 17.40
CA TRP D 58 -53.99 -35.67 17.48
C TRP D 58 -53.81 -35.00 16.11
N THR D 59 -54.74 -34.08 15.80
CA THR D 59 -54.78 -33.32 14.54
C THR D 59 -53.81 -32.15 14.48
N ASP D 60 -53.58 -31.44 15.61
CA ASP D 60 -52.61 -30.35 15.63
C ASP D 60 -51.56 -30.51 16.74
N LEU D 61 -50.27 -30.63 16.35
CA LEU D 61 -49.13 -30.82 17.26
C LEU D 61 -48.87 -29.64 18.16
N ARG D 62 -49.14 -28.40 17.67
CA ARG D 62 -48.93 -27.17 18.43
C ARG D 62 -49.73 -27.16 19.76
N PRO D 63 -49.07 -26.86 20.91
CA PRO D 63 -49.78 -26.89 22.20
C PRO D 63 -50.99 -25.94 22.29
N THR D 64 -51.99 -26.31 23.11
CA THR D 64 -53.23 -25.57 23.37
C THR D 64 -53.81 -25.85 24.76
N PRO D 72 -46.83 -17.24 29.10
CA PRO D 72 -45.79 -17.30 28.06
C PRO D 72 -44.68 -16.23 28.24
N ALA D 73 -43.91 -16.36 29.36
CA ALA D 73 -42.80 -15.44 29.65
C ALA D 73 -41.65 -15.86 28.78
N GLY D 74 -41.22 -14.97 27.89
CA GLY D 74 -40.11 -15.21 26.98
C GLY D 74 -40.10 -14.35 25.73
N ALA D 75 -38.89 -13.84 25.35
CA ALA D 75 -38.76 -13.06 24.12
C ALA D 75 -38.64 -14.00 22.91
N CYS D 76 -39.14 -13.56 21.75
CA CYS D 76 -39.02 -14.30 20.51
C CYS D 76 -37.61 -14.04 19.90
N VAL D 77 -37.15 -14.91 18.98
CA VAL D 77 -35.83 -14.80 18.35
C VAL D 77 -35.62 -13.41 17.70
N HIS D 78 -36.60 -12.99 16.87
CA HIS D 78 -36.54 -11.70 16.16
C HIS D 78 -36.59 -10.52 17.10
N GLU D 79 -37.28 -10.66 18.26
CA GLU D 79 -37.40 -9.59 19.27
C GLU D 79 -36.03 -9.33 19.91
N LEU D 80 -35.28 -10.42 20.16
CA LEU D 80 -33.93 -10.33 20.72
C LEU D 80 -33.00 -9.68 19.69
N PHE D 81 -33.19 -10.01 18.40
CA PHE D 81 -32.46 -9.44 17.28
C PHE D 81 -32.78 -7.95 17.17
N GLU D 82 -34.08 -7.59 17.26
CA GLU D 82 -34.56 -6.20 17.22
C GLU D 82 -33.96 -5.32 18.32
N ALA D 83 -33.77 -5.85 19.54
CA ALA D 83 -33.14 -5.12 20.66
C ALA D 83 -31.67 -4.83 20.32
N GLN D 84 -31.00 -5.78 19.63
CA GLN D 84 -29.60 -5.60 19.17
C GLN D 84 -29.51 -4.54 18.07
N ALA D 85 -30.42 -4.58 17.08
CA ALA D 85 -30.49 -3.60 16.00
C ALA D 85 -30.78 -2.23 16.54
N ALA D 86 -31.65 -2.13 17.57
CA ALA D 86 -31.93 -0.81 18.17
C ALA D 86 -30.72 -0.28 19.00
N ARG D 87 -30.01 -1.16 19.72
CA ARG D 87 -28.89 -0.81 20.58
C ARG D 87 -27.71 -0.31 19.77
N ALA D 88 -27.33 -1.06 18.73
CA ALA D 88 -26.18 -0.65 17.89
C ALA D 88 -26.53 -0.90 16.41
N PRO D 89 -27.32 0.02 15.78
CA PRO D 89 -27.71 -0.19 14.37
C PRO D 89 -26.55 -0.19 13.39
N ASP D 90 -25.46 0.49 13.73
CA ASP D 90 -24.28 0.62 12.86
C ASP D 90 -23.26 -0.48 12.99
N ALA D 91 -23.47 -1.41 13.92
CA ALA D 91 -22.58 -2.55 14.10
C ALA D 91 -22.79 -3.50 12.92
N VAL D 92 -21.72 -4.18 12.48
CA VAL D 92 -21.83 -5.14 11.38
C VAL D 92 -22.48 -6.42 11.89
N ALA D 93 -23.51 -6.90 11.16
CA ALA D 93 -24.23 -8.12 11.48
C ALA D 93 -23.74 -9.24 10.62
N LEU D 94 -23.70 -9.01 9.29
CA LEU D 94 -23.33 -10.01 8.32
C LEU D 94 -22.22 -9.56 7.41
N LEU D 95 -21.34 -10.51 7.09
CA LEU D 95 -20.22 -10.36 6.17
C LEU D 95 -20.33 -11.50 5.17
N HIS D 96 -20.34 -11.19 3.89
CA HIS D 96 -20.39 -12.18 2.84
C HIS D 96 -19.56 -11.67 1.70
N GLU D 97 -18.52 -12.43 1.35
CA GLU D 97 -17.53 -12.05 0.36
C GLU D 97 -16.90 -10.70 0.78
N ALA D 98 -16.94 -9.67 -0.08
CA ALA D 98 -16.40 -8.35 0.21
C ALA D 98 -17.47 -7.37 0.78
N ASP D 99 -18.69 -7.86 0.98
CA ASP D 99 -19.82 -7.07 1.47
C ASP D 99 -20.14 -7.23 2.94
N GLU D 100 -20.73 -6.16 3.50
CA GLU D 100 -21.14 -6.04 4.91
C GLU D 100 -22.57 -5.54 5.01
N LEU D 101 -23.29 -5.98 6.04
CA LEU D 101 -24.67 -5.55 6.32
C LEU D 101 -24.72 -5.21 7.81
N THR D 102 -25.13 -3.99 8.14
CA THR D 102 -25.24 -3.57 9.54
C THR D 102 -26.51 -4.19 10.16
N TYR D 103 -26.61 -4.18 11.50
CA TYR D 103 -27.81 -4.62 12.23
C TYR D 103 -29.04 -3.81 11.77
N GLY D 104 -28.87 -2.48 11.66
CA GLY D 104 -29.89 -1.54 11.23
C GLY D 104 -30.39 -1.77 9.82
N ALA D 105 -29.46 -1.96 8.87
CA ALA D 105 -29.84 -2.23 7.48
C ALA D 105 -30.52 -3.60 7.33
N LEU D 106 -30.02 -4.63 8.08
CA LEU D 106 -30.60 -5.98 8.09
C LEU D 106 -32.04 -5.95 8.68
N ASN D 107 -32.23 -5.20 9.78
CA ASN D 107 -33.54 -5.01 10.41
C ASN D 107 -34.53 -4.35 9.46
N GLU D 108 -34.11 -3.28 8.75
CA GLU D 108 -34.97 -2.58 7.77
C GLU D 108 -35.42 -3.50 6.61
N ARG D 109 -34.46 -4.23 5.99
CA ARG D 109 -34.73 -5.14 4.90
C ARG D 109 -35.70 -6.24 5.32
N ALA D 110 -35.46 -6.86 6.49
CA ALA D 110 -36.31 -7.92 7.02
C ALA D 110 -37.71 -7.40 7.38
N ASN D 111 -37.82 -6.15 7.88
CA ASN D 111 -39.12 -5.51 8.16
C ASN D 111 -39.94 -5.25 6.88
N ARG D 112 -39.28 -4.77 5.81
CA ARG D 112 -39.94 -4.53 4.54
C ARG D 112 -40.58 -5.82 3.99
N LEU D 113 -39.83 -6.92 4.05
CA LEU D 113 -40.26 -8.23 3.61
C LEU D 113 -41.33 -8.83 4.50
N ALA D 114 -41.20 -8.67 5.83
CA ALA D 114 -42.19 -9.18 6.79
C ALA D 114 -43.57 -8.56 6.57
N HIS D 115 -43.62 -7.23 6.29
CA HIS D 115 -44.89 -6.53 5.98
C HIS D 115 -45.55 -7.12 4.74
N ARG D 116 -44.74 -7.50 3.73
CA ARG D 116 -45.22 -8.15 2.50
C ARG D 116 -45.76 -9.52 2.87
N LEU D 117 -45.04 -10.27 3.73
CA LEU D 117 -45.48 -11.60 4.20
C LEU D 117 -46.81 -11.57 4.93
N VAL D 118 -47.01 -10.57 5.83
CA VAL D 118 -48.27 -10.36 6.58
C VAL D 118 -49.43 -10.12 5.60
N GLY D 119 -49.18 -9.30 4.57
CA GLY D 119 -50.16 -9.01 3.53
C GLY D 119 -50.53 -10.22 2.70
N LEU D 120 -49.65 -11.25 2.68
CA LEU D 120 -49.88 -12.51 1.96
C LEU D 120 -50.48 -13.63 2.81
N GLY D 121 -50.83 -13.32 4.06
CA GLY D 121 -51.45 -14.28 4.96
C GLY D 121 -50.58 -14.92 6.02
N VAL D 122 -49.32 -14.44 6.21
CA VAL D 122 -48.44 -15.01 7.23
C VAL D 122 -48.89 -14.51 8.60
N ALA D 123 -49.01 -15.44 9.55
CA ALA D 123 -49.46 -15.15 10.89
C ALA D 123 -48.93 -16.26 11.80
N PRO D 124 -48.99 -16.13 13.14
CA PRO D 124 -48.57 -17.27 13.98
C PRO D 124 -49.31 -18.55 13.63
N GLY D 125 -48.55 -19.63 13.49
CA GLY D 125 -49.08 -20.93 13.10
C GLY D 125 -48.88 -21.23 11.62
N THR D 126 -48.35 -20.25 10.85
CA THR D 126 -48.10 -20.44 9.43
C THR D 126 -46.62 -20.67 9.15
N LEU D 127 -46.33 -21.61 8.25
CA LEU D 127 -44.97 -21.97 7.87
C LEU D 127 -44.62 -21.41 6.51
N VAL D 128 -43.33 -21.01 6.33
CA VAL D 128 -42.84 -20.41 5.09
C VAL D 128 -41.54 -21.12 4.68
N GLY D 129 -41.52 -21.62 3.44
CA GLY D 129 -40.31 -22.21 2.87
C GLY D 129 -39.36 -21.10 2.43
N VAL D 130 -38.07 -21.29 2.70
CA VAL D 130 -37.03 -20.36 2.27
C VAL D 130 -36.07 -21.16 1.38
N HIS D 131 -36.09 -20.88 0.07
CA HIS D 131 -35.26 -21.56 -0.94
C HIS D 131 -34.28 -20.54 -1.52
N LEU D 132 -33.13 -20.40 -0.88
CA LEU D 132 -32.12 -19.41 -1.25
C LEU D 132 -30.71 -19.92 -0.92
N GLU D 133 -29.73 -19.47 -1.72
CA GLU D 133 -28.31 -19.76 -1.52
C GLU D 133 -27.80 -18.94 -0.34
N ARG D 134 -26.68 -19.35 0.28
CA ARG D 134 -26.10 -18.65 1.43
C ARG D 134 -25.64 -17.22 1.03
N GLY D 135 -26.19 -16.25 1.75
CA GLY D 135 -25.94 -14.83 1.52
C GLY D 135 -26.87 -13.99 2.37
N PHE D 136 -26.84 -12.66 2.21
CA PHE D 136 -27.67 -11.74 2.99
C PHE D 136 -29.19 -12.02 2.84
N ASP D 137 -29.65 -12.30 1.62
CA ASP D 137 -31.07 -12.60 1.31
C ASP D 137 -31.64 -13.71 2.11
N MET D 138 -30.87 -14.80 2.31
CA MET D 138 -31.24 -15.95 3.15
C MET D 138 -31.60 -15.51 4.56
N VAL D 139 -30.75 -14.65 5.14
CA VAL D 139 -30.93 -14.15 6.49
C VAL D 139 -32.11 -13.18 6.57
N VAL D 140 -32.23 -12.30 5.55
CA VAL D 140 -33.32 -11.31 5.44
C VAL D 140 -34.64 -12.09 5.41
N ALA D 141 -34.76 -13.13 4.57
CA ALA D 141 -35.95 -13.97 4.43
C ALA D 141 -36.34 -14.68 5.72
N LEU D 142 -35.39 -15.34 6.38
CA LEU D 142 -35.69 -16.07 7.61
C LEU D 142 -36.10 -15.19 8.79
N LEU D 143 -35.48 -14.02 8.91
CA LEU D 143 -35.82 -13.02 9.93
C LEU D 143 -37.17 -12.40 9.61
N ALA D 144 -37.49 -12.20 8.31
CA ALA D 144 -38.78 -11.65 7.86
C ALA D 144 -39.91 -12.59 8.21
N VAL D 145 -39.69 -13.89 8.07
CA VAL D 145 -40.70 -14.93 8.40
C VAL D 145 -41.01 -14.86 9.89
N LEU D 146 -39.96 -14.80 10.74
CA LEU D 146 -40.08 -14.72 12.19
C LEU D 146 -40.79 -13.45 12.61
N LYS D 147 -40.37 -12.31 12.03
CA LYS D 147 -40.97 -10.97 12.28
C LYS D 147 -42.47 -10.95 11.96
N ALA D 148 -42.90 -11.72 10.96
CA ALA D 148 -44.29 -11.80 10.54
C ALA D 148 -45.12 -12.77 11.41
N GLY D 149 -44.46 -13.42 12.36
CA GLY D 149 -45.08 -14.34 13.30
C GLY D 149 -45.07 -15.78 12.86
N GLY D 150 -44.50 -16.06 11.69
CA GLY D 150 -44.45 -17.41 11.15
C GLY D 150 -43.21 -18.20 11.52
N GLY D 151 -43.14 -19.41 10.97
CA GLY D 151 -42.01 -20.33 11.14
C GLY D 151 -41.40 -20.61 9.78
N TYR D 152 -40.08 -20.64 9.69
CA TYR D 152 -39.39 -20.90 8.42
C TYR D 152 -38.88 -22.34 8.33
N THR D 153 -38.63 -22.78 7.11
CA THR D 153 -38.00 -24.04 6.79
C THR D 153 -36.97 -23.76 5.71
N MET D 154 -35.69 -24.00 6.03
CA MET D 154 -34.60 -23.78 5.09
C MET D 154 -34.58 -24.86 4.06
N LEU D 155 -34.73 -24.48 2.78
CA LEU D 155 -34.70 -25.42 1.68
C LEU D 155 -33.36 -25.21 0.98
N ASP D 156 -32.39 -26.06 1.34
CA ASP D 156 -31.02 -26.02 0.85
C ASP D 156 -30.96 -26.28 -0.67
N PRO D 157 -30.57 -25.25 -1.47
CA PRO D 157 -30.52 -25.42 -2.93
C PRO D 157 -29.56 -26.48 -3.48
N GLN D 158 -28.66 -27.05 -2.66
CA GLN D 158 -27.72 -28.10 -3.11
C GLN D 158 -28.43 -29.44 -3.31
N PHE D 159 -29.59 -29.62 -2.66
CA PHE D 159 -30.41 -30.83 -2.70
C PHE D 159 -31.30 -30.94 -3.92
N PRO D 160 -31.64 -32.17 -4.36
CA PRO D 160 -32.52 -32.30 -5.53
C PRO D 160 -33.91 -31.73 -5.24
N VAL D 161 -34.50 -31.13 -6.28
CA VAL D 161 -35.84 -30.53 -6.28
C VAL D 161 -36.91 -31.44 -5.66
N GLU D 162 -36.85 -32.75 -5.93
CA GLU D 162 -37.78 -33.74 -5.39
C GLU D 162 -37.73 -33.82 -3.88
N ARG D 163 -36.53 -33.76 -3.30
CA ARG D 163 -36.34 -33.81 -1.87
C ARG D 163 -36.89 -32.54 -1.21
N LEU D 164 -36.56 -31.37 -1.80
CA LEU D 164 -37.01 -30.05 -1.35
C LEU D 164 -38.55 -29.93 -1.44
N ALA D 165 -39.14 -30.41 -2.54
CA ALA D 165 -40.57 -30.40 -2.79
C ALA D 165 -41.29 -31.25 -1.78
N LEU D 166 -40.76 -32.44 -1.44
CA LEU D 166 -41.35 -33.35 -0.45
C LEU D 166 -41.36 -32.73 0.94
N SER D 167 -40.23 -32.14 1.34
CA SER D 167 -40.08 -31.46 2.63
C SER D 167 -41.07 -30.30 2.74
N LEU D 168 -41.18 -29.47 1.69
CA LEU D 168 -42.11 -28.33 1.62
C LEU D 168 -43.57 -28.83 1.73
N GLU D 169 -43.91 -29.91 1.02
CA GLU D 169 -45.23 -30.57 1.05
C GLU D 169 -45.58 -31.02 2.49
N ASP D 170 -44.62 -31.67 3.20
CA ASP D 170 -44.76 -32.14 4.58
C ASP D 170 -45.08 -31.04 5.60
N THR D 171 -44.52 -29.83 5.42
CA THR D 171 -44.78 -28.69 6.31
C THR D 171 -46.19 -28.14 6.13
N GLY D 172 -46.73 -28.28 4.92
CA GLY D 172 -48.00 -27.68 4.52
C GLY D 172 -47.91 -26.16 4.33
N ALA D 173 -46.67 -25.61 4.25
CA ALA D 173 -46.39 -24.19 4.07
C ALA D 173 -47.10 -23.67 2.83
N PRO D 174 -47.98 -22.64 2.95
CA PRO D 174 -48.67 -22.12 1.76
C PRO D 174 -47.82 -21.11 0.97
N LEU D 175 -46.63 -20.72 1.50
CA LEU D 175 -45.74 -19.73 0.87
C LEU D 175 -44.28 -20.18 0.78
N LEU D 176 -43.59 -19.66 -0.24
CA LEU D 176 -42.20 -19.91 -0.53
C LEU D 176 -41.52 -18.58 -0.87
N VAL D 177 -40.38 -18.33 -0.23
CA VAL D 177 -39.51 -17.19 -0.49
C VAL D 177 -38.30 -17.72 -1.26
N THR D 178 -38.09 -17.22 -2.49
CA THR D 178 -36.98 -17.62 -3.36
C THR D 178 -36.40 -16.39 -4.06
N SER D 179 -35.43 -16.61 -4.97
CA SER D 179 -34.77 -15.55 -5.74
C SER D 179 -35.11 -15.70 -7.24
N ARG D 180 -34.88 -14.64 -8.03
CA ARG D 180 -35.08 -14.69 -9.48
C ARG D 180 -34.21 -15.80 -10.13
N PRO D 181 -32.91 -15.99 -9.79
CA PRO D 181 -32.16 -17.13 -10.38
C PRO D 181 -32.69 -18.53 -10.04
N LEU D 182 -33.23 -18.74 -8.81
CA LEU D 182 -33.79 -20.04 -8.38
C LEU D 182 -35.25 -20.26 -8.81
N SER D 183 -35.84 -19.24 -9.41
CA SER D 183 -37.23 -19.25 -9.89
C SER D 183 -37.53 -20.43 -10.83
N GLY D 184 -38.67 -21.08 -10.57
CA GLY D 184 -39.15 -22.20 -11.37
C GLY D 184 -38.67 -23.57 -10.95
N ARG D 185 -37.68 -23.66 -10.06
CA ARG D 185 -37.19 -24.94 -9.57
C ARG D 185 -38.26 -25.63 -8.71
N LEU D 186 -38.81 -24.91 -7.72
CA LEU D 186 -39.88 -25.37 -6.86
C LEU D 186 -41.18 -24.72 -7.36
N THR D 187 -42.13 -25.57 -7.73
CA THR D 187 -43.31 -25.18 -8.44
C THR D 187 -44.71 -25.35 -7.78
N GLY D 188 -44.81 -26.03 -6.65
CA GLY D 188 -46.14 -26.28 -6.09
C GLY D 188 -46.62 -25.44 -4.92
N THR D 189 -46.23 -24.15 -4.88
CA THR D 189 -46.56 -23.26 -3.77
C THR D 189 -46.51 -21.79 -4.22
N THR D 190 -47.34 -20.93 -3.61
CA THR D 190 -47.33 -19.48 -3.84
C THR D 190 -45.93 -18.96 -3.49
N THR D 191 -45.31 -18.28 -4.45
CA THR D 191 -43.93 -17.84 -4.37
C THR D 191 -43.75 -16.34 -4.38
N LEU D 192 -42.87 -15.88 -3.51
CA LEU D 192 -42.45 -14.50 -3.45
C LEU D 192 -40.95 -14.36 -3.54
N TYR D 193 -40.52 -13.25 -4.08
CA TYR D 193 -39.11 -12.94 -4.33
C TYR D 193 -38.52 -11.99 -3.32
N VAL D 194 -37.37 -12.38 -2.80
CA VAL D 194 -36.63 -11.68 -1.77
C VAL D 194 -36.23 -10.27 -2.19
N GLU D 195 -35.76 -10.10 -3.43
CA GLU D 195 -35.34 -8.84 -4.01
C GLU D 195 -36.50 -7.86 -4.19
N GLY D 205 -40.62 -0.40 9.80
CA GLY D 205 -40.65 -0.54 11.26
C GLY D 205 -40.99 -1.94 11.73
N ASN D 206 -40.65 -2.25 13.00
CA ASN D 206 -40.90 -3.58 13.58
C ASN D 206 -42.41 -3.83 13.69
N LEU D 207 -42.80 -5.08 13.55
CA LEU D 207 -44.18 -5.55 13.54
C LEU D 207 -44.68 -6.08 14.90
N ALA D 208 -45.98 -5.87 15.18
CA ALA D 208 -46.59 -6.38 16.41
C ALA D 208 -47.61 -7.40 15.92
N THR D 209 -47.24 -8.71 15.92
CA THR D 209 -48.07 -9.76 15.35
C THR D 209 -48.80 -10.63 16.38
N GLY D 210 -48.30 -10.66 17.60
CA GLY D 210 -48.87 -11.48 18.65
C GLY D 210 -48.17 -12.82 18.81
N VAL D 211 -46.98 -13.02 18.15
CA VAL D 211 -46.18 -14.25 18.34
C VAL D 211 -45.75 -14.31 19.80
N GLY D 212 -45.58 -15.51 20.26
CA GLY D 212 -45.08 -15.81 21.60
C GLY D 212 -43.98 -16.85 21.51
N PRO D 213 -43.25 -17.08 22.63
CA PRO D 213 -42.16 -18.09 22.62
C PRO D 213 -42.55 -19.53 22.26
N GLU D 214 -43.81 -19.92 22.48
CA GLU D 214 -44.26 -21.28 22.16
C GLU D 214 -44.64 -21.46 20.73
N ASP D 215 -44.68 -20.38 19.96
CA ASP D 215 -44.98 -20.43 18.55
C ASP D 215 -43.80 -20.98 17.77
N VAL D 216 -44.10 -21.73 16.69
CA VAL D 216 -43.09 -22.33 15.84
C VAL D 216 -42.16 -21.28 15.22
N ALA D 217 -40.83 -21.50 15.33
CA ALA D 217 -39.82 -20.61 14.73
C ALA D 217 -39.23 -21.29 13.49
N CYS D 218 -39.09 -22.63 13.53
CA CYS D 218 -38.49 -23.34 12.41
C CYS D 218 -38.89 -24.80 12.29
N VAL D 219 -38.71 -25.32 11.08
CA VAL D 219 -38.88 -26.74 10.78
C VAL D 219 -37.55 -27.18 10.14
N MET D 220 -36.83 -28.08 10.84
CA MET D 220 -35.53 -28.59 10.35
C MET D 220 -35.74 -30.02 9.91
N PHE D 221 -35.38 -30.34 8.67
CA PHE D 221 -35.60 -31.68 8.16
C PHE D 221 -34.43 -32.63 8.33
N THR D 222 -34.72 -33.86 8.86
CA THR D 222 -33.73 -34.96 9.00
C THR D 222 -33.41 -35.48 7.59
N ARG D 228 -37.25 -40.87 4.01
CA ARG D 228 -38.49 -40.21 4.41
C ARG D 228 -38.16 -39.13 5.48
N PRO D 229 -37.67 -37.93 5.07
CA PRO D 229 -37.31 -36.91 6.08
C PRO D 229 -38.43 -36.50 7.02
N LYS D 230 -38.06 -36.32 8.28
CA LYS D 230 -38.93 -35.91 9.38
C LYS D 230 -38.66 -34.45 9.60
N GLY D 231 -39.73 -33.66 9.66
CA GLY D 231 -39.62 -32.23 9.87
C GLY D 231 -39.77 -31.92 11.33
N VAL D 232 -38.65 -31.63 12.00
CA VAL D 232 -38.74 -31.30 13.42
C VAL D 232 -39.18 -29.85 13.61
N MET D 233 -40.37 -29.62 14.21
CA MET D 233 -40.84 -28.26 14.45
C MET D 233 -40.63 -27.78 15.83
N SER D 234 -39.86 -26.71 15.90
CA SER D 234 -39.40 -26.11 17.15
C SER D 234 -39.92 -24.70 17.42
N PRO D 235 -40.33 -24.43 18.68
CA PRO D 235 -40.77 -23.06 19.02
C PRO D 235 -39.59 -22.11 19.21
N HIS D 236 -39.86 -20.81 19.25
CA HIS D 236 -38.87 -19.76 19.49
C HIS D 236 -38.00 -20.09 20.75
N ARG D 237 -38.69 -20.48 21.83
CA ARG D 237 -38.19 -20.90 23.13
C ARG D 237 -37.08 -21.97 23.06
N ALA D 238 -37.15 -22.90 22.10
CA ALA D 238 -36.13 -23.95 21.89
C ALA D 238 -34.83 -23.34 21.36
N LEU D 239 -34.93 -22.31 20.50
CA LEU D 239 -33.77 -21.60 19.95
C LEU D 239 -33.15 -20.68 21.02
N THR D 240 -33.99 -19.82 21.65
CA THR D 240 -33.50 -18.90 22.70
C THR D 240 -32.93 -19.65 23.90
N GLY D 241 -33.48 -20.83 24.20
CA GLY D 241 -33.04 -21.65 25.32
C GLY D 241 -31.69 -22.28 25.08
N THR D 242 -31.34 -22.48 23.80
CA THR D 242 -30.07 -23.09 23.40
C THR D 242 -28.96 -22.05 23.26
N TYR D 243 -29.29 -20.85 22.73
CA TYR D 243 -28.32 -19.80 22.45
C TYR D 243 -28.14 -18.75 23.54
N LEU D 244 -29.14 -18.59 24.44
CA LEU D 244 -29.01 -17.66 25.55
C LEU D 244 -28.83 -18.36 26.89
N GLY D 245 -28.21 -17.68 27.84
CA GLY D 245 -27.97 -18.22 29.18
C GLY D 245 -27.09 -19.45 29.21
N GLN D 246 -26.11 -19.52 28.28
CA GLN D 246 -25.18 -20.65 28.10
C GLN D 246 -23.73 -20.21 28.19
N ASP D 247 -22.83 -21.14 28.56
CA ASP D 247 -21.42 -20.78 28.76
C ASP D 247 -20.41 -21.67 28.03
N TYR D 248 -20.89 -22.47 27.04
CA TYR D 248 -20.04 -23.42 26.31
C TYR D 248 -19.13 -22.75 25.29
N ALA D 249 -19.47 -21.50 24.92
CA ALA D 249 -18.70 -20.62 24.03
C ALA D 249 -18.86 -19.18 24.52
N GLY D 250 -18.11 -18.26 23.92
CA GLY D 250 -18.17 -16.82 24.19
C GLY D 250 -19.28 -16.24 23.35
N PHE D 251 -20.19 -15.46 23.99
CA PHE D 251 -21.32 -14.80 23.36
C PHE D 251 -21.29 -13.31 23.73
N GLY D 252 -21.22 -12.43 22.73
CA GLY D 252 -21.15 -10.99 22.93
C GLY D 252 -20.86 -10.25 21.65
N PRO D 253 -20.92 -8.89 21.63
CA PRO D 253 -20.71 -8.14 20.37
C PRO D 253 -19.31 -8.21 19.75
N ASP D 254 -18.31 -8.65 20.56
CA ASP D 254 -16.93 -8.76 20.11
C ASP D 254 -16.61 -10.12 19.46
N GLU D 255 -17.61 -11.00 19.41
CA GLU D 255 -17.49 -12.31 18.79
C GLU D 255 -17.68 -12.21 17.27
N VAL D 256 -17.08 -13.14 16.54
CA VAL D 256 -17.15 -13.24 15.08
C VAL D 256 -17.40 -14.73 14.80
N PHE D 257 -18.64 -15.08 14.40
CA PHE D 257 -18.99 -16.46 14.10
C PHE D 257 -18.92 -16.69 12.60
N LEU D 258 -18.83 -17.96 12.21
CA LEU D 258 -18.74 -18.37 10.81
C LEU D 258 -19.91 -19.27 10.52
N GLN D 259 -20.83 -18.83 9.65
CA GLN D 259 -21.95 -19.66 9.24
C GLN D 259 -21.50 -20.49 8.06
N CYS D 260 -20.93 -21.67 8.34
CA CYS D 260 -20.45 -22.60 7.29
C CYS D 260 -21.19 -23.95 7.30
N SER D 261 -21.77 -24.30 8.45
CA SER D 261 -22.54 -25.54 8.60
C SER D 261 -23.79 -25.55 7.63
N PRO D 262 -24.27 -26.75 7.18
CA PRO D 262 -25.47 -26.79 6.31
C PRO D 262 -26.68 -26.07 6.96
N VAL D 263 -27.40 -25.30 6.13
CA VAL D 263 -28.48 -24.40 6.54
C VAL D 263 -29.79 -25.06 7.00
N SER D 264 -30.03 -26.31 6.62
CA SER D 264 -31.29 -26.98 6.91
C SER D 264 -31.31 -27.83 8.18
N TRP D 265 -30.13 -27.97 8.82
CA TRP D 265 -30.04 -28.73 10.05
C TRP D 265 -29.84 -27.86 11.29
N ASP D 266 -29.64 -28.46 12.47
CA ASP D 266 -29.58 -27.73 13.74
C ASP D 266 -28.29 -27.01 14.08
N ALA D 267 -27.11 -27.38 13.49
CA ALA D 267 -25.84 -26.66 13.73
C ALA D 267 -25.87 -25.18 13.21
N PHE D 268 -26.80 -24.87 12.28
CA PHE D 268 -27.04 -23.56 11.66
C PHE D 268 -27.31 -22.42 12.68
N GLY D 269 -28.24 -22.68 13.60
CA GLY D 269 -28.69 -21.75 14.64
C GLY D 269 -27.59 -21.18 15.51
N LEU D 270 -26.63 -22.00 15.92
CA LEU D 270 -25.53 -21.53 16.76
C LEU D 270 -24.70 -20.48 16.02
N GLU D 271 -24.38 -20.76 14.75
CA GLU D 271 -23.56 -19.89 13.92
C GLU D 271 -24.25 -18.55 13.55
N LEU D 272 -25.59 -18.60 13.34
CA LEU D 272 -26.40 -17.45 12.99
C LEU D 272 -26.90 -16.70 14.22
N PHE D 273 -27.76 -17.35 15.04
CA PHE D 273 -28.40 -16.75 16.21
C PHE D 273 -27.44 -16.52 17.37
N GLY D 274 -26.46 -17.40 17.52
CA GLY D 274 -25.42 -17.25 18.53
C GLY D 274 -24.68 -15.93 18.39
N ALA D 275 -24.64 -15.39 17.16
CA ALA D 275 -24.02 -14.12 16.84
C ALA D 275 -25.09 -12.99 16.83
N LEU D 276 -26.13 -13.13 15.98
CA LEU D 276 -27.19 -12.12 15.87
C LEU D 276 -27.88 -11.73 17.17
N LEU D 277 -28.16 -12.69 18.06
CA LEU D 277 -28.81 -12.37 19.35
C LEU D 277 -27.88 -11.70 20.38
N PHE D 278 -26.60 -11.49 20.05
CA PHE D 278 -25.57 -10.86 20.92
C PHE D 278 -24.88 -9.61 20.34
N GLY D 279 -25.25 -9.21 19.12
CA GLY D 279 -24.70 -8.03 18.48
C GLY D 279 -23.37 -8.27 17.82
N ALA D 280 -23.03 -9.56 17.67
CA ALA D 280 -21.78 -10.07 17.11
C ALA D 280 -21.84 -10.10 15.57
N ARG D 281 -20.66 -10.33 14.97
CA ARG D 281 -20.55 -10.44 13.51
C ARG D 281 -20.77 -11.88 13.12
N CYS D 282 -21.41 -12.10 11.97
CA CYS D 282 -21.62 -13.42 11.43
C CYS D 282 -21.12 -13.44 9.99
N VAL D 283 -20.06 -14.22 9.75
CA VAL D 283 -19.46 -14.39 8.43
C VAL D 283 -20.22 -15.53 7.74
N LEU D 284 -20.71 -15.28 6.53
CA LEU D 284 -21.42 -16.29 5.75
C LEU D 284 -20.47 -16.88 4.70
N GLN D 285 -20.30 -18.22 4.68
CA GLN D 285 -19.46 -18.79 3.64
C GLN D 285 -20.26 -19.04 2.36
N SER D 286 -19.63 -18.77 1.20
CA SER D 286 -20.26 -18.90 -0.10
C SER D 286 -20.86 -20.22 -0.55
N GLY D 287 -20.20 -21.33 -0.28
CA GLY D 287 -20.83 -22.57 -0.72
C GLY D 287 -21.85 -23.08 0.28
N GLN D 288 -22.71 -23.98 -0.14
CA GLN D 288 -23.73 -24.63 0.69
C GLN D 288 -23.15 -25.63 1.76
N ASN D 289 -21.94 -26.20 1.50
CA ASN D 289 -21.25 -27.11 2.41
C ASN D 289 -19.98 -26.51 3.00
N PRO D 290 -19.62 -26.87 4.26
CA PRO D 290 -18.36 -26.34 4.84
C PRO D 290 -17.18 -26.67 3.93
N ASP D 291 -16.45 -25.63 3.52
CA ASP D 291 -15.31 -25.69 2.61
C ASP D 291 -14.06 -25.43 3.44
N PRO D 292 -13.25 -26.48 3.75
CA PRO D 292 -12.07 -26.29 4.63
C PRO D 292 -11.09 -25.19 4.23
N LEU D 293 -10.78 -25.07 2.94
CA LEU D 293 -9.84 -24.07 2.43
C LEU D 293 -10.44 -22.67 2.53
N GLU D 294 -11.75 -22.53 2.30
CA GLU D 294 -12.45 -21.27 2.41
C GLU D 294 -12.55 -20.84 3.87
N ILE D 295 -12.82 -21.81 4.79
CA ILE D 295 -12.84 -21.60 6.26
C ILE D 295 -11.51 -20.95 6.73
N GLY D 296 -10.37 -21.55 6.38
CA GLY D 296 -9.05 -21.01 6.72
C GLY D 296 -8.87 -19.57 6.29
N GLU D 297 -9.32 -19.25 5.06
CA GLU D 297 -9.23 -17.89 4.50
C GLU D 297 -10.16 -16.90 5.18
N LEU D 298 -11.38 -17.34 5.54
CA LEU D 298 -12.38 -16.51 6.20
C LEU D 298 -12.01 -16.20 7.65
N VAL D 299 -11.36 -17.15 8.33
CA VAL D 299 -10.88 -16.97 9.70
C VAL D 299 -9.84 -15.84 9.72
N ALA D 300 -8.86 -15.88 8.78
CA ALA D 300 -7.78 -14.89 8.66
C ALA D 300 -8.29 -13.50 8.26
N ARG D 301 -9.26 -13.45 7.35
CA ARG D 301 -9.84 -12.23 6.84
C ARG D 301 -10.69 -11.49 7.87
N HIS D 302 -11.48 -12.20 8.65
CA HIS D 302 -12.44 -11.59 9.58
C HIS D 302 -12.14 -11.71 11.07
N GLY D 303 -11.11 -12.46 11.44
CA GLY D 303 -10.78 -12.70 12.85
C GLY D 303 -11.86 -13.49 13.56
N VAL D 304 -12.29 -14.62 12.95
CA VAL D 304 -13.32 -15.52 13.47
C VAL D 304 -12.89 -15.99 14.87
N THR D 305 -13.80 -15.85 15.86
CA THR D 305 -13.54 -16.17 17.27
C THR D 305 -14.04 -17.56 17.70
N MET D 306 -14.99 -18.13 16.95
CA MET D 306 -15.55 -19.43 17.26
C MET D 306 -15.80 -20.25 15.99
N LEU D 307 -15.39 -21.55 16.01
CA LEU D 307 -15.63 -22.51 14.93
C LEU D 307 -16.42 -23.69 15.44
N GLN D 308 -17.48 -24.09 14.71
CA GLN D 308 -18.31 -25.26 15.00
C GLN D 308 -18.07 -26.23 13.82
N LEU D 309 -17.46 -27.42 14.08
CA LEU D 309 -17.03 -28.36 13.06
C LEU D 309 -17.40 -29.83 13.35
N SER D 310 -17.67 -30.61 12.28
CA SER D 310 -17.86 -32.05 12.42
C SER D 310 -16.48 -32.56 12.78
N ALA D 311 -16.38 -33.75 13.36
CA ALA D 311 -15.11 -34.33 13.73
C ALA D 311 -14.17 -34.46 12.53
N SER D 312 -14.67 -34.92 11.36
CA SER D 312 -13.83 -35.09 10.18
C SER D 312 -13.31 -33.76 9.61
N LEU D 313 -14.14 -32.69 9.67
CA LEU D 313 -13.74 -31.37 9.21
C LEU D 313 -12.64 -30.83 10.13
N PHE D 314 -12.83 -31.01 11.45
CA PHE D 314 -11.88 -30.60 12.49
C PHE D 314 -10.54 -31.29 12.26
N ASN D 315 -10.55 -32.61 12.02
CA ASN D 315 -9.33 -33.40 11.81
C ASN D 315 -8.57 -32.95 10.58
N PHE D 316 -9.26 -32.69 9.47
CA PHE D 316 -8.66 -32.20 8.25
C PHE D 316 -7.98 -30.82 8.46
N LEU D 317 -8.70 -29.87 9.06
CA LEU D 317 -8.20 -28.53 9.34
C LEU D 317 -6.99 -28.60 10.27
N VAL D 318 -7.06 -29.41 11.35
CA VAL D 318 -5.95 -29.58 12.31
C VAL D 318 -4.65 -29.95 11.58
N ASP D 319 -4.74 -30.89 10.63
CA ASP D 319 -3.64 -31.42 9.84
C ASP D 319 -3.26 -30.64 8.60
N GLU D 320 -4.24 -30.12 7.86
CA GLU D 320 -3.96 -29.48 6.57
C GLU D 320 -4.13 -27.96 6.50
N VAL D 321 -5.08 -27.40 7.23
CA VAL D 321 -5.33 -25.95 7.26
C VAL D 321 -5.16 -25.49 8.75
N PRO D 322 -3.98 -25.69 9.41
CA PRO D 322 -3.84 -25.28 10.82
C PRO D 322 -4.12 -23.80 11.09
N GLU D 323 -3.92 -22.95 10.07
CA GLU D 323 -4.18 -21.51 10.17
C GLU D 323 -5.68 -21.17 10.36
N ALA D 324 -6.58 -22.18 10.24
CA ALA D 324 -8.02 -21.99 10.46
C ALA D 324 -8.33 -21.79 11.98
N PHE D 325 -7.36 -22.09 12.87
CA PHE D 325 -7.50 -21.94 14.33
C PHE D 325 -6.71 -20.75 14.90
N GLU D 326 -6.02 -20.00 14.05
CA GLU D 326 -5.25 -18.83 14.48
C GLU D 326 -6.23 -17.71 14.87
N GLY D 327 -6.14 -17.29 16.12
CA GLY D 327 -6.99 -16.25 16.70
C GLY D 327 -8.33 -16.74 17.20
N VAL D 328 -8.65 -18.03 16.93
CA VAL D 328 -9.89 -18.66 17.34
C VAL D 328 -9.83 -18.97 18.84
N ARG D 329 -10.87 -18.59 19.59
CA ARG D 329 -11.00 -18.76 21.04
C ARG D 329 -11.61 -20.10 21.38
N TYR D 330 -12.66 -20.49 20.63
CA TYR D 330 -13.36 -21.75 20.82
C TYR D 330 -13.49 -22.56 19.52
N ALA D 331 -13.24 -23.88 19.61
CA ALA D 331 -13.47 -24.82 18.51
C ALA D 331 -14.33 -25.93 19.10
N ILE D 332 -15.53 -26.09 18.59
CA ILE D 332 -16.48 -27.06 19.10
C ILE D 332 -16.82 -28.11 18.07
N THR D 333 -16.48 -29.37 18.40
CA THR D 333 -16.80 -30.57 17.62
C THR D 333 -18.17 -31.09 17.99
N GLY D 334 -18.79 -31.75 17.06
CA GLY D 334 -20.13 -32.30 17.24
C GLY D 334 -20.33 -33.49 16.36
N GLY D 335 -21.45 -34.17 16.62
CA GLY D 335 -21.90 -35.35 15.90
C GLY D 335 -21.00 -36.54 16.17
N GLU D 336 -20.42 -37.07 15.10
CA GLU D 336 -19.55 -38.24 15.05
C GLU D 336 -18.45 -38.36 16.15
N PRO D 337 -17.95 -39.60 16.43
CA PRO D 337 -16.90 -39.76 17.46
C PRO D 337 -15.59 -39.04 17.11
N ALA D 338 -15.10 -38.24 18.08
CA ALA D 338 -13.89 -37.42 18.00
C ALA D 338 -12.59 -38.21 17.92
N SER D 339 -11.56 -37.61 17.29
CA SER D 339 -10.24 -38.19 17.22
C SER D 339 -9.41 -37.45 18.28
N VAL D 340 -9.24 -38.10 19.46
CA VAL D 340 -8.47 -37.60 20.62
C VAL D 340 -7.03 -37.19 20.18
N PRO D 341 -6.33 -37.93 19.27
CA PRO D 341 -5.01 -37.46 18.81
C PRO D 341 -5.04 -36.09 18.09
N HIS D 342 -6.11 -35.83 17.34
CA HIS D 342 -6.30 -34.56 16.64
C HIS D 342 -6.66 -33.47 17.62
N VAL D 343 -7.42 -33.80 18.70
CA VAL D 343 -7.80 -32.85 19.75
C VAL D 343 -6.54 -32.45 20.53
N ALA D 344 -5.66 -33.44 20.81
CA ALA D 344 -4.37 -33.25 21.47
C ALA D 344 -3.44 -32.39 20.58
N LYS D 345 -3.45 -32.64 19.24
CA LYS D 345 -2.61 -31.91 18.26
C LYS D 345 -3.03 -30.44 18.19
N ALA D 346 -4.35 -30.15 18.23
CA ALA D 346 -4.91 -28.81 18.21
C ALA D 346 -4.46 -28.02 19.46
N ARG D 347 -4.45 -28.68 20.66
CA ARG D 347 -4.00 -28.07 21.92
C ARG D 347 -2.52 -27.69 21.91
N ARG D 348 -1.66 -28.55 21.29
CA ARG D 348 -0.23 -28.34 21.13
C ARG D 348 0.05 -27.18 20.16
N ASP D 349 -0.60 -27.21 18.97
CA ASP D 349 -0.41 -26.21 17.93
C ASP D 349 -1.04 -24.86 18.25
N HIS D 350 -2.15 -24.87 18.98
CA HIS D 350 -2.93 -23.67 19.30
C HIS D 350 -3.20 -23.61 20.81
N PRO D 351 -2.19 -23.12 21.59
CA PRO D 351 -2.33 -23.10 23.06
C PRO D 351 -3.42 -22.19 23.65
N ALA D 352 -3.86 -21.17 22.89
CA ALA D 352 -4.93 -20.25 23.28
C ALA D 352 -6.34 -20.83 22.99
N LEU D 353 -6.41 -21.86 22.16
CA LEU D 353 -7.67 -22.49 21.75
C LEU D 353 -8.35 -23.32 22.84
N ARG D 354 -9.59 -22.95 23.14
CA ARG D 354 -10.46 -23.71 24.05
C ARG D 354 -11.25 -24.69 23.17
N LEU D 355 -11.28 -25.94 23.59
CA LEU D 355 -11.93 -27.00 22.83
C LEU D 355 -13.16 -27.56 23.52
N GLY D 356 -14.20 -27.80 22.74
CA GLY D 356 -15.45 -28.34 23.24
C GLY D 356 -16.06 -29.42 22.38
N ASN D 357 -16.83 -30.26 23.03
CA ASN D 357 -17.53 -31.37 22.40
C ASN D 357 -19.02 -31.31 22.76
N GLY D 358 -19.83 -30.97 21.78
CA GLY D 358 -21.27 -30.86 21.93
C GLY D 358 -22.03 -32.05 21.41
N TYR D 359 -23.15 -32.41 22.06
CA TYR D 359 -23.99 -33.54 21.68
C TYR D 359 -25.47 -33.19 21.76
N GLY D 360 -26.25 -33.81 20.88
CA GLY D 360 -27.70 -33.71 20.96
C GLY D 360 -28.44 -33.89 19.65
N PRO D 361 -29.65 -34.49 19.68
CA PRO D 361 -30.45 -34.58 18.45
C PRO D 361 -31.11 -33.21 18.11
N ALA D 362 -31.58 -32.99 16.84
CA ALA D 362 -32.23 -31.72 16.44
C ALA D 362 -33.55 -31.51 17.21
N GLU D 363 -34.15 -32.65 17.65
CA GLU D 363 -35.38 -32.71 18.46
C GLU D 363 -35.21 -32.03 19.82
N SER D 364 -33.95 -31.75 20.24
CA SER D 364 -33.65 -31.08 21.50
C SER D 364 -32.84 -29.78 21.31
N MET D 365 -32.73 -29.33 20.03
CA MET D 365 -32.09 -28.10 19.57
C MET D 365 -30.60 -27.92 19.86
N GLY D 366 -29.78 -27.96 18.79
CA GLY D 366 -28.34 -27.81 18.89
C GLY D 366 -27.77 -28.78 19.90
N PHE D 367 -26.95 -28.27 20.81
CA PHE D 367 -26.38 -29.12 21.85
C PHE D 367 -27.36 -29.26 23.01
N THR D 368 -27.53 -30.48 23.52
CA THR D 368 -28.28 -30.76 24.74
C THR D 368 -27.24 -30.86 25.84
N THR D 369 -26.12 -31.59 25.57
CA THR D 369 -24.98 -31.72 26.48
C THR D 369 -23.74 -31.12 25.82
N HIS D 370 -22.75 -30.73 26.63
CA HIS D 370 -21.48 -30.19 26.14
C HIS D 370 -20.38 -30.55 27.12
N HIS D 371 -19.21 -30.88 26.58
CA HIS D 371 -18.03 -31.17 27.39
C HIS D 371 -16.92 -30.22 27.00
N ALA D 372 -16.42 -29.45 27.98
CA ALA D 372 -15.28 -28.54 27.79
C ALA D 372 -14.06 -29.44 27.94
N VAL D 373 -13.24 -29.53 26.90
CA VAL D 373 -12.04 -30.37 26.93
C VAL D 373 -11.00 -29.85 27.97
N VAL D 374 -10.54 -30.78 28.82
CA VAL D 374 -9.54 -30.57 29.87
C VAL D 374 -8.31 -31.46 29.59
N ALA D 375 -7.15 -31.16 30.21
CA ALA D 375 -5.90 -31.93 30.05
C ALA D 375 -6.10 -33.45 30.23
N GLY D 376 -6.90 -33.83 31.23
CA GLY D 376 -7.21 -35.22 31.54
C GLY D 376 -7.96 -35.99 30.47
N ASP D 377 -8.66 -35.29 29.57
CA ASP D 377 -9.45 -35.92 28.49
C ASP D 377 -8.57 -36.54 27.42
N LEU D 378 -7.37 -35.97 27.22
CA LEU D 378 -6.41 -36.36 26.19
C LEU D 378 -5.82 -37.76 26.40
N SER D 379 -5.93 -38.30 27.63
CA SER D 379 -5.50 -39.65 28.01
C SER D 379 -6.54 -40.71 27.59
N GLY D 380 -7.73 -40.28 27.18
CA GLY D 380 -8.80 -41.18 26.76
C GLY D 380 -8.76 -41.61 25.31
N THR D 381 -9.77 -42.43 24.90
CA THR D 381 -9.97 -43.01 23.56
C THR D 381 -11.04 -42.24 22.80
N ALA D 382 -12.04 -41.72 23.54
CA ALA D 382 -13.15 -40.94 23.01
C ALA D 382 -13.38 -39.70 23.87
N LEU D 383 -14.04 -38.70 23.30
CA LEU D 383 -14.35 -37.48 24.02
C LEU D 383 -15.68 -37.60 24.77
N PRO D 384 -15.73 -37.25 26.08
CA PRO D 384 -16.99 -37.31 26.80
C PRO D 384 -18.03 -36.40 26.15
N ILE D 385 -19.33 -36.72 26.30
CA ILE D 385 -20.38 -35.87 25.76
C ILE D 385 -20.78 -34.75 26.74
N GLY D 386 -20.26 -34.85 27.95
CA GLY D 386 -20.37 -33.83 28.98
C GLY D 386 -21.57 -33.80 29.89
N VAL D 387 -21.96 -32.57 30.22
CA VAL D 387 -23.05 -32.22 31.13
C VAL D 387 -24.14 -31.45 30.37
N PRO D 388 -25.45 -31.53 30.77
CA PRO D 388 -26.48 -30.80 30.01
C PRO D 388 -26.28 -29.29 30.02
N LEU D 389 -26.85 -28.59 29.03
CA LEU D 389 -26.83 -27.14 28.99
C LEU D 389 -27.78 -26.65 30.10
N ALA D 390 -27.66 -25.38 30.51
CA ALA D 390 -28.57 -24.80 31.49
C ALA D 390 -29.99 -24.86 30.90
N GLY D 391 -30.94 -25.30 31.72
CA GLY D 391 -32.34 -25.42 31.30
C GLY D 391 -32.69 -26.67 30.51
N LYS D 392 -31.69 -27.48 30.21
CA LYS D 392 -31.88 -28.76 29.50
C LYS D 392 -31.49 -29.85 30.47
N ARG D 393 -31.93 -31.04 30.17
CA ARG D 393 -31.56 -32.20 30.97
C ARG D 393 -31.43 -33.46 30.15
N ALA D 394 -30.63 -34.39 30.66
CA ALA D 394 -30.34 -35.66 30.01
C ALA D 394 -30.39 -36.76 31.06
N TYR D 395 -31.12 -37.85 30.77
CA TYR D 395 -31.25 -39.03 31.64
C TYR D 395 -30.71 -40.26 30.94
N VAL D 396 -30.09 -41.17 31.71
CA VAL D 396 -29.61 -42.47 31.23
C VAL D 396 -30.55 -43.49 31.91
N LEU D 397 -31.51 -44.03 31.14
CA LEU D 397 -32.53 -44.93 31.65
C LEU D 397 -32.42 -46.40 31.21
N ASP D 398 -32.94 -47.31 32.05
CA ASP D 398 -32.99 -48.74 31.75
C ASP D 398 -34.31 -49.05 31.00
N ASP D 399 -34.64 -50.34 30.87
CA ASP D 399 -35.87 -50.81 30.22
C ASP D 399 -37.15 -50.46 31.01
N ASP D 400 -37.04 -50.15 32.32
CA ASP D 400 -38.17 -49.78 33.18
C ASP D 400 -38.31 -48.26 33.37
N LEU D 401 -37.53 -47.46 32.60
CA LEU D 401 -37.48 -46.00 32.66
C LEU D 401 -36.95 -45.50 34.00
N LYS D 402 -36.08 -46.31 34.62
CA LYS D 402 -35.43 -46.01 35.88
C LYS D 402 -33.98 -45.60 35.59
N PRO D 403 -33.42 -44.60 36.32
CA PRO D 403 -32.02 -44.21 36.06
C PRO D 403 -31.05 -45.39 36.18
N ALA D 404 -30.18 -45.55 35.17
CA ALA D 404 -29.19 -46.62 35.17
C ALA D 404 -28.22 -46.46 36.36
N ALA D 405 -27.81 -47.59 36.95
CA ALA D 405 -26.82 -47.64 38.04
C ALA D 405 -25.60 -46.81 37.60
N ASN D 406 -24.99 -46.03 38.52
CA ASN D 406 -23.84 -45.20 38.14
C ASN D 406 -22.74 -46.05 37.49
N GLY D 407 -22.39 -45.68 36.27
CA GLY D 407 -21.40 -46.40 35.47
C GLY D 407 -22.03 -47.40 34.51
N ALA D 408 -23.29 -47.80 34.77
CA ALA D 408 -23.99 -48.77 33.94
C ALA D 408 -24.56 -48.15 32.67
N LEU D 409 -24.65 -48.99 31.63
CA LEU D 409 -25.18 -48.66 30.33
C LEU D 409 -26.70 -48.55 30.34
N GLY D 410 -27.22 -47.60 29.57
CA GLY D 410 -28.64 -47.32 29.47
C GLY D 410 -28.92 -46.41 28.30
N GLU D 411 -30.21 -46.19 28.02
CA GLU D 411 -30.60 -45.32 26.92
C GLU D 411 -30.72 -43.88 27.33
N LEU D 412 -30.22 -43.00 26.49
CA LEU D 412 -30.23 -41.56 26.69
C LEU D 412 -31.59 -40.94 26.29
N TYR D 413 -32.17 -40.17 27.22
CA TYR D 413 -33.42 -39.43 27.07
C TYR D 413 -33.12 -37.98 27.36
N VAL D 414 -33.54 -37.09 26.47
CA VAL D 414 -33.27 -35.66 26.63
C VAL D 414 -34.54 -34.86 26.89
N ALA D 415 -34.42 -33.80 27.69
CA ALA D 415 -35.56 -32.98 28.07
C ALA D 415 -35.17 -31.51 28.32
N GLY D 416 -36.17 -30.67 28.59
CA GLY D 416 -35.99 -29.26 28.89
C GLY D 416 -36.34 -28.30 27.79
N ALA D 417 -35.73 -27.13 27.87
CA ALA D 417 -35.93 -25.98 27.01
C ALA D 417 -35.81 -26.18 25.49
N GLY D 418 -34.94 -27.08 25.04
CA GLY D 418 -34.71 -27.27 23.61
C GLY D 418 -35.68 -28.15 22.84
N LEU D 419 -36.60 -28.81 23.53
CA LEU D 419 -37.52 -29.74 22.90
C LEU D 419 -38.44 -29.18 21.82
N ALA D 420 -38.49 -29.87 20.67
CA ALA D 420 -39.35 -29.57 19.53
C ALA D 420 -40.79 -29.92 19.88
N HIS D 421 -41.78 -29.32 19.19
CA HIS D 421 -43.19 -29.68 19.41
C HIS D 421 -43.46 -31.10 18.88
N GLY D 422 -42.65 -31.53 17.92
CA GLY D 422 -42.71 -32.84 17.32
C GLY D 422 -42.36 -32.84 15.85
N TYR D 423 -42.89 -33.84 15.15
CA TYR D 423 -42.64 -33.98 13.73
C TYR D 423 -43.85 -33.51 12.97
N VAL D 424 -43.70 -32.42 12.19
CA VAL D 424 -44.80 -31.84 11.42
C VAL D 424 -45.52 -32.91 10.57
N SER D 425 -46.87 -32.99 10.73
CA SER D 425 -47.78 -33.93 10.05
C SER D 425 -47.57 -35.42 10.43
N ARG D 426 -46.84 -35.68 11.53
CA ARG D 426 -46.55 -37.04 12.00
C ARG D 426 -46.83 -37.16 13.50
N PRO D 427 -48.13 -37.11 13.94
CA PRO D 427 -48.42 -37.21 15.38
C PRO D 427 -48.08 -38.55 16.05
N ALA D 428 -48.15 -39.66 15.28
CA ALA D 428 -47.88 -41.01 15.82
C ALA D 428 -46.42 -41.17 16.11
N LEU D 429 -45.55 -40.76 15.16
CA LEU D 429 -44.10 -40.82 15.35
C LEU D 429 -43.68 -39.89 16.50
N THR D 430 -44.37 -38.74 16.65
CA THR D 430 -44.18 -37.76 17.72
C THR D 430 -44.47 -38.37 19.10
N ALA D 431 -45.64 -39.02 19.29
CA ALA D 431 -46.06 -39.61 20.57
C ALA D 431 -45.23 -40.82 21.00
N GLU D 432 -44.56 -41.43 20.05
CA GLU D 432 -43.70 -42.60 20.14
C GLU D 432 -42.33 -42.21 20.70
N ARG D 433 -41.80 -41.04 20.30
CA ARG D 433 -40.47 -40.56 20.70
C ARG D 433 -40.44 -39.40 21.73
N PHE D 434 -41.42 -38.49 21.70
CA PHE D 434 -41.59 -37.38 22.64
C PHE D 434 -42.64 -37.90 23.61
N VAL D 435 -42.12 -38.57 24.65
CA VAL D 435 -42.89 -39.27 25.65
C VAL D 435 -42.95 -38.51 26.97
N ALA D 436 -43.89 -38.89 27.83
CA ALA D 436 -44.05 -38.35 29.18
C ALA D 436 -42.75 -38.48 30.02
N ASP D 437 -42.43 -37.43 30.83
CA ASP D 437 -41.25 -37.42 31.68
C ASP D 437 -41.64 -37.82 33.10
N PRO D 438 -41.21 -39.01 33.58
CA PRO D 438 -41.60 -39.45 34.93
C PRO D 438 -40.92 -38.72 36.10
N PHE D 439 -39.93 -37.86 35.79
CA PHE D 439 -39.08 -37.12 36.73
C PHE D 439 -39.43 -35.63 36.81
N ALA D 440 -40.42 -35.19 36.01
CA ALA D 440 -40.90 -33.81 35.96
C ALA D 440 -41.99 -33.53 37.04
N GLY D 441 -42.05 -32.25 37.49
CA GLY D 441 -42.96 -31.74 38.51
C GLY D 441 -44.46 -31.89 38.25
N PRO D 442 -45.32 -31.18 39.05
CA PRO D 442 -46.79 -31.31 38.86
C PRO D 442 -47.27 -31.09 37.43
N GLY D 443 -46.60 -30.21 36.69
CA GLY D 443 -46.88 -29.95 35.29
C GLY D 443 -46.30 -31.05 34.42
N GLY D 444 -47.10 -31.52 33.46
CA GLY D 444 -46.70 -32.58 32.54
C GLY D 444 -45.67 -32.13 31.51
N GLU D 445 -44.46 -32.71 31.57
CA GLU D 445 -43.38 -32.41 30.63
C GLU D 445 -43.02 -33.66 29.83
N ARG D 446 -42.33 -33.48 28.70
CA ARG D 446 -41.91 -34.57 27.83
C ARG D 446 -40.40 -34.83 27.89
N MET D 447 -39.99 -36.00 27.39
CA MET D 447 -38.60 -36.39 27.21
C MET D 447 -38.46 -37.06 25.84
N TYR D 448 -37.36 -36.82 25.15
CA TYR D 448 -37.15 -37.39 23.83
C TYR D 448 -36.22 -38.60 23.91
N ARG D 449 -36.67 -39.79 23.42
CA ARG D 449 -35.81 -40.97 23.36
C ARG D 449 -34.87 -40.87 22.18
N THR D 450 -33.57 -40.74 22.48
CA THR D 450 -32.54 -40.52 21.46
C THR D 450 -32.19 -41.75 20.62
N GLY D 451 -32.33 -42.94 21.21
CA GLY D 451 -31.95 -44.19 20.57
C GLY D 451 -30.47 -44.45 20.76
N ASP D 452 -29.80 -43.60 21.56
CA ASP D 452 -28.39 -43.65 21.88
C ASP D 452 -28.18 -44.29 23.24
N LEU D 453 -27.13 -45.10 23.33
CA LEU D 453 -26.74 -45.74 24.56
C LEU D 453 -25.63 -44.87 25.15
N ALA D 454 -25.67 -44.69 26.46
CA ALA D 454 -24.70 -43.87 27.14
C ALA D 454 -24.41 -44.42 28.54
N ARG D 455 -23.44 -43.78 29.18
CA ARG D 455 -22.94 -44.11 30.50
C ARG D 455 -22.73 -42.79 31.26
N ARG D 456 -23.10 -42.76 32.54
CA ARG D 456 -22.83 -41.58 33.34
C ARG D 456 -21.74 -41.97 34.33
N ARG D 457 -20.57 -41.33 34.24
CA ARG D 457 -19.50 -41.64 35.16
C ARG D 457 -19.67 -41.02 36.55
N ALA D 458 -18.91 -41.49 37.56
CA ALA D 458 -18.97 -41.06 38.96
C ALA D 458 -19.04 -39.54 39.20
N ASP D 459 -18.36 -38.75 38.34
CA ASP D 459 -18.35 -37.28 38.41
C ASP D 459 -19.58 -36.64 37.73
N GLY D 460 -20.46 -37.46 37.14
CA GLY D 460 -21.68 -37.00 36.48
C GLY D 460 -21.58 -36.79 34.99
N VAL D 461 -20.32 -36.84 34.47
CA VAL D 461 -19.97 -36.66 33.05
C VAL D 461 -20.56 -37.83 32.22
N LEU D 462 -21.26 -37.48 31.13
CA LEU D 462 -21.85 -38.46 30.23
C LEU D 462 -20.84 -38.90 29.19
N GLU D 463 -20.89 -40.20 28.85
CA GLU D 463 -20.05 -40.82 27.81
C GLU D 463 -20.95 -41.52 26.81
N TYR D 464 -20.78 -41.19 25.51
CA TYR D 464 -21.55 -41.83 24.44
C TYR D 464 -20.96 -43.24 24.21
N VAL D 465 -21.84 -44.26 24.15
CA VAL D 465 -21.43 -45.64 23.91
C VAL D 465 -21.71 -46.03 22.45
N GLY D 466 -22.98 -45.95 22.04
CA GLY D 466 -23.43 -46.24 20.69
C GLY D 466 -24.95 -46.23 20.51
N ARG D 467 -25.43 -46.81 19.41
CA ARG D 467 -26.86 -46.91 19.11
C ARG D 467 -27.46 -48.09 19.85
N ALA D 468 -28.77 -48.03 20.05
CA ALA D 468 -29.56 -49.11 20.67
C ALA D 468 -29.94 -50.21 19.62
N ASP D 469 -29.37 -50.13 18.39
CA ASP D 469 -29.61 -51.08 17.32
C ASP D 469 -28.41 -52.01 17.10
#